data_6NU1
#
_entry.id   6NU1
#
_cell.length_a   81.829
_cell.length_b   155.918
_cell.length_c   94.136
_cell.angle_alpha   90.00
_cell.angle_beta   103.51
_cell.angle_gamma   90.00
#
_symmetry.space_group_name_H-M   'P 1 21 1'
#
loop_
_entity.id
_entity.type
_entity.pdbx_description
1 polymer 'Pyruvate kinase PKM'
2 non-polymer CYSTEINE
3 non-polymer 1,6-di-O-phosphono-beta-D-fructofuranose
4 non-polymer 'MAGNESIUM ION'
5 non-polymer 'OXALATE ION'
6 non-polymer 'POTASSIUM ION'
7 water water
#
_entity_poly.entity_id   1
_entity_poly.type   'polypeptide(L)'
_entity_poly.pdbx_seq_one_letter_code
;MGSSHHHHHHSSGLVPRGSHMSKPHSEAGTAFIQTQQLHAAMADTFLEHMCRLDIDSPPITARNTGIICTIGPASRSVET
LKEMIKSGMNVARLNFSHGTHEYHAETIKNVRTATESFASDPILYRPVAVALDTKGPEIRTGLIKGSGTAEVELKKGATL
KITLDNAYMEKCDENILWLDYKNICKVVEVGSKIYVDDGLISLQVKQKGADFLVTEVENGGSLGSKKGVNLPGAAVDLPA
VSEKDIQDLKFGVEQDVDMVFASFIRKASDVHEVRKVLGEKGKNIKIISKIENHEGVRRFDEILEASDGIMVARGDLGIE
IPAEKVFLAQKMMIGRCNRAGKPVICATQMLESMIKKPRPTRAEGSDVANAVLDGADCIMLSGETAKGDYPLEAVRMQHL
IAREAEAAIYHLQLFEELRRLAPITSDPTEATAVGAVEASFKCCSGAIIVLTKSGRSAHQVARYRPRAPIIAVTRNPQTA
RQAHLYRGIFPVLCKDPVQEAWAEDVDLRVNFAMNVGKARGFFKKGDVVIVLTGWRPGSGFTNTMRVVPVP
;
_entity_poly.pdbx_strand_id   A,B,C,D
#
loop_
_chem_comp.id
_chem_comp.type
_chem_comp.name
_chem_comp.formula
FBP D-saccharide, beta linking 1,6-di-O-phosphono-beta-D-fructofuranose 'C6 H14 O12 P2'
K non-polymer 'POTASSIUM ION' 'K 1'
MG non-polymer 'MAGNESIUM ION' 'Mg 2'
OXL non-polymer 'OXALATE ION' 'C2 O4 -2'
#
# COMPACT_ATOMS: atom_id res chain seq x y z
N GLN A 34 -60.41 -10.10 -23.12
CA GLN A 34 -60.40 -11.55 -22.93
C GLN A 34 -58.99 -12.12 -23.08
N THR A 35 -57.98 -11.28 -22.84
CA THR A 35 -56.59 -11.72 -22.88
C THR A 35 -55.79 -10.93 -21.84
N GLN A 36 -54.86 -11.62 -21.18
CA GLN A 36 -53.92 -11.02 -20.21
C GLN A 36 -54.64 -10.28 -19.10
N GLN A 37 -55.83 -10.78 -18.70
CA GLN A 37 -56.65 -10.15 -17.66
C GLN A 37 -56.93 -8.69 -17.98
N LEU A 38 -57.14 -8.39 -19.27
CA LEU A 38 -57.38 -7.01 -19.68
C LEU A 38 -58.71 -6.49 -19.15
N HIS A 39 -59.73 -7.36 -19.04
CA HIS A 39 -61.00 -6.94 -18.48
C HIS A 39 -60.82 -6.50 -17.03
N ALA A 40 -60.11 -7.30 -16.23
CA ALA A 40 -59.82 -6.91 -14.85
C ALA A 40 -58.94 -5.67 -14.77
N ALA A 41 -58.11 -5.44 -15.80
CA ALA A 41 -57.23 -4.27 -15.80
C ALA A 41 -57.98 -2.96 -15.92
N MET A 42 -59.19 -2.98 -16.47
CA MET A 42 -59.99 -1.78 -16.66
C MET A 42 -60.93 -1.51 -15.49
N ALA A 43 -60.86 -2.30 -14.42
CA ALA A 43 -61.75 -2.08 -13.29
C ALA A 43 -61.38 -0.78 -12.57
N ASP A 44 -62.40 -0.13 -12.01
CA ASP A 44 -62.22 1.14 -11.32
C ASP A 44 -62.00 0.98 -9.81
N THR A 45 -62.15 -0.22 -9.27
CA THR A 45 -61.83 -0.51 -7.87
C THR A 45 -61.00 -1.78 -7.82
N PHE A 46 -60.29 -1.95 -6.71
CA PHE A 46 -59.54 -3.18 -6.52
C PHE A 46 -60.49 -4.37 -6.36
N LEU A 47 -61.59 -4.18 -5.64
CA LEU A 47 -62.56 -5.27 -5.46
C LEU A 47 -63.10 -5.76 -6.79
N GLU A 48 -63.53 -4.83 -7.66
CA GLU A 48 -64.01 -5.23 -8.98
C GLU A 48 -62.90 -5.83 -9.84
N HIS A 49 -61.65 -5.40 -9.62
CA HIS A 49 -60.53 -6.04 -10.31
C HIS A 49 -60.44 -7.52 -9.93
N MET A 50 -60.54 -7.82 -8.63
CA MET A 50 -60.57 -9.22 -8.19
C MET A 50 -61.74 -9.97 -8.81
N CYS A 51 -62.94 -9.35 -8.80
CA CYS A 51 -64.14 -10.00 -9.32
C CYS A 51 -64.03 -10.35 -10.80
N ARG A 52 -63.18 -9.64 -11.56
CA ARG A 52 -63.08 -9.86 -13.00
C ARG A 52 -61.97 -10.81 -13.41
N LEU A 53 -61.15 -11.27 -12.48
CA LEU A 53 -60.08 -12.21 -12.83
C LEU A 53 -60.68 -13.45 -13.47
N ASP A 54 -60.05 -13.92 -14.53
CA ASP A 54 -60.62 -14.96 -15.37
C ASP A 54 -59.57 -16.05 -15.60
N ILE A 55 -59.92 -17.30 -15.28
CA ILE A 55 -59.04 -18.41 -15.57
C ILE A 55 -59.03 -18.76 -17.05
N ASP A 56 -60.00 -18.26 -17.81
CA ASP A 56 -60.05 -18.46 -19.26
C ASP A 56 -59.41 -17.32 -20.04
N SER A 57 -58.74 -16.38 -19.35
CA SER A 57 -58.03 -15.28 -19.99
C SER A 57 -56.55 -15.62 -20.03
N PRO A 58 -56.00 -16.06 -21.17
CA PRO A 58 -54.61 -16.54 -21.20
C PRO A 58 -53.63 -15.40 -21.13
N PRO A 59 -52.48 -15.61 -20.47
CA PRO A 59 -51.44 -14.57 -20.43
C PRO A 59 -50.64 -14.51 -21.73
N ILE A 60 -49.84 -13.45 -21.83
CA ILE A 60 -48.89 -13.28 -22.93
C ILE A 60 -47.78 -14.32 -22.78
N THR A 61 -46.83 -14.34 -23.72
CA THR A 61 -45.71 -15.26 -23.62
C THR A 61 -44.60 -14.72 -22.72
N ALA A 62 -44.51 -13.41 -22.55
CA ALA A 62 -43.43 -12.82 -21.75
C ALA A 62 -43.65 -13.06 -20.27
N ARG A 63 -42.64 -13.62 -19.60
CA ARG A 63 -42.63 -13.77 -18.16
C ARG A 63 -41.63 -12.76 -17.59
N ASN A 64 -42.12 -11.88 -16.71
CA ASN A 64 -41.36 -10.72 -16.27
C ASN A 64 -40.54 -10.95 -15.01
N THR A 65 -40.95 -11.88 -14.15
CA THR A 65 -40.30 -12.10 -12.87
C THR A 65 -39.08 -13.01 -13.03
N GLY A 66 -37.97 -12.64 -12.41
CA GLY A 66 -36.76 -13.44 -12.49
C GLY A 66 -36.86 -14.70 -11.64
N ILE A 67 -36.19 -15.76 -12.10
CA ILE A 67 -36.18 -17.05 -11.42
C ILE A 67 -34.75 -17.40 -11.04
N ILE A 68 -34.49 -17.53 -9.74
CA ILE A 68 -33.18 -17.87 -9.20
C ILE A 68 -33.23 -19.30 -8.67
N CYS A 69 -32.32 -20.14 -9.14
CA CYS A 69 -32.27 -21.56 -8.77
C CYS A 69 -30.97 -21.88 -8.04
N THR A 70 -31.09 -22.53 -6.89
CA THR A 70 -29.92 -23.01 -6.17
C THR A 70 -29.40 -24.28 -6.81
N ILE A 71 -28.11 -24.30 -7.15
CA ILE A 71 -27.52 -25.44 -7.82
C ILE A 71 -26.95 -26.38 -6.77
N GLY A 72 -27.20 -27.68 -6.94
CA GLY A 72 -26.72 -28.70 -6.04
C GLY A 72 -26.56 -30.03 -6.74
N PRO A 73 -26.47 -31.11 -5.98
CA PRO A 73 -26.27 -32.43 -6.60
C PRO A 73 -27.38 -32.83 -7.57
N ALA A 74 -28.58 -32.29 -7.45
CA ALA A 74 -29.63 -32.64 -8.41
C ALA A 74 -29.53 -31.87 -9.70
N SER A 75 -28.86 -30.71 -9.70
CA SER A 75 -28.86 -29.82 -10.85
C SER A 75 -27.45 -29.47 -11.34
N ARG A 76 -26.42 -30.15 -10.82
CA ARG A 76 -25.05 -29.74 -11.08
C ARG A 76 -24.57 -30.11 -12.47
N SER A 77 -25.14 -31.13 -13.09
CA SER A 77 -24.61 -31.63 -14.35
C SER A 77 -24.90 -30.66 -15.50
N VAL A 78 -24.04 -30.70 -16.51
CA VAL A 78 -24.17 -29.79 -17.65
C VAL A 78 -25.50 -30.02 -18.37
N GLU A 79 -25.85 -31.30 -18.60
CA GLU A 79 -27.06 -31.60 -19.34
C GLU A 79 -28.32 -31.20 -18.57
N THR A 80 -28.30 -31.33 -17.24
CA THR A 80 -29.42 -30.84 -16.45
C THR A 80 -29.52 -29.32 -16.54
N LEU A 81 -28.39 -28.62 -16.39
CA LEU A 81 -28.40 -27.17 -16.43
C LEU A 81 -28.92 -26.63 -17.75
N LYS A 82 -28.65 -27.32 -18.86
CA LYS A 82 -29.20 -26.90 -20.13
C LYS A 82 -30.73 -26.90 -20.10
N GLU A 83 -31.32 -27.91 -19.47
CA GLU A 83 -32.78 -27.99 -19.41
C GLU A 83 -33.36 -26.94 -18.45
N MET A 84 -32.67 -26.68 -17.34
CA MET A 84 -33.13 -25.64 -16.43
C MET A 84 -33.11 -24.27 -17.10
N ILE A 85 -32.10 -23.99 -17.92
CA ILE A 85 -32.06 -22.75 -18.68
C ILE A 85 -33.25 -22.69 -19.64
N LYS A 86 -33.49 -23.79 -20.37
CA LYS A 86 -34.62 -23.82 -21.28
C LYS A 86 -35.94 -23.75 -20.54
N SER A 87 -35.99 -24.13 -19.28
CA SER A 87 -37.22 -24.06 -18.51
C SER A 87 -37.42 -22.72 -17.83
N GLY A 88 -36.39 -21.88 -17.74
CA GLY A 88 -36.60 -20.52 -17.27
C GLY A 88 -35.65 -19.98 -16.21
N MET A 89 -34.66 -20.78 -15.81
CA MET A 89 -33.69 -20.30 -14.84
C MET A 89 -32.90 -19.13 -15.42
N ASN A 90 -32.85 -18.02 -14.67
CA ASN A 90 -32.06 -16.86 -15.05
C ASN A 90 -30.80 -16.68 -14.22
N VAL A 91 -30.79 -17.13 -12.98
CA VAL A 91 -29.66 -16.96 -12.07
C VAL A 91 -29.36 -18.31 -11.42
N ALA A 92 -28.09 -18.68 -11.38
CA ALA A 92 -27.65 -19.87 -10.67
C ALA A 92 -27.07 -19.43 -9.33
N ARG A 93 -27.64 -19.95 -8.24
CA ARG A 93 -27.21 -19.59 -6.91
C ARG A 93 -26.26 -20.66 -6.36
N LEU A 94 -25.13 -20.23 -5.81
CA LEU A 94 -24.16 -21.10 -5.16
C LEU A 94 -24.19 -20.84 -3.66
N ASN A 95 -24.49 -21.87 -2.89
CA ASN A 95 -24.61 -21.75 -1.44
C ASN A 95 -23.28 -22.14 -0.80
N PHE A 96 -22.57 -21.15 -0.25
CA PHE A 96 -21.25 -21.36 0.32
C PHE A 96 -21.31 -21.70 1.81
N SER A 97 -22.46 -22.16 2.30
CA SER A 97 -22.49 -22.77 3.62
C SER A 97 -21.90 -24.17 3.62
N HIS A 98 -21.85 -24.81 2.45
CA HIS A 98 -21.28 -26.14 2.29
C HIS A 98 -20.48 -26.17 0.99
N GLY A 99 -19.60 -27.16 0.88
CA GLY A 99 -18.79 -27.32 -0.30
C GLY A 99 -17.45 -26.62 -0.21
N THR A 100 -16.57 -26.98 -1.13
CA THR A 100 -15.22 -26.42 -1.21
C THR A 100 -15.10 -25.52 -2.43
N HIS A 101 -14.06 -24.70 -2.42
CA HIS A 101 -13.79 -23.83 -3.57
C HIS A 101 -13.66 -24.63 -4.86
N GLU A 102 -13.02 -25.81 -4.78
CA GLU A 102 -12.89 -26.64 -5.98
C GLU A 102 -14.24 -27.15 -6.43
N TYR A 103 -15.10 -27.52 -5.48
CA TYR A 103 -16.46 -27.95 -5.83
C TYR A 103 -17.22 -26.83 -6.54
N HIS A 104 -17.31 -25.66 -5.89
CA HIS A 104 -18.08 -24.56 -6.48
C HIS A 104 -17.48 -24.08 -7.79
N ALA A 105 -16.16 -24.22 -7.97
CA ALA A 105 -15.55 -23.81 -9.23
C ALA A 105 -16.02 -24.68 -10.38
N GLU A 106 -16.14 -25.99 -10.16
CA GLU A 106 -16.65 -26.87 -11.21
C GLU A 106 -18.13 -26.58 -11.50
N THR A 107 -18.90 -26.26 -10.46
CA THR A 107 -20.28 -25.81 -10.66
C THR A 107 -20.34 -24.62 -11.60
N ILE A 108 -19.51 -23.61 -11.34
CA ILE A 108 -19.48 -22.42 -12.19
C ILE A 108 -19.10 -22.79 -13.62
N LYS A 109 -18.11 -23.68 -13.78
CA LYS A 109 -17.71 -24.09 -15.12
C LYS A 109 -18.84 -24.82 -15.82
N ASN A 110 -19.62 -25.62 -15.10
CA ASN A 110 -20.73 -26.33 -15.73
C ASN A 110 -21.83 -25.38 -16.14
N VAL A 111 -22.15 -24.40 -15.29
CA VAL A 111 -23.15 -23.40 -15.65
C VAL A 111 -22.73 -22.66 -16.92
N ARG A 112 -21.48 -22.19 -16.96
CA ARG A 112 -21.03 -21.46 -18.14
C ARG A 112 -20.94 -22.35 -19.36
N THR A 113 -20.59 -23.63 -19.17
CA THR A 113 -20.65 -24.58 -20.28
C THR A 113 -22.08 -24.71 -20.79
N ALA A 114 -23.04 -24.87 -19.87
CA ALA A 114 -24.44 -24.97 -20.29
C ALA A 114 -24.91 -23.68 -20.95
N THR A 115 -24.57 -22.54 -20.38
CA THR A 115 -25.05 -21.25 -20.91
C THR A 115 -24.53 -21.03 -22.32
N GLU A 116 -23.24 -21.23 -22.54
CA GLU A 116 -22.65 -20.91 -23.84
C GLU A 116 -22.99 -21.93 -24.91
N SER A 117 -23.62 -23.05 -24.57
CA SER A 117 -24.03 -24.00 -25.59
C SER A 117 -25.12 -23.44 -26.48
N PHE A 118 -25.81 -22.39 -26.04
CA PHE A 118 -26.86 -21.74 -26.81
C PHE A 118 -26.37 -20.51 -27.57
N ALA A 119 -25.10 -20.13 -27.41
CA ALA A 119 -24.59 -18.88 -27.94
C ALA A 119 -24.47 -18.86 -29.46
N SER A 120 -24.69 -19.99 -30.14
CA SER A 120 -24.58 -20.02 -31.59
C SER A 120 -25.60 -19.10 -32.26
N ASP A 121 -26.74 -18.87 -31.61
CA ASP A 121 -27.76 -17.96 -32.11
C ASP A 121 -27.88 -16.79 -31.14
N PRO A 122 -27.33 -15.62 -31.45
CA PRO A 122 -27.46 -14.48 -30.54
C PRO A 122 -28.90 -14.02 -30.36
N ILE A 123 -29.77 -14.35 -31.31
CA ILE A 123 -31.17 -13.93 -31.22
C ILE A 123 -31.87 -14.61 -30.06
N LEU A 124 -31.57 -15.90 -29.84
CA LEU A 124 -32.26 -16.69 -28.82
C LEU A 124 -31.45 -16.88 -27.56
N TYR A 125 -30.19 -16.44 -27.53
CA TYR A 125 -29.32 -16.67 -26.39
C TYR A 125 -29.87 -15.97 -25.14
N ARG A 126 -29.87 -16.70 -24.03
CA ARG A 126 -30.29 -16.15 -22.76
C ARG A 126 -29.08 -16.04 -21.84
N PRO A 127 -28.72 -14.84 -21.37
CA PRO A 127 -27.67 -14.75 -20.35
C PRO A 127 -28.10 -15.45 -19.07
N VAL A 128 -27.12 -15.93 -18.33
CA VAL A 128 -27.34 -16.60 -17.06
C VAL A 128 -26.34 -16.06 -16.06
N ALA A 129 -26.83 -15.57 -14.93
CA ALA A 129 -25.95 -14.99 -13.92
C ALA A 129 -25.53 -16.04 -12.90
N VAL A 130 -24.45 -15.74 -12.20
CA VAL A 130 -23.93 -16.57 -11.12
C VAL A 130 -23.93 -15.75 -9.85
N ALA A 131 -24.56 -16.27 -8.80
CA ALA A 131 -24.65 -15.60 -7.51
C ALA A 131 -23.92 -16.42 -6.45
N LEU A 132 -23.15 -15.72 -5.62
CA LEU A 132 -22.49 -16.32 -4.48
C LEU A 132 -23.28 -16.00 -3.23
N ASP A 133 -23.65 -17.03 -2.48
CA ASP A 133 -24.37 -16.91 -1.23
C ASP A 133 -23.42 -17.26 -0.09
N THR A 134 -23.18 -16.30 0.81
CA THR A 134 -22.19 -16.48 1.86
C THR A 134 -22.72 -17.34 2.98
N LYS A 135 -21.80 -17.99 3.70
CA LYS A 135 -22.18 -18.72 4.91
C LYS A 135 -22.63 -17.75 6.00
N GLY A 136 -21.78 -16.78 6.33
CA GLY A 136 -22.14 -15.75 7.28
C GLY A 136 -22.03 -16.20 8.73
N PRO A 137 -22.58 -15.38 9.63
CA PRO A 137 -22.46 -15.67 11.07
C PRO A 137 -23.32 -16.84 11.50
N GLU A 138 -22.80 -18.06 11.31
CA GLU A 138 -23.56 -19.26 11.62
C GLU A 138 -23.16 -19.83 12.98
N ILE A 139 -24.12 -20.49 13.63
CA ILE A 139 -23.88 -21.24 14.86
C ILE A 139 -24.41 -22.65 14.61
N ARG A 140 -23.50 -23.62 14.54
CA ARG A 140 -23.86 -25.00 14.25
C ARG A 140 -23.41 -25.91 15.38
N THR A 141 -24.08 -27.05 15.51
CA THR A 141 -23.71 -28.06 16.49
C THR A 141 -22.68 -29.02 15.91
N GLU A 151 -28.03 -39.09 15.32
CA GLU A 151 -29.34 -38.58 15.65
C GLU A 151 -29.90 -39.24 16.91
N VAL A 152 -30.20 -38.44 17.92
CA VAL A 152 -30.78 -38.93 19.17
C VAL A 152 -32.18 -38.34 19.32
N GLU A 153 -32.89 -38.76 20.37
CA GLU A 153 -34.23 -38.29 20.64
C GLU A 153 -34.21 -37.28 21.79
N LEU A 154 -35.28 -36.48 21.88
CA LEU A 154 -35.39 -35.43 22.88
C LEU A 154 -36.85 -35.28 23.29
N LYS A 155 -37.09 -35.23 24.59
CA LYS A 155 -38.42 -35.04 25.15
C LYS A 155 -38.44 -33.77 26.01
N LYS A 156 -39.61 -33.14 26.05
CA LYS A 156 -39.77 -31.88 26.78
C LYS A 156 -39.50 -32.04 28.28
N LYS A 161 -28.02 -29.09 28.67
CA LYS A 161 -26.61 -28.88 29.00
C LYS A 161 -25.80 -28.52 27.76
N ILE A 162 -25.55 -27.23 27.56
CA ILE A 162 -24.80 -26.75 26.41
C ILE A 162 -23.37 -26.47 26.85
N THR A 163 -22.41 -26.98 26.08
CA THR A 163 -20.98 -26.86 26.39
C THR A 163 -20.27 -26.21 25.21
N LEU A 164 -19.75 -25.00 25.42
CA LEU A 164 -19.02 -24.29 24.37
C LEU A 164 -17.52 -24.40 24.58
N CYS A 172 -21.55 -35.21 22.25
CA CYS A 172 -22.44 -35.25 21.09
C CYS A 172 -23.56 -36.26 21.31
N ASP A 173 -24.21 -36.16 22.46
CA ASP A 173 -25.30 -37.06 22.83
C ASP A 173 -26.47 -36.23 23.35
N GLU A 174 -27.56 -36.92 23.70
CA GLU A 174 -28.77 -36.27 24.16
C GLU A 174 -28.69 -35.79 25.61
N ASN A 175 -27.49 -35.71 26.19
CA ASN A 175 -27.28 -35.20 27.52
C ASN A 175 -26.43 -33.94 27.57
N ILE A 176 -25.55 -33.75 26.59
CA ILE A 176 -24.73 -32.54 26.50
C ILE A 176 -24.46 -32.26 25.03
N LEU A 177 -24.71 -31.02 24.61
CA LEU A 177 -24.51 -30.60 23.23
C LEU A 177 -23.42 -29.54 23.17
N TRP A 178 -22.65 -29.56 22.08
CA TRP A 178 -21.57 -28.62 21.84
C TRP A 178 -22.00 -27.61 20.79
N LEU A 179 -21.77 -26.33 21.06
CA LEU A 179 -22.02 -25.26 20.10
C LEU A 179 -20.83 -24.31 20.10
N ASP A 180 -20.57 -23.72 18.93
CA ASP A 180 -19.42 -22.84 18.72
C ASP A 180 -19.90 -21.39 18.78
N TYR A 181 -19.93 -20.84 19.99
CA TYR A 181 -20.37 -19.46 20.18
C TYR A 181 -19.89 -18.97 21.55
N LYS A 182 -20.66 -18.08 22.16
CA LYS A 182 -20.35 -17.58 23.50
C LYS A 182 -21.67 -17.28 24.22
N ASN A 183 -21.61 -16.42 25.24
CA ASN A 183 -22.69 -16.20 26.20
C ASN A 183 -24.05 -15.90 25.58
N ILE A 184 -24.44 -14.63 25.56
CA ILE A 184 -25.76 -14.25 25.07
C ILE A 184 -25.80 -12.77 24.72
N SER A 192 -35.08 -16.79 28.08
CA SER A 192 -34.60 -16.81 26.71
C SER A 192 -34.76 -18.20 26.09
N LYS A 193 -34.91 -18.25 24.77
CA LYS A 193 -35.11 -19.50 24.05
C LYS A 193 -34.03 -19.69 23.00
N ILE A 194 -33.78 -20.94 22.66
CA ILE A 194 -32.80 -21.32 21.65
C ILE A 194 -33.44 -22.36 20.73
N TYR A 195 -33.22 -22.20 19.43
CA TYR A 195 -33.80 -23.07 18.42
C TYR A 195 -32.71 -23.80 17.67
N VAL A 196 -32.89 -25.10 17.48
CA VAL A 196 -31.94 -25.96 16.80
C VAL A 196 -32.63 -26.65 15.64
N ASP A 197 -31.87 -26.88 14.55
CA ASP A 197 -32.34 -27.62 13.40
C ASP A 197 -33.55 -26.95 12.75
N ASP A 198 -33.31 -25.86 12.02
CA ASP A 198 -34.36 -25.12 11.33
C ASP A 198 -35.49 -24.71 12.27
N GLY A 199 -35.14 -24.46 13.54
CA GLY A 199 -36.12 -24.06 14.53
C GLY A 199 -37.09 -25.13 14.97
N LEU A 200 -36.88 -26.38 14.55
CA LEU A 200 -37.80 -27.45 14.93
C LEU A 200 -37.70 -27.75 16.43
N ILE A 201 -36.49 -27.81 16.95
CA ILE A 201 -36.28 -28.03 18.38
C ILE A 201 -36.14 -26.68 19.06
N SER A 202 -36.80 -26.53 20.21
CA SER A 202 -36.76 -25.30 20.98
C SER A 202 -36.29 -25.61 22.41
N LEU A 203 -35.54 -24.68 22.98
CA LEU A 203 -35.05 -24.83 24.35
C LEU A 203 -35.46 -23.65 25.22
N GLU A 218 -37.84 -28.39 25.64
CA GLU A 218 -38.99 -27.48 25.60
C GLU A 218 -39.91 -27.81 24.43
N ASN A 219 -39.34 -28.37 23.37
CA ASN A 219 -40.11 -28.76 22.19
C ASN A 219 -39.97 -30.25 21.93
N GLY A 220 -38.79 -30.74 21.55
CA GLY A 220 -38.56 -32.12 21.23
C GLY A 220 -38.18 -32.31 19.78
N GLY A 221 -37.88 -33.56 19.44
CA GLY A 221 -37.48 -33.88 18.08
C GLY A 221 -36.28 -34.80 17.99
N SER A 222 -35.90 -35.20 16.79
CA SER A 222 -34.75 -36.07 16.58
C SER A 222 -33.54 -35.20 16.21
N LEU A 223 -32.86 -34.70 17.23
CA LEU A 223 -31.69 -33.86 17.01
C LEU A 223 -30.57 -34.69 16.41
N GLY A 224 -29.92 -34.15 15.39
CA GLY A 224 -28.82 -34.83 14.74
C GLY A 224 -27.80 -33.88 14.13
N LYS A 226 -24.72 -31.73 13.39
CA LYS A 226 -24.22 -30.49 12.80
C LYS A 226 -25.36 -29.58 12.35
N LYS A 227 -26.38 -29.45 13.18
CA LYS A 227 -27.58 -28.69 12.84
C LYS A 227 -27.43 -27.22 13.26
N GLY A 228 -28.19 -26.36 12.58
CA GLY A 228 -28.09 -24.94 12.83
C GLY A 228 -28.82 -24.51 14.10
N VAL A 229 -28.33 -23.42 14.68
CA VAL A 229 -28.87 -22.87 15.92
C VAL A 229 -29.24 -21.41 15.69
N ASN A 230 -30.39 -21.00 16.21
CA ASN A 230 -30.85 -19.61 16.17
C ASN A 230 -31.06 -19.08 17.58
N LEU A 231 -30.71 -17.81 17.79
CA LEU A 231 -30.88 -17.14 19.08
C LEU A 231 -31.67 -15.87 18.84
N PRO A 232 -33.00 -15.97 18.82
CA PRO A 232 -33.82 -14.82 18.39
C PRO A 232 -33.79 -13.68 19.39
N GLY A 233 -33.85 -12.47 18.85
CA GLY A 233 -33.86 -11.26 19.65
C GLY A 233 -32.48 -10.85 20.13
N ALA A 234 -31.59 -11.84 20.27
CA ALA A 234 -30.29 -11.62 20.87
C ALA A 234 -29.40 -10.78 19.95
N ALA A 235 -28.21 -10.44 20.45
CA ALA A 235 -27.19 -9.72 19.70
C ALA A 235 -25.93 -10.58 19.70
N VAL A 236 -25.66 -11.23 18.57
CA VAL A 236 -24.51 -12.12 18.46
C VAL A 236 -23.26 -11.29 18.23
N ASP A 237 -22.16 -11.67 18.89
CA ASP A 237 -20.88 -11.00 18.75
C ASP A 237 -20.10 -11.46 17.52
N LEU A 238 -20.74 -12.17 16.60
CA LEU A 238 -20.05 -12.65 15.42
C LEU A 238 -19.83 -11.49 14.44
N PRO A 239 -18.68 -11.43 13.79
CA PRO A 239 -18.40 -10.31 12.88
C PRO A 239 -19.28 -10.38 11.63
N ALA A 240 -19.44 -9.22 11.00
CA ALA A 240 -20.20 -9.15 9.76
C ALA A 240 -19.66 -10.14 8.73
N VAL A 241 -18.37 -10.03 8.43
CA VAL A 241 -17.67 -10.98 7.56
C VAL A 241 -16.76 -11.82 8.42
N SER A 242 -16.69 -13.12 8.11
CA SER A 242 -15.77 -14.01 8.80
C SER A 242 -14.58 -14.31 7.91
N GLU A 243 -13.54 -14.87 8.51
CA GLU A 243 -12.35 -15.22 7.75
C GLU A 243 -12.69 -16.15 6.60
N LYS A 244 -13.65 -17.06 6.80
CA LYS A 244 -14.10 -17.91 5.70
C LYS A 244 -14.83 -17.10 4.64
N ASP A 245 -15.69 -16.17 5.06
CA ASP A 245 -16.42 -15.36 4.09
C ASP A 245 -15.47 -14.48 3.30
N ILE A 246 -14.44 -13.93 3.95
CA ILE A 246 -13.44 -13.14 3.22
C ILE A 246 -12.80 -13.98 2.13
N GLN A 247 -12.46 -15.23 2.46
CA GLN A 247 -11.89 -16.12 1.45
C GLN A 247 -12.89 -16.41 0.34
N ASP A 248 -14.16 -16.62 0.70
CA ASP A 248 -15.17 -16.92 -0.31
C ASP A 248 -15.46 -15.70 -1.19
N LEU A 249 -15.54 -14.52 -0.58
CA LEU A 249 -15.74 -13.30 -1.37
C LEU A 249 -14.59 -13.08 -2.33
N LYS A 250 -13.35 -13.27 -1.87
CA LYS A 250 -12.20 -13.16 -2.76
C LYS A 250 -12.22 -14.24 -3.83
N PHE A 251 -12.81 -15.39 -3.53
CA PHE A 251 -12.97 -16.43 -4.54
C PHE A 251 -13.99 -16.00 -5.59
N GLY A 252 -15.13 -15.46 -5.15
CA GLY A 252 -16.11 -14.95 -6.11
C GLY A 252 -15.54 -13.89 -7.02
N VAL A 253 -14.68 -13.02 -6.49
CA VAL A 253 -14.01 -12.02 -7.32
C VAL A 253 -13.17 -12.71 -8.39
N GLU A 254 -12.37 -13.70 -7.99
CA GLU A 254 -11.55 -14.42 -8.97
C GLU A 254 -12.41 -15.17 -9.98
N GLN A 255 -13.57 -15.67 -9.56
CA GLN A 255 -14.45 -16.45 -10.43
C GLN A 255 -15.41 -15.58 -11.25
N ASP A 256 -15.39 -14.26 -11.06
CA ASP A 256 -16.16 -13.33 -11.88
C ASP A 256 -17.67 -13.55 -11.73
N VAL A 257 -18.11 -13.66 -10.47
CA VAL A 257 -19.55 -13.79 -10.20
C VAL A 257 -20.23 -12.44 -10.41
N ASP A 258 -21.54 -12.50 -10.64
CA ASP A 258 -22.31 -11.29 -10.95
C ASP A 258 -22.91 -10.63 -9.73
N MET A 259 -23.10 -11.34 -8.64
CA MET A 259 -23.75 -10.75 -7.47
C MET A 259 -23.44 -11.59 -6.25
N VAL A 260 -23.58 -10.96 -5.08
CA VAL A 260 -23.32 -11.60 -3.80
C VAL A 260 -24.58 -11.51 -2.96
N PHE A 261 -25.02 -12.66 -2.42
CA PHE A 261 -26.11 -12.69 -1.45
C PHE A 261 -25.48 -12.74 -0.06
N ALA A 262 -25.42 -11.59 0.60
CA ALA A 262 -24.74 -11.48 1.88
C ALA A 262 -25.65 -11.93 3.01
N SER A 263 -25.26 -12.98 3.73
CA SER A 263 -26.11 -13.56 4.77
C SER A 263 -26.09 -12.74 6.05
N PHE A 264 -27.23 -12.71 6.72
CA PHE A 264 -27.37 -12.14 8.07
C PHE A 264 -26.84 -10.72 8.15
N ILE A 265 -27.32 -9.86 7.26
CA ILE A 265 -26.96 -8.45 7.29
C ILE A 265 -27.77 -7.78 8.38
N ARG A 266 -27.09 -7.23 9.40
CA ARG A 266 -27.76 -6.62 10.53
C ARG A 266 -27.76 -5.10 10.50
N LYS A 267 -26.86 -4.47 9.73
CA LYS A 267 -26.75 -3.03 9.74
C LYS A 267 -26.02 -2.57 8.49
N ALA A 268 -26.08 -1.27 8.22
CA ALA A 268 -25.46 -0.73 7.01
C ALA A 268 -23.95 -0.93 7.02
N SER A 269 -23.31 -0.89 8.20
CA SER A 269 -21.88 -1.11 8.27
C SER A 269 -21.49 -2.50 7.78
N ASP A 270 -22.37 -3.49 7.98
CA ASP A 270 -22.07 -4.83 7.48
C ASP A 270 -22.03 -4.86 5.96
N VAL A 271 -22.91 -4.10 5.31
CA VAL A 271 -22.87 -4.02 3.85
C VAL A 271 -21.58 -3.37 3.40
N HIS A 272 -21.11 -2.37 4.15
CA HIS A 272 -19.89 -1.66 3.79
C HIS A 272 -18.67 -2.56 3.95
N GLU A 273 -18.64 -3.38 4.99
CA GLU A 273 -17.53 -4.32 5.16
C GLU A 273 -17.48 -5.32 4.02
N VAL A 274 -18.66 -5.76 3.54
CA VAL A 274 -18.69 -6.65 2.38
C VAL A 274 -18.17 -5.93 1.15
N ARG A 275 -18.70 -4.72 0.88
CA ARG A 275 -18.23 -3.95 -0.27
C ARG A 275 -16.74 -3.70 -0.19
N LYS A 276 -16.21 -3.48 1.01
CA LYS A 276 -14.78 -3.28 1.20
C LYS A 276 -13.98 -4.54 0.85
N VAL A 277 -14.50 -5.71 1.23
CA VAL A 277 -13.78 -6.96 0.94
C VAL A 277 -13.68 -7.20 -0.56
N LEU A 278 -14.75 -6.90 -1.30
CA LEU A 278 -14.72 -7.10 -2.75
C LEU A 278 -13.80 -6.12 -3.45
N GLY A 279 -13.54 -4.97 -2.85
CA GLY A 279 -12.50 -4.05 -3.27
C GLY A 279 -12.70 -3.48 -4.66
N GLU A 280 -11.58 -3.08 -5.29
CA GLU A 280 -11.63 -2.46 -6.60
C GLU A 280 -11.98 -3.47 -7.69
N LYS A 281 -11.42 -4.68 -7.62
CA LYS A 281 -11.68 -5.67 -8.65
C LYS A 281 -13.13 -6.13 -8.63
N GLY A 282 -13.78 -6.11 -7.46
CA GLY A 282 -15.16 -6.54 -7.36
C GLY A 282 -16.14 -5.40 -7.20
N LYS A 283 -15.78 -4.21 -7.70
CA LYS A 283 -16.60 -3.02 -7.46
C LYS A 283 -17.91 -3.07 -8.25
N ASN A 284 -17.94 -3.79 -9.38
CA ASN A 284 -19.15 -3.88 -10.18
C ASN A 284 -20.04 -5.06 -9.77
N ILE A 285 -19.69 -5.78 -8.71
CA ILE A 285 -20.47 -6.91 -8.26
C ILE A 285 -21.62 -6.42 -7.38
N LYS A 286 -22.85 -6.74 -7.77
CA LYS A 286 -24.02 -6.28 -7.04
C LYS A 286 -24.12 -6.99 -5.69
N ILE A 287 -24.40 -6.23 -4.64
CA ILE A 287 -24.47 -6.73 -3.27
C ILE A 287 -25.94 -6.76 -2.86
N ILE A 288 -26.46 -7.96 -2.68
CA ILE A 288 -27.83 -8.17 -2.25
C ILE A 288 -27.78 -8.58 -0.79
N SER A 289 -28.36 -7.76 0.08
CA SER A 289 -28.33 -8.05 1.52
C SER A 289 -29.49 -8.94 1.90
N LYS A 290 -29.20 -10.02 2.62
CA LYS A 290 -30.21 -10.95 3.11
C LYS A 290 -30.68 -10.50 4.48
N ILE A 291 -31.97 -10.25 4.62
CA ILE A 291 -32.56 -9.85 5.89
C ILE A 291 -33.10 -11.11 6.56
N GLU A 292 -32.51 -11.50 7.68
CA GLU A 292 -32.83 -12.80 8.28
C GLU A 292 -33.08 -12.76 9.78
N ASN A 293 -33.15 -11.59 10.41
CA ASN A 293 -33.37 -11.55 11.84
C ASN A 293 -34.06 -10.25 12.20
N HIS A 294 -34.32 -10.08 13.50
CA HIS A 294 -35.09 -8.93 13.97
C HIS A 294 -34.35 -7.62 13.72
N GLU A 295 -33.03 -7.61 13.92
CA GLU A 295 -32.26 -6.38 13.78
C GLU A 295 -32.26 -5.88 12.34
N GLY A 296 -32.08 -6.77 11.37
CA GLY A 296 -32.12 -6.36 9.98
C GLY A 296 -33.46 -5.78 9.56
N VAL A 297 -34.55 -6.28 10.14
CA VAL A 297 -35.87 -5.72 9.85
C VAL A 297 -35.98 -4.30 10.39
N ARG A 298 -35.53 -4.08 11.62
CA ARG A 298 -35.66 -2.76 12.23
C ARG A 298 -34.73 -1.74 11.57
N ARG A 299 -33.50 -2.15 11.25
CA ARG A 299 -32.56 -1.28 10.55
C ARG A 299 -32.69 -1.39 9.03
N PHE A 300 -33.88 -1.68 8.52
CA PHE A 300 -34.01 -2.00 7.11
C PHE A 300 -33.71 -0.80 6.23
N ASP A 301 -34.20 0.39 6.60
CA ASP A 301 -34.01 1.57 5.77
C ASP A 301 -32.53 1.84 5.52
N GLU A 302 -31.71 1.79 6.58
CA GLU A 302 -30.28 2.04 6.39
C GLU A 302 -29.62 0.93 5.58
N ILE A 303 -30.09 -0.31 5.73
CA ILE A 303 -29.53 -1.42 4.96
C ILE A 303 -29.91 -1.29 3.49
N LEU A 304 -31.16 -0.93 3.21
CA LEU A 304 -31.59 -0.75 1.83
C LEU A 304 -30.76 0.31 1.12
N GLU A 305 -30.46 1.43 1.80
CA GLU A 305 -29.74 2.52 1.16
C GLU A 305 -28.33 2.09 0.76
N ALA A 306 -27.66 1.33 1.63
CA ALA A 306 -26.29 0.87 1.36
C ALA A 306 -26.21 -0.28 0.38
N SER A 307 -27.30 -1.01 0.15
CA SER A 307 -27.26 -2.20 -0.67
C SER A 307 -27.66 -1.91 -2.11
N ASP A 308 -27.32 -2.86 -2.99
CA ASP A 308 -27.86 -2.85 -4.35
C ASP A 308 -29.24 -3.49 -4.43
N GLY A 309 -29.59 -4.34 -3.45
CA GLY A 309 -30.87 -5.01 -3.45
C GLY A 309 -31.03 -5.77 -2.16
N ILE A 310 -32.19 -6.43 -2.03
CA ILE A 310 -32.61 -7.08 -0.80
C ILE A 310 -33.13 -8.47 -1.12
N MET A 311 -32.82 -9.44 -0.26
CA MET A 311 -33.44 -10.75 -0.32
C MET A 311 -34.20 -10.97 0.98
N VAL A 312 -35.50 -11.27 0.86
CA VAL A 312 -36.31 -11.69 2.00
C VAL A 312 -36.00 -13.16 2.23
N ALA A 313 -35.08 -13.44 3.16
CA ALA A 313 -34.64 -14.80 3.46
C ALA A 313 -35.58 -15.39 4.51
N ARG A 314 -36.73 -15.88 4.05
CA ARG A 314 -37.81 -16.25 4.96
C ARG A 314 -37.48 -17.46 5.82
N GLY A 315 -36.55 -18.32 5.39
CA GLY A 315 -36.14 -19.44 6.21
C GLY A 315 -35.66 -19.05 7.59
N ASP A 316 -34.52 -18.36 7.67
CA ASP A 316 -34.00 -17.92 8.95
C ASP A 316 -34.90 -16.88 9.60
N LEU A 317 -35.47 -15.97 8.80
CA LEU A 317 -36.33 -14.93 9.35
C LEU A 317 -37.51 -15.55 10.09
N GLY A 318 -38.11 -16.60 9.53
CA GLY A 318 -39.21 -17.28 10.19
C GLY A 318 -38.85 -17.99 11.48
N ILE A 319 -37.56 -18.13 11.77
CA ILE A 319 -37.11 -18.65 13.06
C ILE A 319 -36.81 -17.53 14.04
N GLU A 320 -36.25 -16.42 13.54
CA GLU A 320 -35.88 -15.33 14.42
C GLU A 320 -37.10 -14.55 14.91
N ILE A 321 -38.10 -14.37 14.06
CA ILE A 321 -39.31 -13.66 14.44
C ILE A 321 -40.47 -14.65 14.39
N PRO A 322 -41.57 -14.37 15.09
CA PRO A 322 -42.73 -15.27 15.01
C PRO A 322 -43.15 -15.51 13.57
N ALA A 323 -43.35 -16.79 13.23
CA ALA A 323 -43.64 -17.15 11.83
C ALA A 323 -44.91 -16.50 11.32
N GLU A 324 -45.86 -16.21 12.20
CA GLU A 324 -47.08 -15.52 11.79
C GLU A 324 -46.86 -14.06 11.45
N LYS A 325 -45.64 -13.53 11.61
CA LYS A 325 -45.33 -12.17 11.24
C LYS A 325 -44.49 -12.07 9.97
N VAL A 326 -44.04 -13.20 9.42
CA VAL A 326 -43.15 -13.17 8.25
C VAL A 326 -43.81 -12.44 7.09
N PHE A 327 -45.12 -12.66 6.89
CA PHE A 327 -45.79 -12.04 5.75
C PHE A 327 -45.80 -10.52 5.87
N LEU A 328 -45.89 -10.00 7.10
CA LEU A 328 -45.79 -8.55 7.30
C LEU A 328 -44.43 -8.03 6.86
N ALA A 329 -43.36 -8.69 7.32
CA ALA A 329 -42.01 -8.24 6.98
C ALA A 329 -41.76 -8.35 5.49
N GLN A 330 -42.25 -9.43 4.85
CA GLN A 330 -42.08 -9.58 3.42
C GLN A 330 -42.79 -8.47 2.65
N LYS A 331 -44.05 -8.21 2.99
CA LYS A 331 -44.79 -7.15 2.29
C LYS A 331 -44.21 -5.77 2.58
N MET A 332 -43.67 -5.56 3.79
CA MET A 332 -43.06 -4.28 4.08
C MET A 332 -41.78 -4.07 3.27
N MET A 333 -40.96 -5.12 3.15
CA MET A 333 -39.69 -4.99 2.46
C MET A 333 -39.87 -4.93 0.94
N ILE A 334 -40.85 -5.62 0.39
CA ILE A 334 -41.10 -5.50 -1.04
C ILE A 334 -41.62 -4.10 -1.38
N GLY A 335 -42.53 -3.58 -0.56
CA GLY A 335 -43.03 -2.24 -0.77
C GLY A 335 -41.93 -1.18 -0.78
N ARG A 336 -41.03 -1.24 0.20
CA ARG A 336 -39.99 -0.21 0.30
C ARG A 336 -38.94 -0.37 -0.78
N CYS A 337 -38.66 -1.60 -1.21
CA CYS A 337 -37.78 -1.79 -2.36
C CYS A 337 -38.44 -1.29 -3.65
N ASN A 338 -39.72 -1.59 -3.85
CA ASN A 338 -40.42 -1.06 -5.02
C ASN A 338 -40.42 0.47 -5.00
N ARG A 339 -40.62 1.06 -3.83
CA ARG A 339 -40.63 2.52 -3.69
C ARG A 339 -39.26 3.10 -4.01
N ALA A 340 -38.18 2.45 -3.58
CA ALA A 340 -36.83 2.92 -3.87
C ALA A 340 -36.34 2.51 -5.25
N GLY A 341 -37.06 1.63 -5.96
CA GLY A 341 -36.58 1.17 -7.24
C GLY A 341 -35.44 0.18 -7.17
N LYS A 342 -35.31 -0.57 -6.05
CA LYS A 342 -34.22 -1.52 -5.91
C LYS A 342 -34.72 -2.95 -5.90
N PRO A 343 -33.92 -3.89 -6.42
CA PRO A 343 -34.40 -5.27 -6.57
C PRO A 343 -34.69 -5.94 -5.23
N VAL A 344 -35.75 -6.74 -5.21
CA VAL A 344 -36.10 -7.50 -4.01
C VAL A 344 -36.38 -8.94 -4.43
N ILE A 345 -35.77 -9.88 -3.71
CA ILE A 345 -35.94 -11.31 -3.98
C ILE A 345 -36.73 -11.90 -2.83
N CYS A 346 -37.77 -12.67 -3.15
CA CYS A 346 -38.46 -13.49 -2.16
C CYS A 346 -37.91 -14.91 -2.23
N ALA A 347 -37.52 -15.46 -1.07
CA ALA A 347 -36.78 -16.71 -1.06
C ALA A 347 -37.28 -17.66 0.03
N THR A 348 -37.03 -18.94 -0.22
CA THR A 348 -37.11 -20.06 0.73
C THR A 348 -38.50 -20.66 0.88
N GLN A 349 -38.59 -21.97 0.62
CA GLN A 349 -39.78 -22.80 0.83
C GLN A 349 -40.95 -22.41 -0.05
N MET A 350 -40.69 -21.75 -1.18
CA MET A 350 -41.79 -21.34 -2.05
C MET A 350 -42.48 -22.54 -2.69
N LEU A 351 -41.72 -23.58 -3.03
CA LEU A 351 -42.26 -24.80 -3.61
C LEU A 351 -41.73 -26.02 -2.88
N GLU A 352 -41.66 -25.94 -1.55
CA GLU A 352 -40.88 -26.88 -0.75
C GLU A 352 -41.32 -28.33 -0.98
N SER A 353 -42.62 -28.59 -1.09
CA SER A 353 -43.06 -29.98 -1.25
C SER A 353 -42.61 -30.57 -2.58
N MET A 354 -42.21 -29.75 -3.55
CA MET A 354 -41.72 -30.29 -4.81
C MET A 354 -40.35 -30.93 -4.68
N ILE A 355 -39.75 -30.87 -3.49
CA ILE A 355 -38.52 -31.62 -3.23
C ILE A 355 -38.77 -33.11 -3.40
N LYS A 356 -39.96 -33.59 -3.02
CA LYS A 356 -40.30 -35.00 -3.12
C LYS A 356 -41.45 -35.31 -4.07
N LYS A 357 -42.23 -34.31 -4.48
CA LYS A 357 -43.40 -34.57 -5.30
C LYS A 357 -43.33 -33.80 -6.61
N PRO A 358 -43.89 -34.35 -7.70
CA PRO A 358 -43.84 -33.66 -8.99
C PRO A 358 -44.81 -32.49 -9.11
N ARG A 359 -45.71 -32.30 -8.15
CA ARG A 359 -46.63 -31.17 -8.16
C ARG A 359 -46.62 -30.49 -6.80
N PRO A 360 -46.83 -29.17 -6.77
CA PRO A 360 -46.83 -28.44 -5.50
C PRO A 360 -48.20 -28.45 -4.83
N THR A 361 -48.18 -28.09 -3.55
CA THR A 361 -49.42 -27.92 -2.79
C THR A 361 -50.14 -26.64 -3.20
N ARG A 362 -51.39 -26.52 -2.75
CA ARG A 362 -52.17 -25.33 -3.06
C ARG A 362 -51.63 -24.09 -2.35
N ALA A 363 -51.09 -24.24 -1.14
CA ALA A 363 -50.47 -23.10 -0.45
C ALA A 363 -49.24 -22.60 -1.21
N GLU A 364 -48.46 -23.52 -1.81
CA GLU A 364 -47.23 -23.14 -2.48
C GLU A 364 -47.49 -22.40 -3.79
N GLY A 365 -48.45 -22.85 -4.59
CA GLY A 365 -48.80 -22.12 -5.79
C GLY A 365 -49.33 -20.73 -5.46
N SER A 366 -50.09 -20.63 -4.38
CA SER A 366 -50.60 -19.34 -3.89
C SER A 366 -49.45 -18.44 -3.42
N ASP A 367 -48.43 -19.03 -2.78
CA ASP A 367 -47.33 -18.24 -2.24
C ASP A 367 -46.52 -17.59 -3.35
N VAL A 368 -46.17 -18.35 -4.38
CA VAL A 368 -45.44 -17.82 -5.53
C VAL A 368 -46.22 -16.69 -6.18
N ALA A 369 -47.53 -16.90 -6.39
CA ALA A 369 -48.34 -15.90 -7.06
C ALA A 369 -48.47 -14.62 -6.22
N ASN A 370 -48.66 -14.76 -4.90
CA ASN A 370 -48.82 -13.56 -4.08
C ASN A 370 -47.51 -12.81 -3.92
N ALA A 371 -46.37 -13.51 -4.02
CA ALA A 371 -45.09 -12.81 -4.04
C ALA A 371 -44.96 -11.91 -5.26
N VAL A 372 -45.45 -12.39 -6.41
CA VAL A 372 -45.43 -11.58 -7.63
C VAL A 372 -46.41 -10.41 -7.50
N LEU A 373 -47.62 -10.67 -7.00
CA LEU A 373 -48.59 -9.59 -6.79
C LEU A 373 -48.09 -8.58 -5.77
N ASP A 374 -47.35 -9.02 -4.75
CA ASP A 374 -46.74 -8.08 -3.81
C ASP A 374 -45.76 -7.13 -4.52
N GLY A 375 -45.08 -7.61 -5.57
CA GLY A 375 -44.16 -6.78 -6.31
C GLY A 375 -42.72 -7.26 -6.30
N ALA A 376 -42.51 -8.55 -6.00
CA ALA A 376 -41.16 -9.08 -5.95
C ALA A 376 -40.54 -9.13 -7.34
N ASP A 377 -39.28 -8.71 -7.43
CA ASP A 377 -38.58 -8.75 -8.73
C ASP A 377 -38.17 -10.17 -9.10
N CYS A 378 -37.70 -10.94 -8.13
CA CYS A 378 -37.27 -12.31 -8.35
C CYS A 378 -37.91 -13.23 -7.32
N ILE A 379 -38.07 -14.48 -7.72
CA ILE A 379 -38.43 -15.58 -6.83
C ILE A 379 -37.31 -16.60 -6.91
N MET A 380 -37.16 -17.37 -5.83
CA MET A 380 -35.97 -18.22 -5.66
C MET A 380 -36.36 -19.63 -5.29
N LEU A 381 -35.57 -20.59 -5.78
CA LEU A 381 -35.71 -21.99 -5.42
C LEU A 381 -34.44 -22.43 -4.70
N SER A 382 -34.61 -23.21 -3.62
CA SER A 382 -33.47 -23.66 -2.83
C SER A 382 -33.35 -25.16 -2.98
N GLY A 383 -33.76 -25.95 -1.98
CA GLY A 383 -33.69 -27.39 -2.07
C GLY A 383 -34.51 -27.98 -3.20
N GLU A 384 -35.50 -27.25 -3.72
CA GLU A 384 -36.31 -27.74 -4.83
C GLU A 384 -35.47 -27.99 -6.07
N THR A 385 -34.41 -27.20 -6.28
CA THR A 385 -33.51 -27.42 -7.41
C THR A 385 -32.16 -27.96 -7.00
N ALA A 386 -31.76 -27.77 -5.74
CA ALA A 386 -30.44 -28.22 -5.31
C ALA A 386 -30.42 -29.71 -5.00
N LYS A 387 -31.43 -30.22 -4.28
CA LYS A 387 -31.42 -31.59 -3.78
C LYS A 387 -32.61 -32.45 -4.21
N GLY A 388 -33.69 -31.85 -4.69
CA GLY A 388 -34.93 -32.60 -4.83
C GLY A 388 -35.00 -33.49 -6.06
N ASP A 389 -36.09 -34.26 -6.13
CA ASP A 389 -36.32 -35.21 -7.21
C ASP A 389 -36.89 -34.58 -8.47
N TYR A 390 -37.41 -33.35 -8.39
CA TYR A 390 -38.09 -32.72 -9.52
C TYR A 390 -37.63 -31.29 -9.71
N PRO A 391 -36.34 -31.07 -10.01
CA PRO A 391 -35.88 -29.69 -10.21
C PRO A 391 -36.46 -29.04 -11.46
N LEU A 392 -36.54 -29.75 -12.59
CA LEU A 392 -37.09 -29.14 -13.79
C LEU A 392 -38.55 -28.76 -13.59
N GLU A 393 -39.33 -29.65 -12.96
CA GLU A 393 -40.73 -29.37 -12.72
C GLU A 393 -40.90 -28.14 -11.83
N ALA A 394 -39.99 -27.95 -10.88
CA ALA A 394 -40.09 -26.81 -9.98
C ALA A 394 -39.80 -25.49 -10.70
N VAL A 395 -38.78 -25.48 -11.57
CA VAL A 395 -38.50 -24.27 -12.35
C VAL A 395 -39.67 -23.96 -13.28
N ARG A 396 -40.23 -24.99 -13.92
CA ARG A 396 -41.32 -24.77 -14.86
C ARG A 396 -42.58 -24.27 -14.15
N MET A 397 -42.81 -24.69 -12.90
CA MET A 397 -43.99 -24.25 -12.18
C MET A 397 -43.88 -22.80 -11.76
N GLN A 398 -42.71 -22.37 -11.26
CA GLN A 398 -42.51 -20.96 -10.99
C GLN A 398 -42.73 -20.12 -12.24
N HIS A 399 -42.30 -20.63 -13.40
CA HIS A 399 -42.51 -19.91 -14.65
C HIS A 399 -44.01 -19.77 -14.96
N LEU A 400 -44.77 -20.86 -14.83
CA LEU A 400 -46.19 -20.80 -15.16
C LEU A 400 -46.95 -19.90 -14.20
N ILE A 401 -46.65 -19.98 -12.90
CA ILE A 401 -47.36 -19.16 -11.92
C ILE A 401 -47.00 -17.68 -12.12
N ALA A 402 -45.72 -17.38 -12.24
CA ALA A 402 -45.30 -15.99 -12.40
C ALA A 402 -45.99 -15.35 -13.60
N ARG A 403 -46.11 -16.09 -14.70
CA ARG A 403 -46.71 -15.52 -15.90
C ARG A 403 -48.19 -15.23 -15.69
N GLU A 404 -48.92 -16.12 -15.01
CA GLU A 404 -50.32 -15.86 -14.70
C GLU A 404 -50.48 -14.68 -13.74
N ALA A 405 -49.60 -14.60 -12.74
CA ALA A 405 -49.78 -13.56 -11.72
C ALA A 405 -49.45 -12.18 -12.28
N GLU A 406 -48.49 -12.09 -13.21
CA GLU A 406 -48.16 -10.80 -13.79
C GLU A 406 -49.34 -10.22 -14.56
N ALA A 407 -50.14 -11.07 -15.21
CA ALA A 407 -51.32 -10.54 -15.89
C ALA A 407 -52.37 -10.07 -14.89
N ALA A 408 -52.38 -10.63 -13.68
CA ALA A 408 -53.37 -10.28 -12.66
C ALA A 408 -53.03 -8.98 -11.92
N ILE A 409 -51.85 -8.40 -12.16
CA ILE A 409 -51.48 -7.18 -11.45
C ILE A 409 -52.43 -6.05 -11.84
N TYR A 410 -52.87 -5.29 -10.84
CA TYR A 410 -53.75 -4.14 -11.03
C TYR A 410 -52.88 -2.94 -11.36
N HIS A 411 -52.49 -2.87 -12.64
CA HIS A 411 -51.53 -1.86 -13.08
C HIS A 411 -52.06 -0.44 -12.91
N LEU A 412 -53.37 -0.26 -13.10
CA LEU A 412 -53.95 1.08 -12.99
C LEU A 412 -53.62 1.73 -11.66
N GLN A 413 -53.73 0.95 -10.57
CA GLN A 413 -53.40 1.49 -9.25
C GLN A 413 -51.90 1.51 -9.02
N LEU A 414 -51.20 0.44 -9.39
CA LEU A 414 -49.78 0.33 -9.10
C LEU A 414 -48.98 1.47 -9.73
N PHE A 415 -49.20 1.72 -11.03
CA PHE A 415 -48.42 2.76 -11.71
C PHE A 415 -48.73 4.14 -11.14
N GLU A 416 -50.00 4.41 -10.83
CA GLU A 416 -50.35 5.71 -10.25
C GLU A 416 -49.67 5.92 -8.91
N GLU A 417 -49.68 4.89 -8.04
CA GLU A 417 -49.09 5.05 -6.72
C GLU A 417 -47.57 5.15 -6.80
N LEU A 418 -46.94 4.42 -7.73
CA LEU A 418 -45.49 4.52 -7.88
C LEU A 418 -45.07 5.92 -8.27
N ARG A 419 -45.77 6.53 -9.22
CA ARG A 419 -45.47 7.91 -9.60
C ARG A 419 -45.65 8.86 -8.43
N ARG A 420 -46.76 8.73 -7.70
CA ARG A 420 -47.07 9.69 -6.64
C ARG A 420 -46.02 9.68 -5.54
N LEU A 421 -45.46 8.52 -5.22
CA LEU A 421 -44.45 8.41 -4.20
C LEU A 421 -43.03 8.58 -4.74
N ALA A 422 -42.87 8.74 -6.05
CA ALA A 422 -41.53 8.97 -6.58
C ALA A 422 -41.22 10.46 -6.60
N PRO A 423 -40.00 10.84 -6.23
CA PRO A 423 -39.65 12.26 -6.18
C PRO A 423 -39.49 12.87 -7.57
N ILE A 424 -39.69 14.18 -7.63
CA ILE A 424 -39.41 14.96 -8.83
C ILE A 424 -37.95 15.38 -8.78
N THR A 425 -37.21 15.07 -9.85
CA THR A 425 -35.79 15.32 -9.91
C THR A 425 -35.46 16.06 -11.20
N SER A 426 -34.16 16.31 -11.40
CA SER A 426 -33.67 16.92 -12.62
C SER A 426 -32.96 15.93 -13.53
N ASP A 427 -32.85 14.66 -13.13
CA ASP A 427 -32.19 13.67 -13.97
C ASP A 427 -33.01 13.44 -15.22
N PRO A 428 -32.50 13.75 -16.41
CA PRO A 428 -33.30 13.55 -17.62
C PRO A 428 -33.56 12.09 -17.93
N THR A 429 -32.67 11.19 -17.50
CA THR A 429 -32.89 9.77 -17.71
C THR A 429 -34.12 9.29 -16.97
N GLU A 430 -34.36 9.82 -15.77
CA GLU A 430 -35.53 9.43 -15.00
C GLU A 430 -36.82 9.96 -15.66
N ALA A 431 -36.79 11.21 -16.11
CA ALA A 431 -37.96 11.77 -16.80
C ALA A 431 -38.22 11.06 -18.12
N THR A 432 -37.16 10.62 -18.81
CA THR A 432 -37.35 9.83 -20.02
C THR A 432 -37.99 8.48 -19.69
N ALA A 433 -37.67 7.92 -18.53
CA ALA A 433 -38.15 6.60 -18.15
C ALA A 433 -39.64 6.61 -17.82
N VAL A 434 -40.12 7.61 -17.06
CA VAL A 434 -41.56 7.70 -16.77
C VAL A 434 -42.34 7.97 -18.04
N GLY A 435 -41.84 8.90 -18.86
CA GLY A 435 -42.52 9.20 -20.11
C GLY A 435 -42.62 7.98 -21.01
N ALA A 436 -41.59 7.14 -20.99
CA ALA A 436 -41.63 5.92 -21.81
C ALA A 436 -42.65 4.93 -21.27
N VAL A 437 -42.71 4.77 -19.95
CA VAL A 437 -43.67 3.84 -19.38
C VAL A 437 -45.09 4.33 -19.61
N GLU A 438 -45.32 5.62 -19.43
CA GLU A 438 -46.63 6.20 -19.70
C GLU A 438 -47.03 6.01 -21.17
N ALA A 439 -46.10 6.30 -22.08
CA ALA A 439 -46.40 6.08 -23.50
C ALA A 439 -46.70 4.61 -23.80
N SER A 440 -46.01 3.69 -23.10
CA SER A 440 -46.24 2.27 -23.37
C SER A 440 -47.62 1.82 -22.92
N PHE A 441 -48.15 2.40 -21.84
CA PHE A 441 -49.52 2.10 -21.45
C PHE A 441 -50.52 2.69 -22.42
N LYS A 442 -50.23 3.86 -22.98
CA LYS A 442 -51.17 4.56 -23.85
C LYS A 442 -51.35 3.86 -25.20
N CYS A 443 -50.30 3.28 -25.75
CA CYS A 443 -50.36 2.68 -27.08
C CYS A 443 -50.18 1.17 -27.06
N CYS A 444 -50.23 0.55 -25.89
CA CYS A 444 -50.19 -0.92 -25.76
C CYS A 444 -49.00 -1.51 -26.51
N SER A 445 -47.81 -1.02 -26.18
CA SER A 445 -46.62 -1.43 -26.91
C SER A 445 -46.25 -2.87 -26.59
N GLY A 446 -45.67 -3.55 -27.58
CA GLY A 446 -45.19 -4.90 -27.37
C GLY A 446 -43.94 -4.98 -26.52
N ALA A 447 -43.20 -3.87 -26.41
CA ALA A 447 -41.97 -3.85 -25.62
C ALA A 447 -41.53 -2.40 -25.43
N ILE A 448 -40.59 -2.22 -24.52
CA ILE A 448 -39.81 -0.99 -24.40
C ILE A 448 -38.36 -1.38 -24.63
N ILE A 449 -37.77 -0.86 -25.69
CA ILE A 449 -36.38 -1.18 -26.02
C ILE A 449 -35.47 -0.11 -25.43
N VAL A 450 -34.50 -0.54 -24.63
CA VAL A 450 -33.57 0.35 -23.95
C VAL A 450 -32.14 -0.05 -24.32
N LEU A 451 -31.38 0.90 -24.86
CA LEU A 451 -29.94 0.73 -25.01
C LEU A 451 -29.27 1.14 -23.71
N THR A 452 -28.45 0.25 -23.16
CA THR A 452 -27.83 0.54 -21.88
C THR A 452 -26.50 -0.19 -21.79
N LYS A 453 -25.51 0.46 -21.17
CA LYS A 453 -24.22 -0.18 -20.98
C LYS A 453 -23.96 -0.60 -19.54
N SER A 454 -24.46 0.15 -18.56
CA SER A 454 -24.37 -0.28 -17.17
C SER A 454 -25.63 -0.96 -16.67
N GLY A 455 -26.73 -0.94 -17.44
CA GLY A 455 -28.03 -1.38 -16.97
C GLY A 455 -28.89 -0.28 -16.39
N ARG A 456 -28.28 0.82 -15.92
CA ARG A 456 -28.99 1.84 -15.15
C ARG A 456 -30.24 2.35 -15.87
N SER A 457 -30.14 2.62 -17.18
CA SER A 457 -31.30 3.15 -17.90
C SER A 457 -32.44 2.15 -17.93
N ALA A 458 -32.13 0.85 -18.02
CA ALA A 458 -33.17 -0.17 -17.98
C ALA A 458 -33.77 -0.31 -16.59
N HIS A 459 -32.93 -0.19 -15.55
CA HIS A 459 -33.44 -0.27 -14.18
C HIS A 459 -34.44 0.86 -13.89
N GLN A 460 -34.21 2.04 -14.47
CA GLN A 460 -35.09 3.18 -14.21
C GLN A 460 -36.43 3.05 -14.92
N VAL A 461 -36.48 2.31 -16.03
CA VAL A 461 -37.77 1.96 -16.63
C VAL A 461 -38.50 0.95 -15.76
N ALA A 462 -37.80 -0.08 -15.29
CA ALA A 462 -38.43 -1.19 -14.58
C ALA A 462 -39.01 -0.77 -13.24
N ARG A 463 -38.46 0.28 -12.61
CA ARG A 463 -39.01 0.68 -11.32
C ARG A 463 -40.45 1.17 -11.44
N TYR A 464 -40.88 1.63 -12.62
CA TYR A 464 -42.25 2.07 -12.81
C TYR A 464 -43.17 0.96 -13.31
N ARG A 465 -42.65 -0.25 -13.47
CA ARG A 465 -43.43 -1.47 -13.69
C ARG A 465 -44.33 -1.38 -14.92
N PRO A 466 -43.77 -1.25 -16.12
CA PRO A 466 -44.62 -1.37 -17.31
C PRO A 466 -45.15 -2.78 -17.44
N ARG A 467 -46.30 -2.90 -18.12
CA ARG A 467 -46.81 -4.24 -18.42
CA ARG A 467 -46.83 -4.23 -18.43
C ARG A 467 -46.00 -4.90 -19.51
N ALA A 468 -45.54 -4.13 -20.50
CA ALA A 468 -44.73 -4.67 -21.57
C ALA A 468 -43.33 -5.02 -21.07
N PRO A 469 -42.65 -5.96 -21.74
CA PRO A 469 -41.28 -6.30 -21.35
C PRO A 469 -40.28 -5.26 -21.80
N ILE A 470 -39.20 -5.15 -21.04
CA ILE A 470 -38.11 -4.24 -21.33
C ILE A 470 -36.98 -5.03 -21.97
N ILE A 471 -36.75 -4.83 -23.27
CA ILE A 471 -35.64 -5.44 -23.99
C ILE A 471 -34.43 -4.53 -23.80
N ALA A 472 -33.52 -4.94 -22.91
CA ALA A 472 -32.32 -4.16 -22.61
C ALA A 472 -31.17 -4.66 -23.49
N VAL A 473 -30.80 -3.87 -24.48
CA VAL A 473 -29.74 -4.23 -25.41
C VAL A 473 -28.42 -3.68 -24.88
N THR A 474 -27.46 -4.56 -24.63
CA THR A 474 -26.15 -4.15 -24.13
C THR A 474 -25.07 -4.95 -24.84
N ARG A 475 -23.87 -4.39 -24.88
CA ARG A 475 -22.69 -5.14 -25.28
C ARG A 475 -21.88 -5.63 -24.08
N ASN A 476 -22.28 -5.24 -22.87
CA ASN A 476 -21.57 -5.60 -21.66
C ASN A 476 -22.15 -6.92 -21.14
N PRO A 477 -21.39 -8.02 -21.16
CA PRO A 477 -21.96 -9.31 -20.75
C PRO A 477 -22.33 -9.36 -19.27
N GLN A 478 -21.59 -8.66 -18.41
CA GLN A 478 -21.96 -8.62 -16.99
C GLN A 478 -23.26 -7.85 -16.78
N THR A 479 -23.47 -6.78 -17.55
CA THR A 479 -24.72 -6.03 -17.45
C THR A 479 -25.91 -6.90 -17.85
N ALA A 480 -25.76 -7.68 -18.91
CA ALA A 480 -26.86 -8.53 -19.36
C ALA A 480 -27.22 -9.56 -18.31
N ARG A 481 -26.23 -10.09 -17.58
CA ARG A 481 -26.50 -11.08 -16.55
C ARG A 481 -27.08 -10.45 -15.28
N GLN A 482 -26.63 -9.25 -14.92
CA GLN A 482 -27.15 -8.61 -13.71
C GLN A 482 -28.55 -8.07 -13.90
N ALA A 483 -28.99 -7.85 -15.13
CA ALA A 483 -30.32 -7.31 -15.40
C ALA A 483 -31.43 -8.23 -14.93
N HIS A 484 -31.14 -9.52 -14.71
CA HIS A 484 -32.14 -10.48 -14.28
C HIS A 484 -32.70 -10.16 -12.91
N LEU A 485 -32.00 -9.34 -12.12
CA LEU A 485 -32.49 -8.96 -10.80
C LEU A 485 -33.71 -8.05 -10.84
N TYR A 486 -34.07 -7.53 -12.01
CA TYR A 486 -35.09 -6.49 -12.14
C TYR A 486 -36.29 -7.04 -12.90
N ARG A 487 -37.48 -6.87 -12.31
CA ARG A 487 -38.71 -7.33 -12.94
C ARG A 487 -38.87 -6.75 -14.34
N GLY A 488 -39.21 -7.62 -15.29
CA GLY A 488 -39.55 -7.20 -16.64
C GLY A 488 -38.39 -6.93 -17.57
N ILE A 489 -37.16 -6.87 -17.09
CA ILE A 489 -36.01 -6.58 -17.95
C ILE A 489 -35.57 -7.86 -18.65
N PHE A 490 -35.72 -7.90 -19.96
CA PHE A 490 -35.31 -9.02 -20.79
C PHE A 490 -33.95 -8.69 -21.40
N PRO A 491 -32.84 -9.13 -20.79
CA PRO A 491 -31.52 -8.71 -21.28
C PRO A 491 -31.11 -9.45 -22.54
N VAL A 492 -30.55 -8.69 -23.48
CA VAL A 492 -30.09 -9.23 -24.76
C VAL A 492 -28.67 -8.72 -25.00
N LEU A 493 -27.75 -9.65 -25.27
CA LEU A 493 -26.32 -9.35 -25.40
C LEU A 493 -25.98 -9.22 -26.88
N CYS A 494 -25.62 -8.01 -27.29
CA CYS A 494 -25.19 -7.76 -28.66
C CYS A 494 -23.68 -7.99 -28.75
N LYS A 495 -23.25 -8.70 -29.80
CA LYS A 495 -21.84 -9.00 -30.00
C LYS A 495 -21.30 -8.46 -31.32
N ASP A 496 -22.03 -7.57 -31.99
CA ASP A 496 -21.55 -7.00 -33.24
C ASP A 496 -20.44 -5.99 -32.97
N PRO A 497 -19.57 -5.75 -33.94
CA PRO A 497 -18.55 -4.71 -33.78
C PRO A 497 -19.18 -3.33 -33.75
N VAL A 498 -18.53 -2.42 -33.04
CA VAL A 498 -19.02 -1.05 -32.91
C VAL A 498 -18.83 -0.33 -34.24
N GLN A 499 -19.93 0.12 -34.83
CA GLN A 499 -19.86 0.85 -36.09
C GLN A 499 -19.29 2.25 -35.86
N GLU A 500 -18.60 2.76 -36.89
CA GLU A 500 -17.92 4.05 -36.77
C GLU A 500 -18.92 5.18 -36.56
N ALA A 501 -19.97 5.22 -37.37
CA ALA A 501 -21.01 6.21 -37.18
C ALA A 501 -21.82 5.89 -35.93
N TRP A 502 -21.96 6.88 -35.05
CA TRP A 502 -22.73 6.70 -33.82
C TRP A 502 -24.17 6.32 -34.12
N ALA A 503 -24.82 7.08 -35.01
CA ALA A 503 -26.22 6.83 -35.32
C ALA A 503 -26.42 5.44 -35.91
N GLU A 504 -25.46 4.97 -36.71
CA GLU A 504 -25.58 3.64 -37.31
C GLU A 504 -25.34 2.53 -36.31
N ASP A 505 -24.53 2.79 -35.28
CA ASP A 505 -24.32 1.79 -34.24
C ASP A 505 -25.52 1.68 -33.31
N VAL A 506 -26.28 2.77 -33.15
CA VAL A 506 -27.51 2.72 -32.38
C VAL A 506 -28.61 2.00 -33.16
N ASP A 507 -28.78 2.36 -34.44
CA ASP A 507 -29.74 1.66 -35.30
C ASP A 507 -29.48 0.17 -35.35
N LEU A 508 -28.21 -0.23 -35.37
CA LEU A 508 -27.87 -1.65 -35.41
C LEU A 508 -28.34 -2.37 -34.15
N ARG A 509 -28.14 -1.75 -32.99
CA ARG A 509 -28.57 -2.39 -31.75
C ARG A 509 -30.09 -2.36 -31.59
N VAL A 510 -30.74 -1.33 -32.12
CA VAL A 510 -32.20 -1.28 -32.07
C VAL A 510 -32.81 -2.35 -32.96
N ASN A 511 -32.34 -2.44 -34.21
CA ASN A 511 -32.81 -3.48 -35.11
C ASN A 511 -32.57 -4.87 -34.54
N PHE A 512 -31.48 -5.03 -33.80
CA PHE A 512 -31.21 -6.31 -33.14
C PHE A 512 -32.29 -6.65 -32.11
N ALA A 513 -32.81 -5.65 -31.40
CA ALA A 513 -33.87 -5.91 -30.44
C ALA A 513 -35.19 -6.20 -31.15
N MET A 514 -35.44 -5.53 -32.28
CA MET A 514 -36.61 -5.84 -33.09
C MET A 514 -36.62 -7.31 -33.50
N ASN A 515 -35.47 -7.84 -33.93
CA ASN A 515 -35.40 -9.24 -34.34
C ASN A 515 -35.59 -10.16 -33.16
N VAL A 516 -35.02 -9.82 -32.00
CA VAL A 516 -35.22 -10.64 -30.81
C VAL A 516 -36.69 -10.62 -30.40
N GLY A 517 -37.34 -9.45 -30.51
CA GLY A 517 -38.75 -9.37 -30.15
C GLY A 517 -39.62 -10.21 -31.07
N LYS A 518 -39.40 -10.12 -32.38
CA LYS A 518 -40.17 -10.90 -33.33
C LYS A 518 -39.94 -12.40 -33.15
N ALA A 519 -38.70 -12.80 -32.85
CA ALA A 519 -38.38 -14.21 -32.70
C ALA A 519 -39.13 -14.83 -31.54
N ARG A 520 -39.14 -14.15 -30.39
CA ARG A 520 -39.75 -14.68 -29.18
C ARG A 520 -41.21 -14.31 -29.04
N GLY A 521 -41.80 -13.73 -30.08
CA GLY A 521 -43.23 -13.47 -30.09
C GLY A 521 -43.69 -12.31 -29.26
N PHE A 522 -42.83 -11.32 -29.02
CA PHE A 522 -43.25 -10.16 -28.24
C PHE A 522 -44.06 -9.19 -29.09
N PHE A 523 -43.80 -9.13 -30.40
CA PHE A 523 -44.50 -8.24 -31.31
C PHE A 523 -44.21 -8.71 -32.73
N LYS A 524 -44.88 -8.08 -33.69
CA LYS A 524 -44.69 -8.39 -35.10
C LYS A 524 -44.58 -7.11 -35.91
N LYS A 525 -44.22 -7.26 -37.17
CA LYS A 525 -44.09 -6.13 -38.08
C LYS A 525 -45.38 -5.32 -38.11
N GLY A 526 -45.23 -4.00 -38.02
CA GLY A 526 -46.35 -3.09 -37.99
C GLY A 526 -46.80 -2.70 -36.60
N ASP A 527 -46.39 -3.43 -35.57
CA ASP A 527 -46.70 -3.04 -34.20
C ASP A 527 -45.88 -1.82 -33.80
N VAL A 528 -46.27 -1.22 -32.68
CA VAL A 528 -45.65 -0.01 -32.16
C VAL A 528 -44.87 -0.38 -30.91
N VAL A 529 -43.61 0.07 -30.85
CA VAL A 529 -42.77 -0.16 -29.68
C VAL A 529 -42.14 1.15 -29.24
N ILE A 530 -41.74 1.20 -27.97
CA ILE A 530 -41.05 2.34 -27.38
C ILE A 530 -39.56 2.04 -27.40
N VAL A 531 -38.75 3.03 -27.81
CA VAL A 531 -37.30 2.88 -27.94
C VAL A 531 -36.63 4.03 -27.17
N LEU A 532 -35.76 3.67 -26.22
CA LEU A 532 -35.00 4.62 -25.42
C LEU A 532 -33.55 4.63 -25.85
N THR A 533 -33.03 5.81 -26.21
CA THR A 533 -31.64 5.99 -26.60
C THR A 533 -31.09 7.26 -25.95
N GLY A 534 -29.79 7.49 -26.12
CA GLY A 534 -29.13 8.68 -25.63
C GLY A 534 -28.48 9.48 -26.75
N TRP A 535 -27.81 10.56 -26.36
CA TRP A 535 -27.30 11.53 -27.32
C TRP A 535 -25.81 11.40 -27.59
N ARG A 536 -25.12 10.46 -26.96
CA ARG A 536 -23.69 10.23 -27.21
C ARG A 536 -23.29 8.92 -26.55
N PRO A 537 -22.18 8.32 -27.00
CA PRO A 537 -21.70 7.08 -26.38
C PRO A 537 -21.40 7.24 -24.90
N GLY A 538 -21.31 6.11 -24.21
CA GLY A 538 -21.04 6.09 -22.79
C GLY A 538 -22.31 6.08 -21.97
N SER A 539 -22.17 5.81 -20.68
CA SER A 539 -23.34 5.67 -19.84
C SER A 539 -23.71 7.00 -19.19
N GLY A 540 -25.00 7.16 -18.91
CA GLY A 540 -25.50 8.34 -18.23
C GLY A 540 -26.16 9.39 -19.11
N PHE A 541 -26.39 9.09 -20.39
CA PHE A 541 -26.86 10.10 -21.34
C PHE A 541 -28.19 9.74 -21.99
N THR A 542 -28.93 8.76 -21.46
CA THR A 542 -30.24 8.43 -22.01
C THR A 542 -31.19 9.61 -21.83
N ASN A 543 -31.77 10.09 -22.94
CA ASN A 543 -32.65 11.26 -22.87
C ASN A 543 -33.64 11.30 -24.02
N THR A 544 -33.70 10.24 -24.82
CA THR A 544 -34.49 10.20 -26.05
C THR A 544 -35.48 9.05 -26.00
N MET A 545 -36.76 9.37 -26.17
CA MET A 545 -37.83 8.37 -26.26
C MET A 545 -38.48 8.46 -27.63
N ARG A 546 -38.61 7.31 -28.30
CA ARG A 546 -39.25 7.26 -29.60
C ARG A 546 -40.34 6.20 -29.62
N VAL A 547 -41.43 6.50 -30.31
CA VAL A 547 -42.48 5.54 -30.60
C VAL A 547 -42.28 5.09 -32.05
N VAL A 548 -41.98 3.81 -32.23
CA VAL A 548 -41.43 3.32 -33.50
C VAL A 548 -42.19 2.10 -33.99
N PRO A 549 -42.55 2.04 -35.28
CA PRO A 549 -43.15 0.82 -35.82
C PRO A 549 -42.12 -0.27 -36.05
N VAL A 550 -42.49 -1.49 -35.72
CA VAL A 550 -41.59 -2.64 -35.88
C VAL A 550 -41.41 -2.93 -37.38
N PRO A 551 -40.17 -3.03 -37.87
CA PRO A 551 -39.89 -3.34 -39.29
C PRO A 551 -40.14 -4.79 -39.67
N GLN B 34 23.83 3.19 59.33
CA GLN B 34 24.02 2.57 58.02
C GLN B 34 23.37 3.40 56.92
N THR B 35 23.33 2.85 55.71
CA THR B 35 22.79 3.54 54.54
C THR B 35 21.81 2.64 53.80
N GLN B 36 20.95 3.27 53.02
CA GLN B 36 20.04 2.57 52.09
C GLN B 36 19.13 1.57 52.82
N GLN B 37 18.83 1.84 54.09
CA GLN B 37 17.97 0.97 54.90
C GLN B 37 18.49 -0.46 54.93
N LEU B 38 19.82 -0.60 54.91
CA LEU B 38 20.41 -1.95 54.93
C LEU B 38 20.16 -2.68 56.23
N HIS B 39 19.93 -1.97 57.34
CA HIS B 39 19.56 -2.64 58.57
C HIS B 39 18.15 -3.23 58.47
N ALA B 40 17.22 -2.47 57.88
CA ALA B 40 15.87 -3.00 57.64
C ALA B 40 15.89 -4.13 56.62
N ALA B 41 16.86 -4.14 55.71
CA ALA B 41 16.90 -5.15 54.67
C ALA B 41 17.20 -6.54 55.23
N MET B 42 17.98 -6.62 56.31
CA MET B 42 18.38 -7.90 56.88
C MET B 42 17.42 -8.40 57.96
N ALA B 43 16.15 -8.01 57.91
CA ALA B 43 15.17 -8.44 58.90
C ALA B 43 14.52 -9.75 58.47
N ASP B 44 14.13 -10.56 59.47
CA ASP B 44 13.54 -11.86 59.22
C ASP B 44 12.04 -11.82 58.96
N THR B 45 11.37 -10.73 59.33
CA THR B 45 9.94 -10.56 59.07
C THR B 45 9.69 -9.20 58.45
N PHE B 46 8.54 -9.08 57.77
CA PHE B 46 8.16 -7.78 57.20
C PHE B 46 7.88 -6.77 58.30
N LEU B 47 7.24 -7.21 59.39
CA LEU B 47 6.94 -6.29 60.48
C LEU B 47 8.21 -5.73 61.10
N GLU B 48 9.19 -6.59 61.38
CA GLU B 48 10.47 -6.12 61.88
C GLU B 48 11.19 -5.25 60.85
N HIS B 49 10.95 -5.50 59.56
CA HIS B 49 11.52 -4.64 58.52
C HIS B 49 10.95 -3.23 58.61
N MET B 50 9.66 -3.10 58.90
CA MET B 50 9.08 -1.77 59.10
C MET B 50 9.67 -1.10 60.33
N CYS B 51 9.80 -1.84 61.43
CA CYS B 51 10.33 -1.27 62.66
C CYS B 51 11.74 -0.69 62.50
N ARG B 52 12.52 -1.20 61.55
CA ARG B 52 13.89 -0.75 61.37
C ARG B 52 14.04 0.39 60.37
N LEU B 53 12.96 0.84 59.75
CA LEU B 53 13.07 1.95 58.80
C LEU B 53 13.57 3.20 59.54
N ASP B 54 14.62 3.82 58.98
CA ASP B 54 15.39 4.83 59.69
C ASP B 54 15.49 6.06 58.81
N ILE B 55 14.86 7.16 59.25
CA ILE B 55 14.90 8.42 58.50
C ILE B 55 16.29 9.02 58.46
N ASP B 56 17.22 8.51 59.26
CA ASP B 56 18.61 8.95 59.21
C ASP B 56 19.49 8.03 58.38
N SER B 57 18.92 6.98 57.76
CA SER B 57 19.68 6.10 56.87
C SER B 57 19.60 6.67 55.46
N PRO B 58 20.68 7.25 54.93
CA PRO B 58 20.58 7.97 53.66
C PRO B 58 20.53 7.02 52.47
N PRO B 59 19.65 7.28 51.51
CA PRO B 59 19.62 6.44 50.31
C PRO B 59 20.82 6.70 49.41
N ILE B 60 21.07 5.72 48.52
CA ILE B 60 22.16 5.83 47.56
C ILE B 60 21.84 6.92 46.53
N THR B 61 22.73 7.10 45.56
CA THR B 61 22.55 8.18 44.59
C THR B 61 21.52 7.83 43.52
N ALA B 62 21.48 6.56 43.09
CA ALA B 62 20.65 6.18 41.96
C ALA B 62 19.16 6.17 42.34
N ARG B 63 18.33 6.65 41.42
CA ARG B 63 16.88 6.59 41.55
C ARG B 63 16.37 5.69 40.43
N ASN B 64 15.60 4.66 40.80
CA ASN B 64 15.24 3.59 39.87
C ASN B 64 13.88 3.77 39.23
N THR B 65 12.97 4.54 39.81
CA THR B 65 11.63 4.68 39.26
C THR B 65 11.61 5.74 38.17
N GLY B 66 10.97 5.44 37.04
CA GLY B 66 10.87 6.40 35.96
C GLY B 66 9.87 7.52 36.28
N ILE B 67 10.15 8.70 35.73
CA ILE B 67 9.33 9.89 35.95
C ILE B 67 8.78 10.37 34.61
N ILE B 68 7.46 10.31 34.46
CA ILE B 68 6.78 10.69 33.23
C ILE B 68 6.05 12.02 33.48
N CYS B 69 6.39 13.04 32.69
CA CYS B 69 5.85 14.39 32.85
C CYS B 69 4.98 14.77 31.66
N THR B 70 3.76 15.23 31.94
CA THR B 70 2.91 15.78 30.90
C THR B 70 3.37 17.20 30.55
N ILE B 71 3.67 17.43 29.28
CA ILE B 71 4.17 18.74 28.84
C ILE B 71 2.98 19.58 28.38
N GLY B 72 2.88 20.79 28.91
CA GLY B 72 1.84 21.70 28.54
C GLY B 72 2.34 23.13 28.51
N PRO B 73 1.42 24.10 28.57
CA PRO B 73 1.84 25.51 28.51
C PRO B 73 2.79 25.91 29.64
N ALA B 74 2.71 25.26 30.81
CA ALA B 74 3.62 25.60 31.88
C ALA B 74 5.02 25.05 31.68
N SER B 75 5.22 24.13 30.72
CA SER B 75 6.51 23.45 30.64
C SER B 75 7.00 23.17 29.22
N ARG B 76 6.44 23.80 28.18
CA ARG B 76 6.85 23.46 26.82
C ARG B 76 7.96 24.36 26.27
N SER B 77 8.47 25.30 27.05
CA SER B 77 9.60 26.09 26.57
C SER B 77 10.89 25.28 26.67
N VAL B 78 11.81 25.57 25.75
CA VAL B 78 13.10 24.86 25.72
C VAL B 78 13.85 25.07 27.03
N GLU B 79 13.82 26.29 27.57
CA GLU B 79 14.56 26.56 28.80
C GLU B 79 13.97 25.82 29.99
N THR B 80 12.63 25.77 30.08
CA THR B 80 12.00 24.99 31.14
C THR B 80 12.31 23.51 31.00
N LEU B 81 12.20 22.97 29.78
CA LEU B 81 12.41 21.55 29.58
C LEU B 81 13.82 21.12 29.94
N LYS B 82 14.81 22.00 29.75
CA LYS B 82 16.16 21.70 30.20
C LYS B 82 16.20 21.50 31.72
N GLU B 83 15.53 22.37 32.48
CA GLU B 83 15.51 22.22 33.92
C GLU B 83 14.74 20.97 34.34
N MET B 84 13.69 20.62 33.60
CA MET B 84 12.93 19.41 33.92
C MET B 84 13.76 18.15 33.71
N ILE B 85 14.55 18.12 32.64
CA ILE B 85 15.47 17.01 32.43
C ILE B 85 16.49 16.92 33.57
N LYS B 86 17.12 18.06 33.88
CA LYS B 86 18.07 18.08 35.00
C LYS B 86 17.40 17.70 36.31
N SER B 87 16.11 17.98 36.46
CA SER B 87 15.39 17.59 37.67
C SER B 87 15.05 16.11 37.70
N GLY B 88 15.11 15.42 36.56
CA GLY B 88 14.90 13.99 36.55
C GLY B 88 13.81 13.48 35.63
N MET B 89 13.23 14.33 34.79
CA MET B 89 12.24 13.87 33.82
C MET B 89 12.87 12.83 32.89
N ASN B 90 12.19 11.69 32.74
CA ASN B 90 12.62 10.67 31.79
C ASN B 90 11.74 10.58 30.56
N VAL B 91 10.44 10.81 30.69
CA VAL B 91 9.49 10.65 29.60
C VAL B 91 8.61 11.90 29.53
N ALA B 92 8.53 12.49 28.34
CA ALA B 92 7.64 13.61 28.08
C ALA B 92 6.34 13.07 27.48
N ARG B 93 5.23 13.28 28.19
CA ARG B 93 3.92 12.85 27.74
C ARG B 93 3.17 14.02 27.12
N LEU B 94 2.60 13.79 25.93
CA LEU B 94 1.81 14.80 25.23
C LEU B 94 0.37 14.31 25.14
N ASN B 95 -0.56 15.07 25.71
CA ASN B 95 -1.96 14.65 25.82
C ASN B 95 -2.72 15.16 24.60
N PHE B 96 -3.10 14.24 23.73
CA PHE B 96 -3.82 14.56 22.50
C PHE B 96 -5.32 14.69 22.70
N SER B 97 -5.79 14.75 23.95
CA SER B 97 -7.18 15.13 24.18
C SER B 97 -7.44 16.56 23.76
N HIS B 98 -6.40 17.37 23.62
CA HIS B 98 -6.49 18.75 23.17
C HIS B 98 -5.28 19.08 22.32
N GLY B 99 -5.37 20.15 21.56
CA GLY B 99 -4.23 20.63 20.79
C GLY B 99 -4.20 20.09 19.37
N THR B 100 -3.61 20.87 18.48
CA THR B 100 -3.46 20.51 17.09
C THR B 100 -2.10 19.86 16.85
N HIS B 101 -1.93 19.30 15.65
CA HIS B 101 -0.68 18.62 15.34
C HIS B 101 0.48 19.62 15.26
N GLU B 102 0.22 20.83 14.75
CA GLU B 102 1.27 21.84 14.70
C GLU B 102 1.70 22.25 16.11
N TYR B 103 0.75 22.31 17.04
CA TYR B 103 1.08 22.58 18.44
C TYR B 103 1.95 21.46 19.00
N HIS B 104 1.48 20.22 18.93
CA HIS B 104 2.22 19.10 19.49
C HIS B 104 3.57 18.92 18.80
N ALA B 105 3.62 19.11 17.48
CA ALA B 105 4.89 18.94 16.78
C ALA B 105 5.92 19.96 17.24
N GLU B 106 5.46 21.15 17.64
CA GLU B 106 6.36 22.14 18.21
C GLU B 106 6.80 21.75 19.61
N THR B 107 5.91 21.14 20.39
CA THR B 107 6.29 20.64 21.71
C THR B 107 7.33 19.54 21.59
N ILE B 108 7.11 18.58 20.69
CA ILE B 108 8.08 17.53 20.44
C ILE B 108 9.42 18.13 20.05
N LYS B 109 9.41 19.16 19.20
CA LYS B 109 10.63 19.78 18.73
C LYS B 109 11.40 20.44 19.87
N ASN B 110 10.70 21.19 20.73
CA ASN B 110 11.36 21.79 21.89
C ASN B 110 11.90 20.71 22.84
N VAL B 111 11.15 19.63 23.02
CA VAL B 111 11.62 18.53 23.87
C VAL B 111 12.96 18.00 23.37
N ARG B 112 13.08 17.80 22.06
CA ARG B 112 14.32 17.27 21.51
C ARG B 112 15.44 18.30 21.49
N THR B 113 15.10 19.58 21.31
CA THR B 113 16.12 20.63 21.45
C THR B 113 16.69 20.65 22.87
N ALA B 114 15.81 20.64 23.88
CA ALA B 114 16.31 20.60 25.26
C ALA B 114 17.09 19.32 25.53
N THR B 115 16.61 18.19 25.01
CA THR B 115 17.30 16.92 25.23
C THR B 115 18.69 16.95 24.61
N GLU B 116 18.78 17.34 23.34
CA GLU B 116 20.05 17.27 22.64
C GLU B 116 21.02 18.36 23.04
N SER B 117 20.57 19.36 23.82
CA SER B 117 21.49 20.37 24.32
C SER B 117 22.54 19.79 25.28
N PHE B 118 22.29 18.60 25.85
CA PHE B 118 23.24 17.94 26.73
C PHE B 118 24.07 16.88 26.01
N ALA B 119 23.85 16.68 24.71
CA ALA B 119 24.51 15.60 23.99
C ALA B 119 26.00 15.82 23.83
N SER B 120 26.49 17.04 24.07
CA SER B 120 27.91 17.32 23.88
C SER B 120 28.79 16.52 24.84
N ASP B 121 28.24 16.06 25.96
CA ASP B 121 28.95 15.25 26.95
C ASP B 121 28.22 13.92 27.08
N PRO B 122 28.59 12.91 26.30
CA PRO B 122 27.83 11.65 26.32
C PRO B 122 27.96 10.87 27.62
N ILE B 123 28.94 11.17 28.46
CA ILE B 123 29.01 10.54 29.77
C ILE B 123 27.79 10.94 30.61
N LEU B 124 27.38 12.20 30.51
CA LEU B 124 26.29 12.72 31.33
C LEU B 124 24.98 12.87 30.59
N TYR B 125 24.94 12.52 29.30
CA TYR B 125 23.73 12.68 28.52
C TYR B 125 22.65 11.69 28.97
N ARG B 126 21.42 12.19 29.08
CA ARG B 126 20.30 11.34 29.45
C ARG B 126 19.33 11.25 28.28
N PRO B 127 19.00 10.05 27.80
CA PRO B 127 17.92 9.93 26.82
C PRO B 127 16.60 10.33 27.44
N VAL B 128 15.74 10.95 26.64
CA VAL B 128 14.42 11.41 27.06
C VAL B 128 13.41 10.89 26.06
N ALA B 129 12.36 10.23 26.55
CA ALA B 129 11.40 9.61 25.66
C ALA B 129 10.23 10.54 25.37
N VAL B 130 9.51 10.24 24.29
CA VAL B 130 8.30 10.96 23.92
C VAL B 130 7.14 9.97 23.88
N ALA B 131 6.08 10.28 24.60
CA ALA B 131 4.88 9.46 24.65
C ALA B 131 3.69 10.25 24.15
N LEU B 132 2.86 9.60 23.33
CA LEU B 132 1.63 10.17 22.82
C LEU B 132 0.46 9.54 23.56
N ASP B 133 -0.35 10.37 24.22
CA ASP B 133 -1.52 9.91 24.95
C ASP B 133 -2.76 10.21 24.11
N THR B 134 -3.48 9.17 23.71
CA THR B 134 -4.59 9.33 22.78
C THR B 134 -5.78 9.97 23.47
N LYS B 135 -6.60 10.66 22.68
CA LYS B 135 -7.86 11.20 23.19
C LYS B 135 -8.82 10.07 23.54
N GLY B 136 -8.95 9.08 22.65
CA GLY B 136 -9.81 7.95 22.90
C GLY B 136 -11.28 8.28 22.77
N PRO B 137 -12.13 7.37 23.23
CA PRO B 137 -13.61 7.57 23.16
C PRO B 137 -14.21 8.30 24.37
N GLU B 138 -14.03 9.61 24.43
CA GLU B 138 -14.54 10.41 25.53
C GLU B 138 -15.81 11.15 25.14
N ILE B 139 -16.77 11.18 26.06
CA ILE B 139 -18.06 11.82 25.86
C ILE B 139 -18.01 13.21 26.48
N ARG B 140 -18.36 14.23 25.70
CA ARG B 140 -18.27 15.61 26.14
C ARG B 140 -19.64 16.28 26.06
N THR B 141 -19.84 17.25 26.95
CA THR B 141 -21.11 17.98 27.03
C THR B 141 -21.14 19.15 26.05
N TYR B 181 -20.69 14.13 21.27
CA TYR B 181 -21.32 13.01 20.57
C TYR B 181 -22.16 12.18 21.54
N LYS B 182 -23.17 11.48 21.03
CA LYS B 182 -24.07 10.73 21.88
C LYS B 182 -24.86 9.72 21.07
N ASN B 183 -25.15 8.60 21.70
CA ASN B 183 -26.08 7.58 21.21
C ASN B 183 -26.52 6.75 22.40
N ILE B 184 -26.71 7.43 23.54
CA ILE B 184 -26.96 6.79 24.83
C ILE B 184 -28.24 5.96 24.82
N GLY B 191 -33.01 2.49 35.27
CA GLY B 191 -31.81 2.71 36.06
C GLY B 191 -31.34 4.15 36.05
N SER B 192 -30.11 4.38 36.52
CA SER B 192 -29.54 5.72 36.57
C SER B 192 -28.02 5.68 36.49
N LYS B 193 -27.37 6.51 37.31
CA LYS B 193 -25.91 6.60 37.42
C LYS B 193 -25.27 7.12 36.13
N ILE B 194 -24.97 8.42 36.10
CA ILE B 194 -24.25 9.05 35.00
C ILE B 194 -23.59 10.32 35.52
N TYR B 195 -22.26 10.33 35.56
CA TYR B 195 -21.51 11.44 36.13
C TYR B 195 -21.00 12.37 35.03
N VAL B 196 -20.83 13.64 35.39
CA VAL B 196 -20.42 14.66 34.44
C VAL B 196 -19.37 15.56 35.09
N ASP B 197 -18.54 16.18 34.25
CA ASP B 197 -17.50 17.13 34.67
C ASP B 197 -16.57 16.51 35.72
N ASP B 198 -15.88 15.44 35.29
CA ASP B 198 -14.88 14.77 36.12
C ASP B 198 -15.49 14.28 37.45
N GLY B 199 -16.74 13.82 37.39
CA GLY B 199 -17.43 13.36 38.58
C GLY B 199 -17.82 14.48 39.53
N LEU B 200 -18.51 15.49 39.01
CA LEU B 200 -18.96 16.62 39.81
C LEU B 200 -20.48 16.75 39.84
N ILE B 201 -21.21 15.73 39.37
CA ILE B 201 -22.66 15.74 39.38
C ILE B 201 -23.15 14.33 39.07
N SER B 202 -24.39 14.04 39.43
CA SER B 202 -24.99 12.74 39.13
C SER B 202 -26.45 12.88 38.72
N GLU B 218 -28.36 11.52 44.24
CA GLU B 218 -27.61 11.84 43.03
C GLU B 218 -27.73 13.33 42.69
N ASN B 219 -26.69 14.09 43.03
CA ASN B 219 -26.67 15.52 42.77
C ASN B 219 -25.22 16.01 42.83
N GLY B 220 -25.05 17.31 42.82
CA GLY B 220 -23.72 17.90 42.86
C GLY B 220 -23.76 19.35 42.45
N GLY B 221 -22.61 20.00 42.59
CA GLY B 221 -22.47 21.41 42.28
C GLY B 221 -22.73 21.75 40.83
N GLY B 228 -15.92 16.54 30.56
CA GLY B 228 -16.20 15.19 30.13
C GLY B 228 -17.29 14.50 30.92
N VAL B 229 -17.93 13.51 30.30
CA VAL B 229 -19.01 12.75 30.91
C VAL B 229 -18.55 11.30 31.09
N ASN B 230 -18.93 10.69 32.22
CA ASN B 230 -18.65 9.29 32.49
C ASN B 230 -19.95 8.53 32.74
N LEU B 231 -19.97 7.26 32.33
CA LEU B 231 -21.11 6.37 32.52
C LEU B 231 -20.64 5.16 33.33
N PRO B 232 -20.63 5.27 34.67
CA PRO B 232 -20.17 4.14 35.49
C PRO B 232 -20.95 2.86 35.23
N GLY B 233 -20.30 1.89 34.59
CA GLY B 233 -20.92 0.63 34.26
C GLY B 233 -21.90 0.73 33.10
N ALA B 234 -21.39 0.84 31.88
CA ALA B 234 -22.23 1.01 30.71
C ALA B 234 -21.59 0.36 29.50
N ALA B 235 -22.32 0.36 28.39
CA ALA B 235 -21.87 -0.24 27.16
C ALA B 235 -20.90 0.70 26.43
N VAL B 236 -20.11 0.11 25.54
CA VAL B 236 -19.05 0.83 24.83
C VAL B 236 -19.60 1.15 23.45
N ASP B 237 -20.31 2.28 23.36
CA ASP B 237 -20.90 2.69 22.08
C ASP B 237 -19.82 3.10 21.10
N LEU B 238 -18.86 3.91 21.56
CA LEU B 238 -17.85 4.47 20.67
C LEU B 238 -16.79 3.42 20.32
N PRO B 239 -16.13 3.57 19.17
CA PRO B 239 -15.09 2.61 18.81
C PRO B 239 -13.82 2.82 19.62
N ALA B 240 -12.99 1.78 19.65
CA ALA B 240 -11.74 1.83 20.38
C ALA B 240 -10.80 2.86 19.77
N VAL B 241 -10.66 2.85 18.45
CA VAL B 241 -9.81 3.78 17.73
C VAL B 241 -10.70 4.53 16.74
N SER B 242 -11.08 5.76 17.11
CA SER B 242 -11.90 6.59 16.24
C SER B 242 -11.06 7.14 15.09
N GLU B 243 -11.69 7.96 14.24
CA GLU B 243 -10.98 8.50 13.08
C GLU B 243 -9.98 9.58 13.49
N LYS B 244 -10.26 10.32 14.56
CA LYS B 244 -9.28 11.27 15.06
C LYS B 244 -8.08 10.56 15.67
N ASP B 245 -8.33 9.46 16.40
CA ASP B 245 -7.22 8.68 16.95
C ASP B 245 -6.32 8.13 15.85
N ILE B 246 -6.90 7.69 14.74
CA ILE B 246 -6.09 7.14 13.65
C ILE B 246 -5.11 8.20 13.17
N GLN B 247 -5.59 9.42 12.92
CA GLN B 247 -4.72 10.51 12.49
C GLN B 247 -3.68 10.83 13.54
N ASP B 248 -4.06 10.80 14.83
CA ASP B 248 -3.09 11.07 15.88
C ASP B 248 -2.04 9.97 15.96
N LEU B 249 -2.48 8.71 15.88
CA LEU B 249 -1.54 7.59 15.90
C LEU B 249 -0.62 7.62 14.68
N LYS B 250 -1.15 7.98 13.51
CA LYS B 250 -0.30 8.11 12.33
C LYS B 250 0.67 9.28 12.50
N PHE B 251 0.22 10.36 13.13
CA PHE B 251 1.10 11.49 13.42
C PHE B 251 2.24 11.09 14.36
N GLY B 252 1.95 10.20 15.31
CA GLY B 252 3.00 9.75 16.22
C GLY B 252 4.08 8.96 15.51
N VAL B 253 3.71 8.09 14.58
CA VAL B 253 4.69 7.37 13.79
C VAL B 253 5.56 8.34 12.99
N GLU B 254 4.93 9.38 12.42
CA GLU B 254 5.68 10.36 11.65
C GLU B 254 6.66 11.14 12.53
N GLN B 255 6.23 11.54 13.72
CA GLN B 255 7.10 12.24 14.65
C GLN B 255 8.06 11.31 15.41
N ASP B 256 8.01 10.00 15.15
CA ASP B 256 8.96 9.03 15.70
C ASP B 256 8.87 8.94 17.23
N VAL B 257 7.65 8.81 17.74
CA VAL B 257 7.44 8.71 19.18
C VAL B 257 7.82 7.31 19.66
N ASP B 258 8.22 7.21 20.93
CA ASP B 258 8.71 5.95 21.46
C ASP B 258 7.60 5.06 22.00
N MET B 259 6.47 5.63 22.40
CA MET B 259 5.43 4.82 23.01
C MET B 259 4.11 5.54 22.89
N VAL B 260 3.02 4.77 23.02
CA VAL B 260 1.66 5.26 22.91
C VAL B 260 0.91 4.84 24.15
N PHE B 261 0.29 5.81 24.84
CA PHE B 261 -0.64 5.55 25.93
C PHE B 261 -2.05 5.55 25.35
N ALA B 262 -2.66 4.37 25.24
CA ALA B 262 -3.95 4.21 24.59
C ALA B 262 -5.07 4.30 25.63
N SER B 263 -5.91 5.32 25.51
CA SER B 263 -6.92 5.60 26.52
C SER B 263 -8.11 4.65 26.40
N PHE B 264 -8.67 4.29 27.56
CA PHE B 264 -9.94 3.55 27.66
C PHE B 264 -9.90 2.21 26.93
N ILE B 265 -8.81 1.46 27.14
CA ILE B 265 -8.74 0.10 26.61
C ILE B 265 -9.66 -0.80 27.42
N ARG B 266 -10.53 -1.53 26.72
CA ARG B 266 -11.53 -2.36 27.38
C ARG B 266 -11.39 -3.85 27.12
N LYS B 267 -10.63 -4.25 26.10
CA LYS B 267 -10.48 -5.65 25.75
C LYS B 267 -9.23 -5.80 24.90
N ALA B 268 -8.82 -7.05 24.69
CA ALA B 268 -7.61 -7.31 23.92
C ALA B 268 -7.73 -6.80 22.49
N SER B 269 -8.91 -6.93 21.88
CA SER B 269 -9.06 -6.51 20.49
C SER B 269 -8.91 -4.99 20.33
N ASP B 270 -9.16 -4.22 21.39
CA ASP B 270 -8.82 -2.80 21.37
C ASP B 270 -7.32 -2.59 21.18
N VAL B 271 -6.51 -3.41 21.85
CA VAL B 271 -5.06 -3.30 21.71
C VAL B 271 -4.62 -3.70 20.31
N HIS B 272 -5.18 -4.80 19.80
CA HIS B 272 -4.85 -5.23 18.44
C HIS B 272 -5.25 -4.19 17.41
N GLU B 273 -6.37 -3.50 17.64
CA GLU B 273 -6.78 -2.41 16.75
C GLU B 273 -5.74 -1.31 16.71
N VAL B 274 -5.26 -0.87 17.88
CA VAL B 274 -4.21 0.15 17.92
C VAL B 274 -2.97 -0.34 17.20
N ARG B 275 -2.59 -1.59 17.46
CA ARG B 275 -1.38 -2.16 16.86
C ARG B 275 -1.46 -2.15 15.33
N LYS B 276 -2.63 -2.50 14.78
CA LYS B 276 -2.77 -2.50 13.33
C LYS B 276 -2.60 -1.11 12.75
N VAL B 277 -2.96 -0.06 13.51
CA VAL B 277 -2.86 1.30 12.99
C VAL B 277 -1.41 1.76 12.97
N LEU B 278 -0.62 1.39 13.98
CA LEU B 278 0.80 1.73 13.96
C LEU B 278 1.49 1.05 12.78
N GLY B 279 1.03 -0.14 12.40
CA GLY B 279 1.50 -0.82 11.22
C GLY B 279 2.94 -1.31 11.34
N GLU B 280 3.56 -1.50 10.17
CA GLU B 280 4.93 -1.98 10.10
C GLU B 280 5.94 -0.88 10.36
N LYS B 281 5.62 0.36 9.99
CA LYS B 281 6.56 1.46 10.22
C LYS B 281 6.67 1.80 11.70
N GLY B 282 5.62 1.53 12.48
CA GLY B 282 5.65 1.80 13.90
C GLY B 282 5.54 0.55 14.76
N LYS B 283 6.04 -0.58 14.24
CA LYS B 283 5.92 -1.83 14.97
C LYS B 283 6.80 -1.88 16.22
N ASN B 284 7.83 -1.04 16.28
CA ASN B 284 8.71 -0.97 17.44
C ASN B 284 8.22 0.01 18.50
N ILE B 285 7.10 0.68 18.27
CA ILE B 285 6.54 1.61 19.23
C ILE B 285 5.77 0.82 20.29
N LYS B 286 6.07 1.09 21.57
CA LYS B 286 5.45 0.35 22.67
C LYS B 286 4.03 0.83 22.93
N ILE B 287 3.12 -0.12 23.11
CA ILE B 287 1.72 0.17 23.36
C ILE B 287 1.47 -0.03 24.85
N ILE B 288 1.15 1.06 25.56
CA ILE B 288 0.83 1.03 26.97
C ILE B 288 -0.68 1.19 27.10
N SER B 289 -1.37 0.13 27.51
CA SER B 289 -2.82 0.18 27.64
C SER B 289 -3.21 0.89 28.94
N LYS B 290 -4.02 1.94 28.81
CA LYS B 290 -4.57 2.64 29.97
C LYS B 290 -5.86 1.97 30.42
N ILE B 291 -5.92 1.59 31.69
CA ILE B 291 -7.10 0.94 32.28
C ILE B 291 -7.89 2.01 33.00
N GLU B 292 -9.10 2.30 32.49
CA GLU B 292 -9.86 3.45 32.95
C GLU B 292 -11.29 3.14 33.38
N ASN B 293 -11.75 1.90 33.28
CA ASN B 293 -13.14 1.60 33.63
C ASN B 293 -13.25 0.18 34.17
N HIS B 294 -14.49 -0.18 34.53
CA HIS B 294 -14.75 -1.50 35.10
C HIS B 294 -14.45 -2.61 34.11
N GLU B 295 -14.69 -2.37 32.81
CA GLU B 295 -14.45 -3.40 31.82
C GLU B 295 -12.97 -3.70 31.67
N GLY B 296 -12.12 -2.67 31.66
CA GLY B 296 -10.69 -2.89 31.60
C GLY B 296 -10.16 -3.67 32.79
N VAL B 297 -10.74 -3.45 33.97
CA VAL B 297 -10.31 -4.18 35.15
C VAL B 297 -10.75 -5.64 35.07
N ARG B 298 -11.97 -5.88 34.59
CA ARG B 298 -12.48 -7.25 34.50
C ARG B 298 -11.72 -8.06 33.46
N ARG B 299 -11.32 -7.43 32.36
CA ARG B 299 -10.60 -8.11 31.28
C ARG B 299 -9.10 -7.78 31.31
N PHE B 300 -8.53 -7.63 32.50
CA PHE B 300 -7.16 -7.13 32.59
C PHE B 300 -6.15 -8.15 32.06
N ASP B 301 -6.37 -9.44 32.33
CA ASP B 301 -5.39 -10.44 31.94
C ASP B 301 -5.25 -10.53 30.42
N GLU B 302 -6.36 -10.47 29.69
CA GLU B 302 -6.26 -10.51 28.24
C GLU B 302 -5.70 -9.19 27.69
N ILE B 303 -5.96 -8.06 28.36
CA ILE B 303 -5.38 -6.80 27.94
C ILE B 303 -3.87 -6.79 28.17
N LEU B 304 -3.44 -7.23 29.35
CA LEU B 304 -2.01 -7.27 29.67
C LEU B 304 -1.24 -8.16 28.70
N GLU B 305 -1.81 -9.31 28.34
CA GLU B 305 -1.12 -10.21 27.42
C GLU B 305 -0.91 -9.57 26.04
N ALA B 306 -1.87 -8.78 25.58
CA ALA B 306 -1.76 -8.12 24.28
C ALA B 306 -0.89 -6.86 24.32
N SER B 307 -0.66 -6.30 25.49
CA SER B 307 -0.01 -4.99 25.61
C SER B 307 1.48 -5.13 25.86
N ASP B 308 2.20 -4.03 25.61
CA ASP B 308 3.57 -3.91 26.08
C ASP B 308 3.65 -3.42 27.52
N GLY B 309 2.57 -2.85 28.05
CA GLY B 309 2.57 -2.32 29.40
C GLY B 309 1.22 -1.75 29.76
N ILE B 310 1.10 -1.33 31.02
CA ILE B 310 -0.16 -0.90 31.60
C ILE B 310 0.01 0.45 32.27
N MET B 311 -1.03 1.28 32.19
CA MET B 311 -1.12 2.49 33.00
C MET B 311 -2.36 2.39 33.89
N VAL B 312 -2.15 2.51 35.20
CA VAL B 312 -3.25 2.66 36.13
C VAL B 312 -3.69 4.12 36.07
N ALA B 313 -4.69 4.41 35.24
CA ALA B 313 -5.14 5.78 35.02
C ALA B 313 -6.24 6.07 36.04
N ARG B 314 -5.83 6.56 37.21
CA ARG B 314 -6.75 6.61 38.34
C ARG B 314 -7.80 7.71 38.21
N GLY B 315 -7.55 8.72 37.38
CA GLY B 315 -8.52 9.77 37.16
C GLY B 315 -9.89 9.28 36.74
N ASP B 316 -9.99 8.75 35.51
CA ASP B 316 -11.26 8.16 35.07
C ASP B 316 -11.62 6.93 35.89
N LEU B 317 -10.62 6.14 36.32
CA LEU B 317 -10.91 4.92 37.06
C LEU B 317 -11.66 5.22 38.35
N GLY B 318 -11.29 6.30 39.04
CA GLY B 318 -11.95 6.69 40.28
C GLY B 318 -13.36 7.21 40.10
N ILE B 319 -13.79 7.45 38.86
CA ILE B 319 -15.18 7.79 38.58
C ILE B 319 -15.97 6.58 38.12
N GLU B 320 -15.37 5.75 37.26
CA GLU B 320 -16.06 4.59 36.72
C GLU B 320 -16.35 3.56 37.81
N ILE B 321 -15.45 3.40 38.76
CA ILE B 321 -15.66 2.48 39.89
C ILE B 321 -15.64 3.30 41.16
N PRO B 322 -16.20 2.77 42.24
CA PRO B 322 -16.17 3.50 43.53
C PRO B 322 -14.76 3.97 43.86
N ALA B 323 -14.66 5.20 44.37
CA ALA B 323 -13.36 5.78 44.68
C ALA B 323 -12.64 4.97 45.75
N GLU B 324 -13.38 4.36 46.68
CA GLU B 324 -12.75 3.60 47.75
C GLU B 324 -12.16 2.28 47.26
N LYS B 325 -12.33 1.93 45.99
CA LYS B 325 -11.80 0.68 45.45
C LYS B 325 -10.58 0.89 44.55
N VAL B 326 -10.18 2.14 44.29
CA VAL B 326 -9.10 2.37 43.32
C VAL B 326 -7.79 1.75 43.82
N PHE B 327 -7.53 1.83 45.13
CA PHE B 327 -6.32 1.24 45.66
C PHE B 327 -6.28 -0.27 45.44
N LEU B 328 -7.44 -0.93 45.49
CA LEU B 328 -7.49 -2.37 45.25
C LEU B 328 -7.08 -2.70 43.81
N ALA B 329 -7.70 -2.05 42.84
CA ALA B 329 -7.38 -2.30 41.44
C ALA B 329 -5.95 -1.88 41.12
N GLN B 330 -5.45 -0.82 41.76
CA GLN B 330 -4.07 -0.40 41.52
C GLN B 330 -3.07 -1.47 41.97
N LYS B 331 -3.20 -1.92 43.22
CA LYS B 331 -2.28 -2.94 43.72
C LYS B 331 -2.44 -4.26 42.97
N MET B 332 -3.66 -4.56 42.51
CA MET B 332 -3.89 -5.76 41.73
C MET B 332 -3.14 -5.69 40.40
N MET B 333 -3.22 -4.55 39.71
CA MET B 333 -2.63 -4.45 38.39
C MET B 333 -1.12 -4.34 38.45
N ILE B 334 -0.58 -3.61 39.44
CA ILE B 334 0.86 -3.55 39.62
C ILE B 334 1.42 -4.94 39.93
N GLY B 335 0.71 -5.70 40.77
CA GLY B 335 1.18 -7.04 41.11
C GLY B 335 1.25 -7.95 39.90
N ARG B 336 0.18 -7.98 39.09
CA ARG B 336 0.16 -8.85 37.93
C ARG B 336 1.15 -8.41 36.87
N CYS B 337 1.40 -7.10 36.76
CA CYS B 337 2.42 -6.62 35.84
C CYS B 337 3.82 -7.02 36.30
N ASN B 338 4.08 -6.92 37.62
CA ASN B 338 5.37 -7.39 38.14
C ASN B 338 5.55 -8.87 37.87
N ARG B 339 4.51 -9.67 38.11
CA ARG B 339 4.56 -11.11 37.87
C ARG B 339 4.87 -11.42 36.40
N ALA B 340 4.22 -10.70 35.47
CA ALA B 340 4.45 -10.90 34.05
C ALA B 340 5.70 -10.20 33.53
N GLY B 341 6.39 -9.41 34.36
CA GLY B 341 7.55 -8.69 33.89
C GLY B 341 7.26 -7.62 32.87
N LYS B 342 6.10 -6.97 32.96
CA LYS B 342 5.76 -5.89 32.05
C LYS B 342 5.65 -4.57 32.80
N PRO B 343 6.05 -3.47 32.17
CA PRO B 343 6.06 -2.17 32.87
C PRO B 343 4.67 -1.70 33.25
N VAL B 344 4.57 -1.03 34.40
CA VAL B 344 3.30 -0.51 34.88
C VAL B 344 3.51 0.91 35.40
N ILE B 345 2.65 1.84 34.96
CA ILE B 345 2.71 3.25 35.31
C ILE B 345 1.57 3.57 36.27
N CYS B 346 1.89 4.22 37.38
CA CYS B 346 0.86 4.79 38.27
C CYS B 346 0.67 6.26 37.90
N ALA B 347 -0.56 6.66 37.62
CA ALA B 347 -0.85 7.96 37.03
C ALA B 347 -2.00 8.66 37.75
N THR B 348 -1.94 10.00 37.72
CA THR B 348 -3.03 10.95 37.98
C THR B 348 -3.19 11.34 39.45
N GLN B 349 -3.10 12.65 39.70
CA GLN B 349 -3.38 13.26 41.01
C GLN B 349 -2.40 12.77 42.09
N MET B 350 -1.16 12.45 41.71
CA MET B 350 -0.18 12.03 42.69
C MET B 350 0.29 13.20 43.56
N LEU B 351 0.42 14.38 42.96
CA LEU B 351 0.84 15.60 43.66
C LEU B 351 -0.06 16.76 43.27
N GLU B 352 -1.37 16.51 43.22
CA GLU B 352 -2.32 17.46 42.63
C GLU B 352 -2.22 18.86 43.24
N SER B 353 -2.07 18.93 44.56
CA SER B 353 -2.02 20.23 45.22
C SER B 353 -0.80 21.05 44.82
N MET B 354 0.22 20.42 44.24
CA MET B 354 1.39 21.17 43.79
C MET B 354 1.14 21.95 42.50
N ILE B 355 -0.04 21.81 41.92
CA ILE B 355 -0.46 22.72 40.86
C ILE B 355 -0.48 24.16 41.36
N LYS B 356 -0.96 24.36 42.59
CA LYS B 356 -1.09 25.69 43.18
C LYS B 356 -0.10 25.98 44.30
N LYS B 357 0.57 24.97 44.84
CA LYS B 357 1.42 25.16 46.01
C LYS B 357 2.80 24.57 45.77
N PRO B 358 3.83 25.12 46.41
CA PRO B 358 5.20 24.66 46.15
C PRO B 358 5.61 23.41 46.92
N ARG B 359 4.72 22.84 47.74
CA ARG B 359 5.04 21.67 48.54
C ARG B 359 3.78 20.80 48.63
N PRO B 360 3.94 19.48 48.60
CA PRO B 360 2.77 18.59 48.55
C PRO B 360 2.16 18.39 49.93
N THR B 361 0.94 17.84 49.92
CA THR B 361 0.29 17.40 51.15
C THR B 361 0.90 16.09 51.64
N ARG B 362 0.52 15.70 52.86
CA ARG B 362 1.03 14.47 53.43
C ARG B 362 0.46 13.24 52.73
N ALA B 363 -0.79 13.31 52.27
CA ALA B 363 -1.35 12.21 51.51
C ALA B 363 -0.64 12.03 50.18
N GLU B 364 -0.28 13.15 49.55
CA GLU B 364 0.43 13.07 48.28
C GLU B 364 1.84 12.50 48.46
N GLY B 365 2.51 12.87 49.55
CA GLY B 365 3.83 12.32 49.80
C GLY B 365 3.82 10.82 50.02
N SER B 366 2.78 10.32 50.68
CA SER B 366 2.69 8.89 50.91
C SER B 366 2.14 8.13 49.70
N ASP B 367 1.39 8.82 48.83
CA ASP B 367 0.87 8.18 47.62
C ASP B 367 1.99 7.86 46.64
N VAL B 368 2.94 8.78 46.46
CA VAL B 368 4.09 8.49 45.61
C VAL B 368 4.92 7.34 46.19
N ALA B 369 5.15 7.36 47.50
CA ALA B 369 5.99 6.36 48.13
C ALA B 369 5.35 4.97 48.02
N ASN B 370 4.07 4.87 48.36
CA ASN B 370 3.41 3.57 48.33
C ASN B 370 3.30 3.02 46.91
N ALA B 371 3.16 3.89 45.91
CA ALA B 371 3.17 3.39 44.53
C ALA B 371 4.49 2.72 44.22
N VAL B 372 5.60 3.32 44.65
CA VAL B 372 6.91 2.70 44.45
C VAL B 372 7.03 1.42 45.26
N LEU B 373 6.61 1.45 46.53
CA LEU B 373 6.63 0.22 47.33
C LEU B 373 5.74 -0.86 46.72
N ASP B 374 4.63 -0.48 46.11
CA ASP B 374 3.78 -1.47 45.43
C ASP B 374 4.53 -2.17 44.30
N GLY B 375 5.36 -1.44 43.57
CA GLY B 375 6.10 -2.04 42.48
C GLY B 375 5.95 -1.34 41.14
N ALA B 376 5.44 -0.12 41.15
CA ALA B 376 5.26 0.63 39.91
C ALA B 376 6.61 0.92 39.26
N ASP B 377 6.71 0.65 37.95
CA ASP B 377 7.93 0.97 37.23
C ASP B 377 8.10 2.48 37.09
N CYS B 378 7.03 3.20 36.78
CA CYS B 378 7.07 4.64 36.59
C CYS B 378 5.95 5.31 37.37
N ILE B 379 6.15 6.60 37.64
CA ILE B 379 5.12 7.45 38.21
C ILE B 379 4.95 8.65 37.28
N MET B 380 3.74 9.21 37.26
CA MET B 380 3.40 10.19 36.25
C MET B 380 2.86 11.47 36.89
N LEU B 381 3.22 12.60 36.28
CA LEU B 381 2.66 13.91 36.61
C LEU B 381 1.81 14.40 35.45
N SER B 382 0.63 14.96 35.76
CA SER B 382 -0.29 15.44 34.74
C SER B 382 -0.35 16.95 34.82
N GLY B 383 -1.41 17.53 35.39
CA GLY B 383 -1.50 18.98 35.50
C GLY B 383 -0.38 19.61 36.29
N GLU B 384 0.26 18.84 37.18
CA GLU B 384 1.35 19.37 37.99
C GLU B 384 2.48 19.92 37.12
N THR B 385 2.76 19.27 36.00
CA THR B 385 3.78 19.75 35.07
C THR B 385 3.20 20.46 33.85
N ALA B 386 1.96 20.15 33.47
CA ALA B 386 1.41 20.71 32.23
C ALA B 386 0.94 22.15 32.43
N LYS B 387 0.23 22.43 33.53
CA LYS B 387 -0.44 23.71 33.72
C LYS B 387 -0.17 24.39 35.06
N GLY B 388 0.54 23.75 35.99
CA GLY B 388 0.66 24.30 37.32
C GLY B 388 1.77 25.31 37.47
N ASP B 389 1.81 25.94 38.65
CA ASP B 389 2.76 27.00 38.95
C ASP B 389 4.12 26.51 39.40
N TYR B 390 4.27 25.22 39.71
CA TYR B 390 5.52 24.70 40.25
C TYR B 390 5.93 23.41 39.56
N PRO B 391 6.14 23.45 38.24
CA PRO B 391 6.47 22.20 37.53
C PRO B 391 7.80 21.59 37.95
N LEU B 392 8.84 22.41 38.14
CA LEU B 392 10.14 21.87 38.55
C LEU B 392 10.06 21.24 39.93
N GLU B 393 9.42 21.92 40.88
CA GLU B 393 9.34 21.41 42.24
C GLU B 393 8.61 20.07 42.29
N ALA B 394 7.58 19.90 41.46
CA ALA B 394 6.87 18.63 41.45
C ALA B 394 7.75 17.51 40.91
N VAL B 395 8.55 17.79 39.89
CA VAL B 395 9.48 16.79 39.37
C VAL B 395 10.53 16.44 40.40
N ARG B 396 11.05 17.46 41.10
CA ARG B 396 12.04 17.22 42.13
C ARG B 396 11.48 16.40 43.27
N MET B 397 10.21 16.63 43.62
CA MET B 397 9.62 15.92 44.76
C MET B 397 9.40 14.45 44.42
N GLN B 398 8.96 14.15 43.20
CA GLN B 398 8.82 12.74 42.82
C GLN B 398 10.18 12.05 42.83
N HIS B 399 11.23 12.76 42.42
CA HIS B 399 12.57 12.19 42.43
C HIS B 399 13.01 11.84 43.85
N LEU B 400 12.80 12.77 44.79
CA LEU B 400 13.26 12.57 46.16
C LEU B 400 12.47 11.46 46.87
N ILE B 401 11.15 11.45 46.70
CA ILE B 401 10.34 10.43 47.36
C ILE B 401 10.69 9.06 46.81
N ALA B 402 10.77 8.94 45.49
CA ALA B 402 10.99 7.64 44.86
C ALA B 402 12.30 7.03 45.35
N ARG B 403 13.35 7.84 45.42
CA ARG B 403 14.63 7.34 45.91
C ARG B 403 14.53 6.89 47.37
N GLU B 404 13.75 7.60 48.19
CA GLU B 404 13.58 7.17 49.58
C GLU B 404 12.84 5.85 49.65
N ALA B 405 11.74 5.72 48.89
CA ALA B 405 10.93 4.51 48.96
C ALA B 405 11.67 3.29 48.42
N GLU B 406 12.54 3.47 47.42
CA GLU B 406 13.27 2.34 46.87
C GLU B 406 14.20 1.72 47.90
N ALA B 407 14.78 2.54 48.77
CA ALA B 407 15.62 2.00 49.82
C ALA B 407 14.82 1.19 50.83
N ALA B 408 13.53 1.49 50.97
CA ALA B 408 12.66 0.84 51.95
C ALA B 408 12.00 -0.43 51.43
N ILE B 409 12.24 -0.80 50.18
CA ILE B 409 11.67 -2.05 49.67
C ILE B 409 12.28 -3.23 50.40
N TYR B 410 11.44 -4.23 50.71
CA TYR B 410 11.87 -5.44 51.42
C TYR B 410 12.31 -6.47 50.37
N HIS B 411 13.52 -6.26 49.84
CA HIS B 411 14.01 -7.07 48.71
C HIS B 411 14.07 -8.55 49.06
N LEU B 412 14.32 -8.89 50.32
CA LEU B 412 14.47 -10.29 50.68
C LEU B 412 13.18 -11.07 50.42
N GLN B 413 12.02 -10.44 50.66
CA GLN B 413 10.77 -11.11 50.34
C GLN B 413 10.42 -10.96 48.86
N LEU B 414 10.67 -9.78 48.28
CA LEU B 414 10.28 -9.55 46.89
C LEU B 414 11.03 -10.47 45.94
N PHE B 415 12.35 -10.58 46.11
CA PHE B 415 13.15 -11.40 45.21
C PHE B 415 12.80 -12.87 45.32
N GLU B 416 12.63 -13.37 46.55
CA GLU B 416 12.20 -14.76 46.74
C GLU B 416 10.86 -15.02 46.08
N GLU B 417 9.89 -14.12 46.26
CA GLU B 417 8.56 -14.37 45.72
C GLU B 417 8.50 -14.20 44.21
N LEU B 418 9.33 -13.31 43.64
CA LEU B 418 9.34 -13.17 42.19
C LEU B 418 9.87 -14.43 41.52
N ARG B 419 10.86 -15.09 42.14
CA ARG B 419 11.40 -16.32 41.56
C ARG B 419 10.44 -17.49 41.71
N ARG B 420 9.86 -17.66 42.92
CA ARG B 420 8.93 -18.76 43.14
C ARG B 420 7.75 -18.70 42.19
N LEU B 421 7.34 -17.50 41.78
CA LEU B 421 6.23 -17.35 40.85
C LEU B 421 6.66 -17.31 39.39
N ALA B 422 7.97 -17.23 39.11
CA ALA B 422 8.34 -17.24 37.70
C ALA B 422 8.54 -18.69 37.23
N PRO B 423 8.13 -19.00 36.00
CA PRO B 423 8.24 -20.39 35.51
C PRO B 423 9.67 -20.73 35.13
N ILE B 424 9.90 -22.04 34.95
CA ILE B 424 11.18 -22.50 34.42
C ILE B 424 11.32 -22.04 32.97
N THR B 425 12.57 -22.03 32.50
CA THR B 425 12.86 -21.49 31.18
C THR B 425 13.95 -22.30 30.49
N SER B 426 13.92 -22.27 29.17
CA SER B 426 15.03 -22.73 28.35
C SER B 426 15.78 -21.58 27.71
N ASP B 427 15.35 -20.34 27.93
CA ASP B 427 16.00 -19.18 27.33
C ASP B 427 17.28 -18.88 28.09
N PRO B 428 18.45 -18.95 27.45
CA PRO B 428 19.71 -18.66 28.17
C PRO B 428 19.76 -17.28 28.78
N THR B 429 19.16 -16.28 28.12
CA THR B 429 19.17 -14.91 28.66
C THR B 429 18.37 -14.81 29.96
N GLU B 430 17.28 -15.56 30.08
CA GLU B 430 16.48 -15.51 31.30
C GLU B 430 17.25 -16.12 32.47
N ALA B 431 17.92 -17.26 32.25
CA ALA B 431 18.71 -17.88 33.30
C ALA B 431 19.89 -17.00 33.69
N THR B 432 20.57 -16.42 32.71
CA THR B 432 21.67 -15.51 32.99
C THR B 432 21.20 -14.30 33.78
N ALA B 433 20.00 -13.81 33.50
CA ALA B 433 19.51 -12.60 34.15
C ALA B 433 19.23 -12.84 35.64
N VAL B 434 18.56 -13.94 35.98
CA VAL B 434 18.26 -14.19 37.39
C VAL B 434 19.54 -14.54 38.15
N GLY B 435 20.50 -15.20 37.49
CA GLY B 435 21.79 -15.43 38.12
C GLY B 435 22.56 -14.16 38.41
N ALA B 436 22.44 -13.17 37.52
CA ALA B 436 23.08 -11.87 37.75
C ALA B 436 22.46 -11.13 38.93
N VAL B 437 21.13 -11.20 39.05
CA VAL B 437 20.47 -10.48 40.13
C VAL B 437 20.81 -11.12 41.49
N GLU B 438 20.80 -12.45 41.54
CA GLU B 438 21.23 -13.15 42.74
C GLU B 438 22.68 -12.83 43.10
N ALA B 439 23.55 -12.78 42.09
CA ALA B 439 24.95 -12.45 42.34
C ALA B 439 25.11 -11.00 42.80
N SER B 440 24.27 -10.09 42.31
CA SER B 440 24.40 -8.69 42.71
C SER B 440 23.99 -8.49 44.17
N PHE B 441 23.00 -9.25 44.65
CA PHE B 441 22.67 -9.22 46.07
C PHE B 441 23.80 -9.83 46.91
N LYS B 442 24.47 -10.86 46.38
CA LYS B 442 25.47 -11.60 47.15
C LYS B 442 26.71 -10.74 47.41
N CYS B 443 27.10 -9.90 46.46
CA CYS B 443 28.32 -9.10 46.59
C CYS B 443 28.03 -7.61 46.68
N CYS B 444 26.78 -7.24 46.98
CA CYS B 444 26.38 -5.84 47.16
C CYS B 444 26.86 -4.98 45.99
N SER B 445 26.52 -5.42 44.78
CA SER B 445 27.06 -4.82 43.57
C SER B 445 26.65 -3.35 43.45
N GLY B 446 27.55 -2.56 42.89
CA GLY B 446 27.22 -1.17 42.59
C GLY B 446 26.34 -0.98 41.38
N ALA B 447 26.30 -1.97 40.49
CA ALA B 447 25.47 -1.90 39.30
C ALA B 447 25.49 -3.25 38.60
N ILE B 448 24.51 -3.44 37.72
CA ILE B 448 24.54 -4.50 36.73
C ILE B 448 24.66 -3.80 35.38
N ILE B 449 25.76 -4.06 34.68
CA ILE B 449 26.00 -3.50 33.35
C ILE B 449 25.53 -4.52 32.32
N VAL B 450 24.63 -4.10 31.44
CA VAL B 450 24.03 -4.99 30.45
C VAL B 450 24.25 -4.36 29.07
N LEU B 451 24.84 -5.12 28.16
CA LEU B 451 24.96 -4.73 26.76
C LEU B 451 23.75 -5.28 26.02
N THR B 452 22.97 -4.40 25.40
CA THR B 452 21.75 -4.84 24.75
C THR B 452 21.45 -3.96 23.53
N LYS B 453 20.95 -4.59 22.47
CA LYS B 453 20.55 -3.91 21.24
C LYS B 453 19.10 -3.49 21.27
N SER B 454 18.20 -4.40 21.66
CA SER B 454 16.78 -4.14 21.72
C SER B 454 16.28 -3.80 23.12
N GLY B 455 17.13 -3.91 24.15
CA GLY B 455 16.74 -3.67 25.51
C GLY B 455 16.26 -4.91 26.25
N ARG B 456 15.84 -5.95 25.52
CA ARG B 456 15.24 -7.14 26.12
C ARG B 456 16.10 -7.71 27.24
N SER B 457 17.42 -7.78 27.03
CA SER B 457 18.30 -8.33 28.06
C SER B 457 18.21 -7.54 29.35
N ALA B 458 18.11 -6.21 29.24
CA ALA B 458 17.97 -5.37 30.43
C ALA B 458 16.59 -5.49 31.04
N HIS B 459 15.55 -5.59 30.20
CA HIS B 459 14.20 -5.81 30.71
C HIS B 459 14.12 -7.07 31.55
N GLN B 460 14.80 -8.14 31.12
CA GLN B 460 14.69 -9.39 31.86
C GLN B 460 15.44 -9.31 33.19
N VAL B 461 16.45 -8.46 33.28
CA VAL B 461 17.11 -8.21 34.56
C VAL B 461 16.20 -7.39 35.46
N ALA B 462 15.62 -6.31 34.92
CA ALA B 462 14.72 -5.46 35.70
C ALA B 462 13.53 -6.25 36.23
N ARG B 463 13.15 -7.32 35.54
CA ARG B 463 12.02 -8.15 35.97
C ARG B 463 12.20 -8.67 37.40
N TYR B 464 13.44 -8.92 37.82
CA TYR B 464 13.71 -9.51 39.13
C TYR B 464 14.06 -8.48 40.18
N ARG B 465 14.00 -7.19 39.84
CA ARG B 465 14.07 -6.08 40.78
C ARG B 465 15.34 -6.07 41.64
N PRO B 466 16.52 -5.99 41.05
CA PRO B 466 17.72 -5.81 41.87
C PRO B 466 17.68 -4.48 42.61
N ARG B 467 18.41 -4.44 43.73
CA ARG B 467 18.62 -3.16 44.39
C ARG B 467 19.55 -2.27 43.56
N ALA B 468 20.55 -2.87 42.94
CA ALA B 468 21.57 -2.11 42.21
C ALA B 468 21.00 -1.57 40.89
N PRO B 469 21.46 -0.41 40.45
CA PRO B 469 21.01 0.11 39.16
C PRO B 469 21.47 -0.76 38.00
N ILE B 470 20.67 -0.77 36.94
CA ILE B 470 20.97 -1.53 35.73
C ILE B 470 21.40 -0.52 34.68
N ILE B 471 22.70 -0.50 34.37
CA ILE B 471 23.24 0.39 33.35
C ILE B 471 23.17 -0.36 32.02
N ALA B 472 22.17 -0.03 31.21
CA ALA B 472 21.95 -0.67 29.93
C ALA B 472 22.70 0.14 28.87
N VAL B 473 23.73 -0.46 28.28
CA VAL B 473 24.53 0.18 27.26
C VAL B 473 24.01 -0.25 25.89
N THR B 474 23.60 0.72 25.09
CA THR B 474 23.05 0.44 23.76
C THR B 474 23.57 1.46 22.78
N ARG B 475 23.58 1.07 21.49
CA ARG B 475 23.80 2.01 20.41
C ARG B 475 22.51 2.40 19.71
N ASN B 476 21.40 1.76 20.05
CA ASN B 476 20.10 2.06 19.45
C ASN B 476 19.44 3.20 20.23
N PRO B 477 19.25 4.37 19.63
CA PRO B 477 18.66 5.50 20.39
C PRO B 477 17.24 5.22 20.87
N GLN B 478 16.43 4.54 20.07
CA GLN B 478 15.07 4.24 20.50
C GLN B 478 15.06 3.26 21.66
N THR B 479 15.97 2.28 21.65
CA THR B 479 16.10 1.37 22.77
C THR B 479 16.43 2.11 24.05
N ALA B 480 17.30 3.12 23.97
CA ALA B 480 17.67 3.88 25.15
C ALA B 480 16.48 4.66 25.70
N ARG B 481 15.70 5.28 24.81
CA ARG B 481 14.56 6.07 25.28
C ARG B 481 13.46 5.18 25.83
N GLN B 482 13.25 4.01 25.23
CA GLN B 482 12.20 3.11 25.70
C GLN B 482 12.59 2.39 27.00
N ALA B 483 13.86 2.45 27.41
CA ALA B 483 14.28 1.77 28.64
C ALA B 483 13.70 2.42 29.88
N HIS B 484 13.25 3.68 29.79
CA HIS B 484 12.72 4.38 30.96
C HIS B 484 11.45 3.75 31.50
N LEU B 485 10.77 2.92 30.71
CA LEU B 485 9.54 2.28 31.16
C LEU B 485 9.77 1.23 32.25
N TYR B 486 11.01 0.82 32.49
CA TYR B 486 11.31 -0.30 33.38
C TYR B 486 12.02 0.21 34.62
N ARG B 487 11.53 -0.21 35.78
CA ARG B 487 12.19 0.09 37.05
C ARG B 487 13.66 -0.31 37.00
N GLY B 488 14.53 0.65 37.30
CA GLY B 488 15.93 0.36 37.54
C GLY B 488 16.83 0.43 36.32
N ILE B 489 16.27 0.50 35.11
CA ILE B 489 17.11 0.55 33.92
C ILE B 489 17.55 1.99 33.70
N PHE B 490 18.85 2.24 33.82
CA PHE B 490 19.47 3.52 33.55
C PHE B 490 20.13 3.45 32.18
N PRO B 491 19.49 3.94 31.12
CA PRO B 491 20.07 3.79 29.78
C PRO B 491 21.18 4.78 29.50
N VAL B 492 22.19 4.31 28.77
CA VAL B 492 23.26 5.16 28.26
C VAL B 492 23.47 4.84 26.79
N LEU B 493 23.56 5.88 25.97
CA LEU B 493 23.68 5.75 24.53
C LEU B 493 25.14 5.88 24.12
N CYS B 494 25.70 4.79 23.58
CA CYS B 494 27.08 4.78 23.13
C CYS B 494 27.16 5.36 21.72
N LYS B 495 27.94 6.43 21.57
CA LYS B 495 28.13 7.09 20.28
C LYS B 495 29.41 6.67 19.58
N ASP B 496 30.27 5.88 20.24
CA ASP B 496 31.55 5.51 19.66
C ASP B 496 31.36 4.61 18.44
N PRO B 497 32.28 4.68 17.48
CA PRO B 497 32.19 3.78 16.33
C PRO B 497 32.52 2.35 16.71
N VAL B 498 32.00 1.42 15.90
CA VAL B 498 32.19 0.01 16.19
C VAL B 498 33.63 -0.41 15.89
N GLN B 499 34.19 -1.23 16.77
CA GLN B 499 35.55 -1.72 16.62
C GLN B 499 35.56 -2.98 15.77
N GLU B 500 36.61 -3.14 14.96
CA GLU B 500 36.69 -4.28 14.06
C GLU B 500 36.80 -5.60 14.82
N ALA B 501 37.44 -5.59 15.98
CA ALA B 501 37.50 -6.76 16.85
C ALA B 501 36.31 -6.71 17.80
N TRP B 502 35.48 -7.75 17.77
CA TRP B 502 34.26 -7.73 18.55
C TRP B 502 34.55 -7.72 20.05
N ALA B 503 35.55 -8.49 20.48
CA ALA B 503 35.92 -8.47 21.89
C ALA B 503 36.33 -7.07 22.34
N GLU B 504 37.01 -6.33 21.46
CA GLU B 504 37.40 -4.96 21.80
C GLU B 504 36.19 -4.05 21.83
N ASP B 505 35.23 -4.26 20.94
CA ASP B 505 34.03 -3.44 20.95
C ASP B 505 33.20 -3.68 22.20
N VAL B 506 33.21 -4.92 22.70
CA VAL B 506 32.53 -5.23 23.95
C VAL B 506 33.19 -4.49 25.11
N ASP B 507 34.53 -4.51 25.15
CA ASP B 507 35.25 -3.86 26.23
C ASP B 507 35.06 -2.35 26.20
N LEU B 508 34.95 -1.77 25.00
CA LEU B 508 34.69 -0.34 24.87
C LEU B 508 33.37 0.04 25.54
N ARG B 509 32.30 -0.69 25.20
CA ARG B 509 30.99 -0.38 25.77
C ARG B 509 30.96 -0.63 27.27
N VAL B 510 31.64 -1.69 27.74
CA VAL B 510 31.72 -1.93 29.18
C VAL B 510 32.45 -0.79 29.87
N ASN B 511 33.58 -0.36 29.30
CA ASN B 511 34.33 0.75 29.90
C ASN B 511 33.54 2.06 29.87
N PHE B 512 32.71 2.26 28.84
CA PHE B 512 31.83 3.43 28.82
C PHE B 512 30.87 3.41 30.00
N ALA B 513 30.27 2.26 30.29
CA ALA B 513 29.37 2.16 31.43
C ALA B 513 30.11 2.40 32.74
N MET B 514 31.37 1.96 32.82
CA MET B 514 32.18 2.21 34.01
C MET B 514 32.36 3.71 34.22
N ASN B 515 32.69 4.45 33.16
CA ASN B 515 32.90 5.89 33.31
C ASN B 515 31.60 6.60 33.66
N VAL B 516 30.48 6.15 33.09
CA VAL B 516 29.19 6.71 33.45
C VAL B 516 28.90 6.46 34.93
N GLY B 517 29.16 5.24 35.41
CA GLY B 517 28.87 4.94 36.81
C GLY B 517 29.73 5.73 37.78
N LYS B 518 31.02 5.90 37.45
CA LYS B 518 31.90 6.72 38.28
C LYS B 518 31.45 8.18 38.28
N ALA B 519 31.15 8.73 37.09
CA ALA B 519 30.79 10.14 37.00
C ALA B 519 29.47 10.44 37.71
N ARG B 520 28.59 9.45 37.84
CA ARG B 520 27.29 9.67 38.47
C ARG B 520 27.25 9.21 39.92
N GLY B 521 28.38 8.78 40.47
CA GLY B 521 28.41 8.37 41.85
C GLY B 521 27.70 7.05 42.15
N PHE B 522 27.44 6.23 41.14
CA PHE B 522 26.86 4.92 41.40
C PHE B 522 27.86 4.00 42.10
N PHE B 523 29.14 4.15 41.80
CA PHE B 523 30.21 3.31 42.35
C PHE B 523 31.53 4.02 42.07
N LYS B 524 32.62 3.44 42.56
CA LYS B 524 33.94 4.01 42.37
C LYS B 524 34.95 2.89 42.14
N LYS B 525 36.19 3.30 41.84
CA LYS B 525 37.27 2.36 41.60
C LYS B 525 37.39 1.34 42.72
N GLY B 526 37.52 0.07 42.35
CA GLY B 526 37.66 -1.01 43.30
C GLY B 526 36.37 -1.70 43.68
N ASP B 527 35.22 -1.04 43.50
CA ASP B 527 33.95 -1.69 43.74
C ASP B 527 33.74 -2.83 42.75
N VAL B 528 32.81 -3.72 43.08
CA VAL B 528 32.53 -4.89 42.26
C VAL B 528 31.21 -4.67 41.53
N VAL B 529 31.19 -5.00 40.24
CA VAL B 529 29.99 -4.87 39.43
C VAL B 529 29.77 -6.14 38.63
N ILE B 530 28.52 -6.36 38.23
CA ILE B 530 28.11 -7.47 37.37
C ILE B 530 28.01 -6.96 35.95
N VAL B 531 28.57 -7.72 35.00
CA VAL B 531 28.59 -7.34 33.59
C VAL B 531 27.97 -8.48 32.79
N LEU B 532 26.96 -8.14 31.98
CA LEU B 532 26.20 -9.11 31.21
C LEU B 532 26.42 -8.84 29.73
N THR B 533 26.94 -9.85 29.02
CA THR B 533 27.22 -9.75 27.59
C THR B 533 26.81 -11.07 26.93
N GLY B 534 27.00 -11.14 25.61
CA GLY B 534 26.77 -12.35 24.86
C GLY B 534 28.07 -12.93 24.31
N TRP B 535 27.92 -14.06 23.63
CA TRP B 535 29.06 -14.76 23.03
C TRP B 535 29.24 -14.44 21.55
N ARG B 536 28.35 -13.64 20.96
CA ARG B 536 28.44 -13.28 19.56
C ARG B 536 27.58 -12.05 19.32
N PRO B 537 27.88 -11.26 18.30
CA PRO B 537 27.07 -10.07 18.03
C PRO B 537 25.66 -10.43 17.59
N GLY B 538 24.73 -9.54 17.88
CA GLY B 538 23.34 -9.74 17.54
C GLY B 538 22.48 -9.91 18.77
N SER B 539 21.20 -9.55 18.64
CA SER B 539 20.25 -9.69 19.74
C SER B 539 19.84 -11.13 19.93
N GLY B 540 19.69 -11.53 21.19
CA GLY B 540 19.20 -12.86 21.54
C GLY B 540 20.26 -13.79 22.09
N PHE B 541 21.52 -13.36 22.20
CA PHE B 541 22.60 -14.23 22.62
C PHE B 541 23.17 -13.86 23.98
N THR B 542 22.49 -13.01 24.75
CA THR B 542 22.98 -12.67 26.09
C THR B 542 23.06 -13.92 26.95
N ASN B 543 24.27 -14.32 27.34
CA ASN B 543 24.42 -15.55 28.10
C ASN B 543 25.66 -15.56 28.98
N THR B 544 26.32 -14.42 29.19
CA THR B 544 27.60 -14.35 29.88
C THR B 544 27.49 -13.35 31.01
N MET B 545 27.71 -13.80 32.24
CA MET B 545 27.78 -12.95 33.42
C MET B 545 29.19 -12.98 33.99
N ARG B 546 29.79 -11.81 34.19
CA ARG B 546 31.12 -11.69 34.78
C ARG B 546 31.07 -10.77 36.00
N VAL B 547 31.83 -11.11 37.02
CA VAL B 547 31.92 -10.33 38.25
C VAL B 547 33.28 -9.63 38.24
N VAL B 548 33.28 -8.31 38.05
CA VAL B 548 34.54 -7.60 37.78
C VAL B 548 34.68 -6.36 38.64
N PRO B 549 35.89 -5.99 39.01
CA PRO B 549 36.10 -4.74 39.74
C PRO B 549 36.08 -3.54 38.80
N VAL B 550 35.64 -2.42 39.34
CA VAL B 550 35.63 -1.17 38.57
C VAL B 550 37.06 -0.67 38.42
N PRO B 551 37.55 -0.40 37.19
CA PRO B 551 38.92 0.07 36.98
C PRO B 551 39.14 1.52 37.43
N THR C 35 51.98 -28.02 -20.85
CA THR C 35 51.51 -26.90 -20.03
C THR C 35 50.14 -26.41 -20.49
N GLN C 36 49.25 -26.18 -19.51
CA GLN C 36 47.89 -25.70 -19.76
C GLN C 36 47.07 -26.69 -20.61
N GLN C 37 47.42 -27.98 -20.54
CA GLN C 37 46.74 -29.03 -21.31
C GLN C 37 46.67 -28.69 -22.80
N LEU C 38 47.69 -27.98 -23.29
CA LEU C 38 47.69 -27.57 -24.70
C LEU C 38 47.82 -28.75 -25.65
N HIS C 39 48.40 -29.86 -25.19
CA HIS C 39 48.49 -31.06 -26.03
C HIS C 39 47.11 -31.70 -26.24
N ALA C 40 46.27 -31.70 -25.19
CA ALA C 40 44.91 -32.19 -25.34
C ALA C 40 44.04 -31.22 -26.12
N ALA C 41 44.41 -29.94 -26.18
CA ALA C 41 43.63 -28.95 -26.91
C ALA C 41 43.72 -29.12 -28.42
N MET C 42 44.80 -29.74 -28.92
CA MET C 42 45.00 -29.97 -30.35
C MET C 42 44.46 -31.30 -30.82
N ALA C 43 43.72 -32.02 -29.98
CA ALA C 43 43.16 -33.31 -30.38
C ALA C 43 41.98 -33.11 -31.32
N ASP C 44 41.85 -34.04 -32.29
CA ASP C 44 40.80 -33.93 -33.30
C ASP C 44 39.44 -34.42 -32.81
N THR C 45 39.40 -35.27 -31.79
CA THR C 45 38.15 -35.75 -31.22
C THR C 45 38.12 -35.46 -29.72
N PHE C 46 36.91 -35.46 -29.16
CA PHE C 46 36.76 -35.25 -27.73
C PHE C 46 37.31 -36.43 -26.94
N LEU C 47 37.14 -37.64 -27.48
CA LEU C 47 37.66 -38.83 -26.81
C LEU C 47 39.19 -38.80 -26.76
N GLU C 48 39.83 -38.43 -27.86
CA GLU C 48 41.29 -38.30 -27.84
C GLU C 48 41.73 -37.13 -26.97
N HIS C 49 40.88 -36.09 -26.87
CA HIS C 49 41.16 -35.00 -25.94
C HIS C 49 41.22 -35.50 -24.50
N MET C 50 40.27 -36.36 -24.11
CA MET C 50 40.30 -36.95 -22.77
C MET C 50 41.54 -37.81 -22.59
N CYS C 51 41.90 -38.61 -23.61
CA CYS C 51 43.06 -39.48 -23.52
C CYS C 51 44.36 -38.71 -23.30
N ARG C 52 44.41 -37.43 -23.69
CA ARG C 52 45.61 -36.62 -23.56
C ARG C 52 45.66 -35.80 -22.28
N LEU C 53 44.63 -35.85 -21.44
CA LEU C 53 44.65 -35.09 -20.19
C LEU C 53 45.80 -35.56 -19.31
N ASP C 54 46.65 -34.62 -18.91
CA ASP C 54 47.93 -34.92 -18.28
C ASP C 54 48.02 -34.22 -16.93
N ILE C 55 48.15 -35.01 -15.86
CA ILE C 55 48.30 -34.46 -14.52
C ILE C 55 49.63 -33.75 -14.33
N ASP C 56 50.57 -33.91 -15.27
CA ASP C 56 51.85 -33.21 -15.23
C ASP C 56 51.87 -31.99 -16.15
N SER C 57 50.72 -31.54 -16.64
CA SER C 57 50.63 -30.34 -17.45
C SER C 57 50.12 -29.20 -16.57
N PRO C 58 51.00 -28.39 -15.99
CA PRO C 58 50.56 -27.41 -15.00
C PRO C 58 49.73 -26.33 -15.65
N PRO C 59 48.76 -25.76 -14.93
CA PRO C 59 47.89 -24.74 -15.51
C PRO C 59 48.55 -23.37 -15.53
N ILE C 60 47.95 -22.48 -16.32
CA ILE C 60 48.36 -21.08 -16.35
C ILE C 60 48.00 -20.45 -15.02
N THR C 61 48.37 -19.19 -14.83
CA THR C 61 48.18 -18.54 -13.54
C THR C 61 46.73 -18.12 -13.32
N ALA C 62 46.11 -17.51 -14.32
CA ALA C 62 44.78 -16.95 -14.14
C ALA C 62 43.76 -18.05 -13.88
N ARG C 63 42.80 -17.74 -13.01
CA ARG C 63 41.66 -18.61 -12.71
C ARG C 63 40.41 -17.88 -13.18
N ASN C 64 39.74 -18.44 -14.19
CA ASN C 64 38.67 -17.73 -14.88
C ASN C 64 37.32 -17.84 -14.21
N THR C 65 37.10 -18.88 -13.41
CA THR C 65 35.80 -19.12 -12.81
C THR C 65 35.62 -18.27 -11.55
N GLY C 66 34.48 -17.57 -11.47
CA GLY C 66 34.21 -16.77 -10.29
C GLY C 66 33.85 -17.61 -9.09
N ILE C 67 34.21 -17.09 -7.91
CA ILE C 67 34.02 -17.79 -6.63
C ILE C 67 33.11 -16.95 -5.76
N ILE C 68 31.93 -17.49 -5.44
CA ILE C 68 30.98 -16.84 -4.56
C ILE C 68 31.03 -17.54 -3.20
N CYS C 69 31.02 -16.76 -2.11
CA CYS C 69 31.15 -17.29 -0.76
C CYS C 69 30.05 -16.74 0.12
N THR C 70 29.32 -17.64 0.77
CA THR C 70 28.29 -17.23 1.71
C THR C 70 28.93 -16.85 3.03
N ILE C 71 28.62 -15.65 3.53
CA ILE C 71 29.23 -15.11 4.72
C ILE C 71 28.34 -15.42 5.92
N GLY C 72 28.96 -15.81 7.02
CA GLY C 72 28.25 -16.12 8.24
C GLY C 72 29.19 -16.07 9.43
N PRO C 73 28.81 -16.74 10.53
CA PRO C 73 29.62 -16.68 11.76
C PRO C 73 31.09 -17.03 11.57
N ALA C 74 31.39 -17.99 10.70
CA ALA C 74 32.76 -18.44 10.53
C ALA C 74 33.60 -17.53 9.64
N SER C 75 33.00 -16.51 9.02
CA SER C 75 33.71 -15.75 8.00
C SER C 75 33.40 -14.25 8.00
N ARG C 76 32.56 -13.74 8.89
CA ARG C 76 32.12 -12.36 8.77
C ARG C 76 33.04 -11.37 9.48
N SER C 77 34.11 -11.81 10.13
CA SER C 77 35.04 -10.88 10.73
C SER C 77 35.88 -10.20 9.66
N VAL C 78 36.18 -8.92 9.88
CA VAL C 78 37.07 -8.19 8.95
C VAL C 78 38.39 -8.91 8.79
N GLU C 79 38.88 -9.56 9.86
CA GLU C 79 40.15 -10.26 9.79
C GLU C 79 40.05 -11.49 8.88
N THR C 80 38.99 -12.29 9.05
CA THR C 80 38.82 -13.46 8.20
C THR C 80 38.49 -13.06 6.77
N LEU C 81 37.65 -12.04 6.60
CA LEU C 81 37.27 -11.58 5.27
C LEU C 81 38.49 -11.19 4.46
N LYS C 82 39.46 -10.52 5.08
CA LYS C 82 40.70 -10.20 4.37
C LYS C 82 41.36 -11.47 3.83
N GLU C 83 41.30 -12.57 4.58
CA GLU C 83 41.87 -13.82 4.11
C GLU C 83 40.97 -14.53 3.10
N MET C 84 39.65 -14.31 3.18
CA MET C 84 38.77 -14.78 2.12
C MET C 84 39.14 -14.16 0.78
N ILE C 85 39.45 -12.87 0.78
CA ILE C 85 39.80 -12.16 -0.44
C ILE C 85 41.13 -12.66 -0.99
N LYS C 86 42.12 -12.83 -0.12
CA LYS C 86 43.43 -13.29 -0.58
C LYS C 86 43.39 -14.72 -1.08
N SER C 87 42.39 -15.51 -0.66
CA SER C 87 42.26 -16.88 -1.12
C SER C 87 41.40 -17.02 -2.37
N GLY C 88 40.74 -15.94 -2.81
CA GLY C 88 40.11 -15.98 -4.11
C GLY C 88 38.63 -15.66 -4.15
N MET C 89 38.04 -15.30 -3.01
CA MET C 89 36.64 -14.91 -3.01
C MET C 89 36.42 -13.67 -3.87
N ASN C 90 35.45 -13.74 -4.77
CA ASN C 90 35.07 -12.63 -5.62
C ASN C 90 33.74 -12.00 -5.24
N VAL C 91 32.82 -12.79 -4.68
CA VAL C 91 31.50 -12.33 -4.32
C VAL C 91 31.19 -12.82 -2.92
N ALA C 92 30.85 -11.90 -2.02
CA ALA C 92 30.36 -12.22 -0.70
C ALA C 92 28.84 -12.27 -0.73
N ARG C 93 28.27 -13.43 -0.43
CA ARG C 93 26.83 -13.64 -0.47
C ARG C 93 26.24 -13.50 0.93
N LEU C 94 25.12 -12.79 1.02
CA LEU C 94 24.40 -12.61 2.28
C LEU C 94 23.04 -13.28 2.14
N ASN C 95 22.73 -14.18 3.06
CA ASN C 95 21.51 -14.98 3.00
C ASN C 95 20.48 -14.37 3.95
N PHE C 96 19.42 -13.81 3.37
CA PHE C 96 18.38 -13.13 4.13
C PHE C 96 17.29 -14.07 4.61
N SER C 97 17.50 -15.38 4.49
CA SER C 97 16.63 -16.31 5.20
C SER C 97 16.78 -16.17 6.71
N HIS C 98 17.90 -15.64 7.17
CA HIS C 98 18.17 -15.45 8.59
C HIS C 98 18.83 -14.09 8.78
N GLY C 99 18.74 -13.59 10.01
CA GLY C 99 19.36 -12.33 10.37
C GLY C 99 18.43 -11.14 10.22
N THR C 100 18.81 -10.04 10.84
CA THR C 100 18.09 -8.78 10.77
C THR C 100 18.83 -7.81 9.86
N HIS C 101 18.14 -6.74 9.46
CA HIS C 101 18.75 -5.74 8.58
C HIS C 101 20.01 -5.15 9.22
N GLU C 102 20.00 -4.96 10.54
CA GLU C 102 21.16 -4.40 11.22
C GLU C 102 22.34 -5.36 11.18
N TYR C 103 22.06 -6.66 11.34
CA TYR C 103 23.12 -7.67 11.26
C TYR C 103 23.77 -7.69 9.88
N HIS C 104 22.95 -7.73 8.84
CA HIS C 104 23.49 -7.76 7.48
C HIS C 104 24.22 -6.46 7.13
N ALA C 105 23.72 -5.32 7.63
CA ALA C 105 24.42 -4.06 7.40
C ALA C 105 25.83 -4.10 7.98
N GLU C 106 25.99 -4.75 9.13
CA GLU C 106 27.32 -4.91 9.72
C GLU C 106 28.19 -5.86 8.89
N THR C 107 27.58 -6.91 8.35
CA THR C 107 28.32 -7.80 7.46
C THR C 107 28.82 -7.05 6.23
N ILE C 108 27.94 -6.25 5.61
CA ILE C 108 28.31 -5.49 4.43
C ILE C 108 29.47 -4.54 4.75
N LYS C 109 29.42 -3.90 5.92
CA LYS C 109 30.48 -2.97 6.29
C LYS C 109 31.81 -3.67 6.42
N ASN C 110 31.81 -4.86 7.04
CA ASN C 110 33.06 -5.60 7.22
C ASN C 110 33.65 -6.05 5.89
N VAL C 111 32.80 -6.50 4.96
CA VAL C 111 33.28 -6.86 3.63
C VAL C 111 33.95 -5.67 2.96
N ARG C 112 33.24 -4.53 2.91
CA ARG C 112 33.80 -3.35 2.29
C ARG C 112 35.05 -2.87 3.03
N THR C 113 35.06 -3.02 4.35
CA THR C 113 36.26 -2.66 5.11
C THR C 113 37.43 -3.54 4.72
N ALA C 114 37.22 -4.86 4.71
CA ALA C 114 38.27 -5.77 4.27
C ALA C 114 38.65 -5.51 2.81
N THR C 115 37.65 -5.28 1.95
CA THR C 115 37.93 -5.03 0.54
C THR C 115 38.80 -3.79 0.37
N GLU C 116 38.39 -2.67 0.96
CA GLU C 116 39.13 -1.43 0.78
C GLU C 116 40.47 -1.45 1.52
N SER C 117 40.71 -2.41 2.40
CA SER C 117 41.99 -2.52 3.07
C SER C 117 43.13 -2.80 2.10
N PHE C 118 42.82 -3.30 0.90
CA PHE C 118 43.81 -3.53 -0.14
C PHE C 118 43.90 -2.39 -1.14
N ALA C 119 43.01 -1.40 -1.06
CA ALA C 119 42.98 -0.31 -2.03
C ALA C 119 44.23 0.57 -1.96
N SER C 120 45.12 0.35 -1.00
CA SER C 120 46.38 1.10 -0.95
C SER C 120 47.26 0.80 -2.15
N ASP C 121 47.11 -0.38 -2.75
CA ASP C 121 47.84 -0.76 -3.95
C ASP C 121 46.86 -0.96 -5.09
N PRO C 122 46.68 0.04 -5.97
CA PRO C 122 45.65 -0.08 -7.01
C PRO C 122 45.97 -1.11 -8.08
N ILE C 123 47.21 -1.60 -8.14
CA ILE C 123 47.58 -2.59 -9.16
C ILE C 123 47.20 -4.00 -8.72
N LEU C 124 47.22 -4.28 -7.42
CA LEU C 124 46.85 -5.58 -6.89
C LEU C 124 45.47 -5.60 -6.25
N TYR C 125 44.75 -4.48 -6.26
CA TYR C 125 43.43 -4.41 -5.66
C TYR C 125 42.45 -5.31 -6.42
N ARG C 126 41.68 -6.10 -5.68
CA ARG C 126 40.64 -6.92 -6.27
C ARG C 126 39.28 -6.41 -5.85
N PRO C 127 38.39 -6.05 -6.78
CA PRO C 127 37.03 -5.70 -6.40
C PRO C 127 36.31 -6.91 -5.81
N VAL C 128 35.38 -6.65 -4.90
CA VAL C 128 34.58 -7.69 -4.27
C VAL C 128 33.12 -7.26 -4.31
N ALA C 129 32.27 -8.11 -4.85
CA ALA C 129 30.85 -7.79 -4.98
C ALA C 129 30.07 -8.29 -3.77
N VAL C 130 28.90 -7.69 -3.57
CA VAL C 130 27.99 -8.04 -2.49
C VAL C 130 26.67 -8.48 -3.11
N ALA C 131 26.18 -9.64 -2.68
CA ALA C 131 24.96 -10.21 -3.22
C ALA C 131 23.97 -10.49 -2.09
N LEU C 132 22.69 -10.21 -2.34
CA LEU C 132 21.62 -10.42 -1.38
C LEU C 132 20.78 -11.61 -1.84
N ASP C 133 20.72 -12.66 -1.02
CA ASP C 133 19.93 -13.85 -1.30
C ASP C 133 18.62 -13.74 -0.52
N THR C 134 17.52 -13.51 -1.24
CA THR C 134 16.24 -13.32 -0.59
C THR C 134 15.79 -14.59 0.13
N LYS C 135 14.84 -14.43 1.05
CA LYS C 135 14.27 -15.57 1.76
C LYS C 135 13.30 -16.33 0.87
N GLY C 136 12.34 -15.65 0.27
CA GLY C 136 11.41 -16.27 -0.65
C GLY C 136 10.35 -17.08 0.09
N PRO C 137 9.49 -17.75 -0.68
CA PRO C 137 8.41 -18.53 -0.06
C PRO C 137 8.92 -19.73 0.73
N GLU C 138 9.60 -19.47 1.83
CA GLU C 138 10.10 -20.55 2.68
C GLU C 138 9.02 -21.06 3.62
N ILE C 139 9.10 -22.35 3.94
CA ILE C 139 8.27 -22.97 4.97
C ILE C 139 9.21 -23.44 6.07
N ARG C 140 8.91 -23.06 7.31
CA ARG C 140 9.76 -23.34 8.46
C ARG C 140 8.92 -23.88 9.61
N THR C 141 9.52 -24.78 10.40
CA THR C 141 8.85 -25.35 11.55
C THR C 141 8.99 -24.42 12.76
N GLY C 142 8.43 -24.85 13.89
CA GLY C 142 8.45 -24.09 15.12
C GLY C 142 9.58 -24.50 16.05
N LEU C 143 9.39 -24.20 17.33
CA LEU C 143 10.41 -24.45 18.34
C LEU C 143 10.19 -25.79 19.02
N ILE C 144 11.26 -26.56 19.18
CA ILE C 144 11.22 -27.80 19.94
C ILE C 144 11.29 -27.44 21.42
N LYS C 145 10.18 -27.61 22.13
CA LYS C 145 10.13 -27.41 23.58
C LYS C 145 10.65 -26.04 23.98
N GLY C 146 10.23 -25.01 23.24
CA GLY C 146 10.56 -23.63 23.57
C GLY C 146 12.02 -23.27 23.50
N SER C 147 12.84 -24.14 22.93
CA SER C 147 14.29 -23.93 22.85
C SER C 147 14.73 -23.87 21.40
N GLY C 148 15.69 -22.98 21.12
CA GLY C 148 16.24 -22.91 19.79
C GLY C 148 17.19 -24.05 19.47
N THR C 149 17.78 -24.65 20.49
CA THR C 149 18.79 -25.70 20.31
C THR C 149 18.27 -27.10 20.60
N ALA C 150 17.06 -27.24 21.15
CA ALA C 150 16.57 -28.55 21.55
C ALA C 150 16.26 -29.42 20.35
N GLU C 151 16.38 -30.73 20.53
CA GLU C 151 16.12 -31.71 19.50
C GLU C 151 15.34 -32.89 20.10
N VAL C 152 14.61 -33.59 19.24
CA VAL C 152 13.95 -34.83 19.60
C VAL C 152 14.27 -35.86 18.53
N GLU C 153 14.20 -37.13 18.92
CA GLU C 153 14.48 -38.25 18.02
C GLU C 153 13.17 -38.76 17.42
N LEU C 154 13.05 -38.67 16.10
CA LEU C 154 11.94 -39.29 15.39
C LEU C 154 12.35 -40.69 14.97
N LYS C 155 11.57 -41.69 15.37
CA LYS C 155 11.85 -43.09 15.05
C LYS C 155 10.98 -43.53 13.88
N LYS C 156 11.58 -44.24 12.94
CA LYS C 156 10.90 -44.58 11.68
C LYS C 156 9.62 -45.35 11.94
N GLY C 157 8.58 -45.04 11.16
CA GLY C 157 7.30 -45.70 11.27
C GLY C 157 6.37 -45.14 12.32
N ALA C 158 6.84 -44.23 13.18
CA ALA C 158 6.02 -43.67 14.23
C ALA C 158 5.06 -42.63 13.66
N THR C 159 4.13 -42.19 14.52
CA THR C 159 3.15 -41.19 14.14
C THR C 159 3.64 -39.80 14.53
N LEU C 160 3.28 -38.82 13.71
CA LEU C 160 3.66 -37.43 13.96
C LEU C 160 2.56 -36.54 13.42
N LYS C 161 2.00 -35.70 14.28
CA LYS C 161 0.93 -34.78 13.87
C LYS C 161 1.52 -33.42 13.51
N ILE C 162 1.01 -32.85 12.43
CA ILE C 162 1.40 -31.51 11.98
C ILE C 162 0.21 -30.58 12.16
N THR C 163 0.42 -29.48 12.88
CA THR C 163 -0.65 -28.54 13.18
C THR C 163 -0.31 -27.14 12.67
N LEU C 164 -1.36 -26.36 12.45
CA LEU C 164 -1.22 -24.94 12.16
C LEU C 164 -1.67 -24.05 13.31
N ASP C 165 -2.26 -24.64 14.35
CA ASP C 165 -2.64 -23.91 15.55
C ASP C 165 -1.41 -23.29 16.19
N ASN C 166 -1.32 -21.97 16.19
CA ASN C 166 -0.15 -21.28 16.72
C ASN C 166 0.06 -21.53 18.21
N ALA C 167 -0.89 -22.16 18.90
CA ALA C 167 -0.68 -22.52 20.30
C ALA C 167 0.52 -23.45 20.47
N TYR C 168 0.89 -24.19 19.43
CA TYR C 168 2.05 -25.07 19.47
C TYR C 168 3.25 -24.49 18.73
N MET C 169 3.18 -23.23 18.34
CA MET C 169 4.27 -22.59 17.60
C MET C 169 5.61 -22.73 18.31
N GLU C 170 5.61 -22.70 19.65
CA GLU C 170 6.82 -22.85 20.43
C GLU C 170 6.85 -24.12 21.26
N LYS C 171 5.97 -25.08 20.97
CA LYS C 171 5.84 -26.30 21.77
C LYS C 171 5.82 -27.54 20.87
N CYS C 172 6.74 -27.60 19.91
CA CYS C 172 6.85 -28.77 19.07
C CYS C 172 7.63 -29.87 19.79
N ASP C 173 7.25 -31.12 19.53
CA ASP C 173 7.99 -32.27 20.04
C ASP C 173 7.80 -33.42 19.07
N GLU C 174 8.10 -34.64 19.52
CA GLU C 174 8.02 -35.81 18.65
C GLU C 174 6.58 -36.24 18.37
N ASN C 175 5.60 -35.65 19.05
CA ASN C 175 4.19 -35.96 18.81
C ASN C 175 3.51 -34.97 17.88
N ILE C 176 3.77 -33.68 18.05
CA ILE C 176 3.12 -32.63 17.30
C ILE C 176 4.16 -31.63 16.81
N LEU C 177 3.97 -31.12 15.60
CA LEU C 177 4.94 -30.25 14.96
C LEU C 177 4.20 -29.10 14.29
N TRP C 178 4.60 -27.87 14.60
CA TRP C 178 4.01 -26.68 14.02
C TRP C 178 4.86 -26.18 12.86
N LEU C 179 4.21 -25.78 11.77
CA LEU C 179 4.88 -25.09 10.67
C LEU C 179 4.05 -23.87 10.27
N ASP C 180 4.69 -22.95 9.55
CA ASP C 180 4.16 -21.61 9.34
C ASP C 180 3.45 -21.42 8.00
N TYR C 181 3.09 -22.51 7.32
CA TYR C 181 2.35 -22.43 6.05
C TYR C 181 0.89 -22.75 6.33
N LYS C 182 0.09 -21.69 6.49
CA LYS C 182 -1.27 -21.87 7.00
C LYS C 182 -2.11 -22.74 6.07
N ASN C 183 -1.93 -22.62 4.76
CA ASN C 183 -2.72 -23.36 3.79
C ASN C 183 -2.08 -24.69 3.40
N ILE C 184 -1.37 -25.34 4.32
CA ILE C 184 -0.70 -26.60 3.99
C ILE C 184 -1.68 -27.74 3.76
N CYS C 185 -2.92 -27.61 4.24
CA CYS C 185 -3.90 -28.68 4.04
C CYS C 185 -4.57 -28.58 2.68
N LYS C 186 -4.63 -27.39 2.09
CA LYS C 186 -5.22 -27.23 0.78
C LYS C 186 -4.31 -27.73 -0.34
N VAL C 187 -3.05 -28.02 -0.04
CA VAL C 187 -2.09 -28.45 -1.06
C VAL C 187 -1.60 -29.87 -0.86
N VAL C 188 -1.79 -30.47 0.31
CA VAL C 188 -1.25 -31.79 0.61
C VAL C 188 -2.41 -32.79 0.58
N GLU C 189 -2.38 -33.69 -0.39
CA GLU C 189 -3.34 -34.78 -0.42
C GLU C 189 -2.84 -35.94 0.44
N VAL C 190 -3.75 -36.83 0.80
CA VAL C 190 -3.36 -38.00 1.57
C VAL C 190 -2.41 -38.85 0.75
N GLY C 191 -1.40 -39.42 1.39
CA GLY C 191 -0.35 -40.13 0.70
C GLY C 191 0.79 -39.26 0.21
N SER C 192 0.70 -37.95 0.37
CA SER C 192 1.79 -37.05 -0.03
C SER C 192 3.00 -37.28 0.87
N LYS C 193 4.14 -36.77 0.42
CA LYS C 193 5.38 -36.83 1.18
C LYS C 193 5.82 -35.42 1.56
N ILE C 194 6.26 -35.27 2.82
CA ILE C 194 6.74 -34.00 3.34
C ILE C 194 8.16 -34.21 3.86
N TYR C 195 9.06 -33.31 3.49
CA TYR C 195 10.46 -33.38 3.89
C TYR C 195 10.78 -32.24 4.83
N VAL C 196 11.54 -32.53 5.88
CA VAL C 196 11.95 -31.55 6.88
C VAL C 196 13.46 -31.61 7.04
N ASP C 197 14.08 -30.45 7.24
CA ASP C 197 15.50 -30.32 7.52
C ASP C 197 16.33 -30.76 6.33
N ASP C 198 16.34 -29.94 5.26
CA ASP C 198 17.08 -30.23 4.03
C ASP C 198 16.81 -31.64 3.54
N GLY C 199 15.54 -32.04 3.57
CA GLY C 199 15.13 -33.32 3.04
C GLY C 199 15.66 -34.53 3.77
N LEU C 200 16.15 -34.37 5.00
CA LEU C 200 16.68 -35.51 5.74
C LEU C 200 15.59 -36.31 6.45
N ILE C 201 14.54 -35.65 6.93
CA ILE C 201 13.39 -36.32 7.52
C ILE C 201 12.27 -36.33 6.49
N SER C 202 11.62 -37.49 6.31
CA SER C 202 10.56 -37.63 5.34
C SER C 202 9.32 -38.19 6.02
N LEU C 203 8.16 -37.58 5.73
CA LEU C 203 6.89 -37.99 6.31
C LEU C 203 5.91 -38.28 5.17
N GLN C 204 5.04 -39.26 5.40
CA GLN C 204 3.96 -39.57 4.47
C GLN C 204 2.63 -39.24 5.14
N VAL C 205 1.84 -38.39 4.50
CA VAL C 205 0.54 -38.02 5.05
C VAL C 205 -0.38 -39.23 4.97
N LYS C 206 -0.69 -39.82 6.14
CA LYS C 206 -1.57 -40.98 6.20
C LYS C 206 -3.04 -40.60 6.39
N GLN C 207 -3.32 -39.39 6.88
CA GLN C 207 -4.69 -38.96 7.14
C GLN C 207 -4.72 -37.45 7.24
N LYS C 208 -5.54 -36.80 6.42
CA LYS C 208 -5.69 -35.35 6.46
C LYS C 208 -6.73 -34.97 7.50
N GLY C 209 -6.59 -33.75 8.02
CA GLY C 209 -7.50 -33.21 9.01
C GLY C 209 -8.03 -31.86 8.56
N ALA C 210 -8.37 -31.04 9.55
CA ALA C 210 -8.90 -29.70 9.30
C ALA C 210 -7.84 -28.80 8.66
N PHE C 212 -4.92 -29.60 10.66
CA PHE C 212 -4.08 -30.69 11.16
C PHE C 212 -3.64 -31.62 10.03
N LEU C 213 -2.57 -32.39 10.27
CA LEU C 213 -2.10 -33.40 9.35
C LEU C 213 -1.55 -34.58 10.15
N VAL C 214 -2.06 -35.78 9.86
CA VAL C 214 -1.61 -37.00 10.51
C VAL C 214 -0.66 -37.71 9.54
N THR C 215 0.60 -37.85 9.95
CA THR C 215 1.63 -38.42 9.10
C THR C 215 2.33 -39.56 9.83
N GLU C 216 3.06 -40.36 9.05
CA GLU C 216 3.96 -41.38 9.58
C GLU C 216 5.37 -41.08 9.07
N VAL C 217 6.36 -41.24 9.94
CA VAL C 217 7.72 -40.90 9.59
C VAL C 217 8.33 -42.04 8.79
N GLU C 218 8.74 -41.75 7.56
CA GLU C 218 9.45 -42.73 6.75
C GLU C 218 10.92 -42.81 7.17
N ASN C 219 11.66 -41.72 6.99
CA ASN C 219 13.02 -41.59 7.46
C ASN C 219 13.05 -40.62 8.63
N GLY C 220 13.62 -41.04 9.75
CA GLY C 220 13.61 -40.24 10.96
C GLY C 220 15.00 -39.82 11.43
N GLY C 221 15.08 -39.30 12.65
CA GLY C 221 16.32 -38.83 13.18
C GLY C 221 16.09 -37.61 14.04
N SER C 222 17.16 -36.85 14.29
CA SER C 222 17.09 -35.70 15.17
C SER C 222 16.30 -34.57 14.49
N LEU C 223 15.20 -34.17 15.12
CA LEU C 223 14.41 -33.05 14.64
C LEU C 223 14.67 -31.85 15.53
N GLY C 224 15.19 -30.77 14.94
CA GLY C 224 15.50 -29.55 15.65
C GLY C 224 14.44 -28.48 15.46
N SER C 225 14.82 -27.24 15.80
CA SER C 225 13.92 -26.10 15.73
C SER C 225 14.13 -25.32 14.44
N LYS C 226 13.04 -24.74 13.93
CA LYS C 226 13.10 -23.79 12.81
C LYS C 226 13.69 -24.44 11.57
N LYS C 227 13.20 -25.62 11.22
CA LYS C 227 13.74 -26.37 10.10
C LYS C 227 12.93 -26.12 8.84
N GLY C 228 13.61 -26.19 7.69
CA GLY C 228 12.95 -25.96 6.43
C GLY C 228 12.14 -27.15 5.97
N VAL C 229 11.02 -26.87 5.30
CA VAL C 229 10.08 -27.87 4.86
C VAL C 229 9.93 -27.78 3.35
N ASN C 230 9.94 -28.94 2.68
CA ASN C 230 9.70 -29.03 1.24
C ASN C 230 8.49 -29.93 0.98
N LEU C 231 7.67 -29.53 0.02
CA LEU C 231 6.48 -30.27 -0.39
C LEU C 231 6.58 -30.58 -1.87
N PRO C 232 7.36 -31.61 -2.25
CA PRO C 232 7.53 -31.91 -3.67
C PRO C 232 6.21 -32.34 -4.31
N GLY C 233 5.90 -31.73 -5.45
CA GLY C 233 4.65 -32.01 -6.12
C GLY C 233 3.46 -31.39 -5.42
N ALA C 234 3.56 -30.11 -5.08
CA ALA C 234 2.47 -29.38 -4.44
C ALA C 234 2.57 -27.92 -4.85
N ALA C 235 1.44 -27.33 -5.21
CA ALA C 235 1.39 -25.93 -5.67
C ALA C 235 1.39 -25.03 -4.45
N VAL C 236 2.59 -24.78 -3.91
CA VAL C 236 2.74 -23.91 -2.76
C VAL C 236 2.41 -22.48 -3.19
N ASP C 237 1.18 -22.04 -2.90
CA ASP C 237 0.68 -20.73 -3.29
C ASP C 237 1.35 -19.59 -2.57
N LEU C 238 2.43 -19.82 -1.83
CA LEU C 238 3.09 -18.71 -1.13
C LEU C 238 3.61 -17.71 -2.15
N PRO C 239 3.50 -16.41 -1.87
CA PRO C 239 3.90 -15.41 -2.86
C PRO C 239 5.39 -15.49 -3.16
N ALA C 240 5.73 -15.34 -4.44
CA ALA C 240 7.13 -15.32 -4.84
C ALA C 240 7.86 -14.15 -4.18
N VAL C 241 7.22 -12.99 -4.12
CA VAL C 241 7.78 -11.80 -3.48
C VAL C 241 6.87 -11.48 -2.30
N SER C 242 7.25 -11.92 -1.12
CA SER C 242 6.48 -11.63 0.08
C SER C 242 6.67 -10.18 0.51
N GLU C 243 5.81 -9.72 1.42
CA GLU C 243 5.99 -8.41 2.02
C GLU C 243 7.36 -8.31 2.70
N LYS C 244 7.83 -9.40 3.28
CA LYS C 244 9.16 -9.40 3.88
C LYS C 244 10.25 -9.26 2.83
N ASP C 245 10.08 -9.93 1.68
CA ASP C 245 11.06 -9.81 0.61
C ASP C 245 11.12 -8.38 0.07
N ILE C 246 9.97 -7.69 0.02
CA ILE C 246 9.92 -6.31 -0.44
C ILE C 246 10.85 -5.42 0.40
N GLN C 247 10.83 -5.62 1.72
CA GLN C 247 11.65 -4.80 2.60
C GLN C 247 13.14 -5.10 2.40
N ASP C 248 13.49 -6.38 2.23
CA ASP C 248 14.88 -6.74 2.04
C ASP C 248 15.42 -6.25 0.70
N LEU C 249 14.60 -6.33 -0.35
CA LEU C 249 15.03 -5.79 -1.64
C LEU C 249 15.28 -4.30 -1.55
N LYS C 250 14.33 -3.56 -0.96
CA LYS C 250 14.56 -2.12 -0.77
C LYS C 250 15.73 -1.85 0.16
N PHE C 251 15.97 -2.76 1.10
CA PHE C 251 17.16 -2.65 1.95
C PHE C 251 18.43 -2.78 1.11
N GLY C 252 18.46 -3.75 0.19
CA GLY C 252 19.63 -3.91 -0.66
C GLY C 252 19.87 -2.73 -1.57
N VAL C 253 18.78 -2.13 -2.09
CA VAL C 253 18.93 -0.93 -2.89
C VAL C 253 19.58 0.18 -2.07
N GLU C 254 19.16 0.34 -0.81
CA GLU C 254 19.74 1.36 0.04
C GLU C 254 21.20 1.05 0.39
N GLN C 255 21.55 -0.22 0.52
CA GLN C 255 22.91 -0.63 0.87
C GLN C 255 23.85 -0.68 -0.33
N ASP C 256 23.35 -0.42 -1.55
CA ASP C 256 24.16 -0.46 -2.77
C ASP C 256 24.73 -1.85 -3.04
N VAL C 257 23.89 -2.88 -2.90
CA VAL C 257 24.33 -4.23 -3.26
C VAL C 257 24.51 -4.32 -4.78
N ASP C 258 25.35 -5.25 -5.20
CA ASP C 258 25.66 -5.40 -6.62
C ASP C 258 24.70 -6.35 -7.34
N MET C 259 24.02 -7.24 -6.63
CA MET C 259 23.14 -8.19 -7.30
C MET C 259 22.20 -8.81 -6.28
N VAL C 260 21.15 -9.43 -6.80
CA VAL C 260 20.13 -10.10 -5.99
C VAL C 260 19.99 -11.53 -6.47
N PHE C 261 20.06 -12.48 -5.55
CA PHE C 261 19.73 -13.88 -5.83
C PHE C 261 18.30 -14.12 -5.34
N ALA C 262 17.38 -14.26 -6.27
CA ALA C 262 15.96 -14.38 -5.95
C ALA C 262 15.57 -15.85 -5.86
N SER C 263 15.04 -16.26 -4.71
CA SER C 263 14.79 -17.66 -4.43
C SER C 263 13.45 -18.10 -5.00
N PHE C 264 13.40 -19.35 -5.45
CA PHE C 264 12.16 -20.04 -5.81
C PHE C 264 11.41 -19.36 -6.95
N ILE C 265 12.13 -18.74 -7.89
CA ILE C 265 11.49 -18.17 -9.06
C ILE C 265 10.80 -19.27 -9.86
N ARG C 266 9.48 -19.13 -10.04
CA ARG C 266 8.70 -20.14 -10.75
C ARG C 266 8.27 -19.72 -12.15
N LYS C 267 8.25 -18.43 -12.45
CA LYS C 267 7.79 -17.96 -13.75
C LYS C 267 8.34 -16.56 -14.00
N ALA C 268 8.16 -16.08 -15.23
CA ALA C 268 8.73 -14.79 -15.62
C ALA C 268 8.10 -13.63 -14.86
N SER C 269 6.80 -13.72 -14.55
CA SER C 269 6.16 -12.63 -13.81
C SER C 269 6.77 -12.49 -12.42
N ASP C 270 7.23 -13.59 -11.82
CA ASP C 270 7.97 -13.49 -10.56
C ASP C 270 9.20 -12.62 -10.71
N VAL C 271 9.93 -12.76 -11.83
CA VAL C 271 11.09 -11.91 -12.07
C VAL C 271 10.67 -10.46 -12.25
N HIS C 272 9.47 -10.24 -12.80
CA HIS C 272 9.02 -8.87 -13.05
C HIS C 272 8.73 -8.14 -11.76
N GLU C 273 8.18 -8.84 -10.76
CA GLU C 273 7.99 -8.24 -9.44
C GLU C 273 9.32 -7.81 -8.85
N VAL C 274 10.34 -8.65 -8.94
CA VAL C 274 11.66 -8.30 -8.39
C VAL C 274 12.19 -7.05 -9.07
N ARG C 275 12.13 -7.01 -10.41
CA ARG C 275 12.55 -5.83 -11.15
C ARG C 275 11.71 -4.62 -10.76
N LYS C 276 10.41 -4.82 -10.56
CA LYS C 276 9.52 -3.73 -10.18
C LYS C 276 9.89 -3.17 -8.80
N VAL C 277 10.03 -4.06 -7.82
CA VAL C 277 10.34 -3.62 -6.45
C VAL C 277 11.68 -2.89 -6.42
N LEU C 278 12.67 -3.37 -7.19
CA LEU C 278 13.94 -2.67 -7.24
C LEU C 278 13.80 -1.30 -7.89
N GLY C 279 12.75 -1.10 -8.70
CA GLY C 279 12.33 0.13 -9.31
C GLY C 279 13.44 0.88 -10.03
N GLU C 280 13.28 2.22 -10.08
CA GLU C 280 14.20 3.05 -10.83
C GLU C 280 15.57 3.14 -10.17
N LYS C 281 15.61 3.22 -8.83
CA LYS C 281 16.89 3.38 -8.14
C LYS C 281 17.70 2.11 -8.16
N GLY C 282 17.05 0.95 -8.27
CA GLY C 282 17.77 -0.30 -8.39
C GLY C 282 17.80 -0.81 -9.82
N LYS C 283 17.95 0.10 -10.79
CA LYS C 283 17.93 -0.28 -12.19
C LYS C 283 19.17 -1.07 -12.58
N ASN C 284 20.32 -0.73 -12.00
CA ASN C 284 21.59 -1.35 -12.33
C ASN C 284 21.91 -2.57 -11.49
N ILE C 285 20.99 -3.00 -10.63
CA ILE C 285 21.21 -4.18 -9.79
C ILE C 285 20.90 -5.43 -10.62
N LYS C 286 21.88 -6.31 -10.75
CA LYS C 286 21.69 -7.51 -11.55
C LYS C 286 20.80 -8.51 -10.78
N ILE C 287 19.82 -9.07 -11.48
CA ILE C 287 18.87 -10.01 -10.91
C ILE C 287 19.23 -11.41 -11.37
N ILE C 288 19.55 -12.28 -10.41
CA ILE C 288 19.89 -13.68 -10.68
C ILE C 288 18.74 -14.54 -10.17
N SER C 289 18.06 -15.24 -11.07
CA SER C 289 16.97 -16.11 -10.68
C SER C 289 17.50 -17.47 -10.24
N LYS C 290 17.06 -17.93 -9.07
CA LYS C 290 17.43 -19.25 -8.56
C LYS C 290 16.36 -20.25 -8.95
N ILE C 291 16.77 -21.33 -9.62
CA ILE C 291 15.86 -22.39 -10.04
C ILE C 291 15.95 -23.50 -9.00
N GLU C 292 14.85 -23.75 -8.29
CA GLU C 292 14.88 -24.71 -7.20
C GLU C 292 13.61 -25.55 -7.12
N ASN C 293 12.82 -25.65 -8.19
CA ASN C 293 11.66 -26.53 -8.15
C ASN C 293 11.29 -26.95 -9.56
N HIS C 294 10.29 -27.82 -9.65
CA HIS C 294 9.89 -28.40 -10.93
C HIS C 294 9.40 -27.32 -11.89
N GLU C 295 8.56 -26.40 -11.39
CA GLU C 295 7.98 -25.39 -12.28
C GLU C 295 9.06 -24.48 -12.86
N GLY C 296 10.01 -24.02 -12.03
CA GLY C 296 11.09 -23.20 -12.53
C GLY C 296 11.91 -23.89 -13.61
N VAL C 297 12.03 -25.22 -13.54
CA VAL C 297 12.74 -25.94 -14.59
C VAL C 297 11.92 -25.92 -15.88
N ARG C 298 10.62 -26.19 -15.77
CA ARG C 298 9.76 -26.22 -16.96
C ARG C 298 9.66 -24.86 -17.65
N ARG C 299 9.68 -23.77 -16.89
CA ARG C 299 9.55 -22.43 -17.44
C ARG C 299 10.89 -21.73 -17.62
N PHE C 300 11.98 -22.49 -17.75
CA PHE C 300 13.31 -21.89 -17.67
C PHE C 300 13.54 -20.85 -18.75
N ASP C 301 12.99 -21.07 -19.96
CA ASP C 301 13.24 -20.14 -21.06
C ASP C 301 12.67 -18.76 -20.75
N GLU C 302 11.39 -18.69 -20.39
CA GLU C 302 10.80 -17.39 -20.07
C GLU C 302 11.49 -16.75 -18.87
N ILE C 303 11.99 -17.56 -17.94
CA ILE C 303 12.69 -17.03 -16.77
C ILE C 303 14.07 -16.49 -17.17
N LEU C 304 14.79 -17.23 -18.01
CA LEU C 304 16.11 -16.77 -18.45
C LEU C 304 16.01 -15.52 -19.33
N GLU C 305 14.92 -15.39 -20.09
CA GLU C 305 14.74 -14.21 -20.94
C GLU C 305 14.60 -12.95 -20.10
N ALA C 306 13.89 -13.03 -18.97
CA ALA C 306 13.66 -11.87 -18.13
C ALA C 306 14.79 -11.57 -17.16
N SER C 307 15.65 -12.55 -16.88
CA SER C 307 16.67 -12.41 -15.85
C SER C 307 17.98 -11.91 -16.44
N ASP C 308 18.85 -11.42 -15.56
CA ASP C 308 20.22 -11.12 -15.92
C ASP C 308 21.13 -12.32 -15.76
N GLY C 309 20.69 -13.36 -15.05
CA GLY C 309 21.50 -14.54 -14.81
C GLY C 309 20.69 -15.59 -14.09
N ILE C 310 21.33 -16.75 -13.89
CA ILE C 310 20.69 -17.92 -13.31
C ILE C 310 21.59 -18.49 -12.22
N MET C 311 20.97 -19.07 -11.20
CA MET C 311 21.66 -19.91 -10.24
C MET C 311 20.98 -21.27 -10.21
N VAL C 312 21.76 -22.32 -10.44
CA VAL C 312 21.28 -23.69 -10.27
C VAL C 312 21.41 -24.03 -8.80
N ALA C 313 20.33 -23.83 -8.04
CA ALA C 313 20.36 -24.01 -6.59
C ALA C 313 19.99 -25.46 -6.30
N ARG C 314 21.01 -26.32 -6.24
CA ARG C 314 20.77 -27.76 -6.23
C ARG C 314 20.23 -28.27 -4.89
N GLY C 315 20.42 -27.52 -3.81
CA GLY C 315 19.90 -27.90 -2.51
C GLY C 315 18.41 -28.16 -2.51
N ASP C 316 17.60 -27.10 -2.69
CA ASP C 316 16.15 -27.30 -2.76
C ASP C 316 15.77 -28.06 -4.02
N LEU C 317 16.47 -27.83 -5.13
CA LEU C 317 16.16 -28.54 -6.37
C LEU C 317 16.25 -30.05 -6.19
N GLY C 318 17.30 -30.51 -5.49
CA GLY C 318 17.48 -31.93 -5.22
C GLY C 318 16.38 -32.55 -4.38
N ILE C 319 15.60 -31.73 -3.67
CA ILE C 319 14.47 -32.22 -2.89
C ILE C 319 13.16 -32.13 -3.66
N GLU C 320 12.99 -31.05 -4.44
CA GLU C 320 11.74 -30.85 -5.16
C GLU C 320 11.60 -31.82 -6.32
N ILE C 321 12.70 -32.20 -6.96
CA ILE C 321 12.69 -33.20 -8.02
C ILE C 321 13.63 -34.32 -7.58
N PRO C 322 13.52 -35.50 -8.20
CA PRO C 322 14.40 -36.61 -7.81
C PRO C 322 15.87 -36.23 -7.87
N ALA C 323 16.64 -36.72 -6.89
CA ALA C 323 18.06 -36.37 -6.81
C ALA C 323 18.83 -36.88 -8.01
N GLU C 324 18.40 -38.01 -8.59
CA GLU C 324 19.10 -38.56 -9.76
C GLU C 324 18.88 -37.75 -11.03
N LYS C 325 17.99 -36.76 -11.01
CA LYS C 325 17.73 -35.94 -12.17
C LYS C 325 18.37 -34.57 -12.10
N VAL C 326 18.97 -34.20 -10.96
CA VAL C 326 19.51 -32.86 -10.79
C VAL C 326 20.59 -32.57 -11.83
N PHE C 327 21.44 -33.56 -12.12
CA PHE C 327 22.53 -33.32 -13.04
C PHE C 327 22.03 -33.00 -14.45
N LEU C 328 20.88 -33.55 -14.84
CA LEU C 328 20.25 -33.16 -16.09
C LEU C 328 19.88 -31.68 -16.08
N ALA C 329 19.15 -31.25 -15.03
CA ALA C 329 18.74 -29.86 -14.92
C ALA C 329 19.95 -28.93 -14.92
N GLN C 330 21.04 -29.34 -14.30
CA GLN C 330 22.22 -28.48 -14.22
C GLN C 330 22.88 -28.31 -15.58
N LYS C 331 23.13 -29.42 -16.28
CA LYS C 331 23.75 -29.32 -17.59
C LYS C 331 22.86 -28.58 -18.57
N MET C 332 21.55 -28.80 -18.49
CA MET C 332 20.59 -28.10 -19.35
C MET C 332 20.64 -26.60 -19.12
N MET C 333 20.64 -26.18 -17.84
CA MET C 333 20.59 -24.75 -17.55
C MET C 333 21.91 -24.06 -17.88
N ILE C 334 23.03 -24.74 -17.64
CA ILE C 334 24.32 -24.14 -17.96
C ILE C 334 24.47 -23.97 -19.48
N GLY C 335 24.08 -24.98 -20.25
CA GLY C 335 24.19 -24.87 -21.70
C GLY C 335 23.31 -23.79 -22.28
N ARG C 336 22.05 -23.72 -21.84
CA ARG C 336 21.16 -22.66 -22.33
C ARG C 336 21.64 -21.28 -21.92
N CYS C 337 22.29 -21.15 -20.75
CA CYS C 337 22.84 -19.86 -20.37
C CYS C 337 24.08 -19.52 -21.19
N ASN C 338 24.96 -20.50 -21.42
CA ASN C 338 26.08 -20.28 -22.31
C ASN C 338 25.62 -19.87 -23.70
N ARG C 339 24.52 -20.47 -24.16
CA ARG C 339 23.99 -20.14 -25.49
C ARG C 339 23.47 -18.70 -25.53
N ALA C 340 22.77 -18.27 -24.48
CA ALA C 340 22.26 -16.91 -24.40
C ALA C 340 23.30 -15.89 -23.95
N GLY C 341 24.50 -16.32 -23.57
CA GLY C 341 25.50 -15.41 -23.09
C GLY C 341 25.19 -14.77 -21.74
N LYS C 342 24.37 -15.43 -20.90
CA LYS C 342 24.03 -14.90 -19.59
C LYS C 342 24.68 -15.72 -18.47
N PRO C 343 25.07 -15.08 -17.37
CA PRO C 343 25.82 -15.79 -16.31
C PRO C 343 24.98 -16.89 -15.67
N VAL C 344 25.66 -17.99 -15.32
CA VAL C 344 25.03 -19.10 -14.62
C VAL C 344 25.95 -19.53 -13.48
N ILE C 345 25.35 -19.79 -12.31
CA ILE C 345 26.07 -20.12 -11.10
C ILE C 345 25.70 -21.53 -10.68
N CYS C 346 26.70 -22.33 -10.33
CA CYS C 346 26.50 -23.65 -9.76
C CYS C 346 26.69 -23.56 -8.25
N ALA C 347 25.67 -23.95 -7.48
CA ALA C 347 25.64 -23.70 -6.05
C ALA C 347 25.23 -24.94 -5.27
N THR C 348 25.69 -24.99 -4.00
CA THR C 348 25.16 -25.83 -2.92
C THR C 348 25.79 -27.22 -2.85
N GLN C 349 26.44 -27.52 -1.71
CA GLN C 349 26.98 -28.85 -1.40
C GLN C 349 28.12 -29.24 -2.34
N MET C 350 28.90 -28.27 -2.81
CA MET C 350 29.99 -28.59 -3.73
C MET C 350 31.18 -29.17 -2.98
N LEU C 351 31.48 -28.65 -1.78
CA LEU C 351 32.54 -29.16 -0.92
C LEU C 351 31.99 -29.39 0.50
N GLU C 352 30.81 -30.03 0.57
CA GLU C 352 30.06 -30.11 1.82
C GLU C 352 30.88 -30.72 2.94
N SER C 353 31.65 -31.76 2.65
CA SER C 353 32.40 -32.45 3.71
C SER C 353 33.43 -31.53 4.36
N MET C 354 33.80 -30.43 3.71
CA MET C 354 34.79 -29.52 4.27
C MET C 354 34.22 -28.60 5.33
N ILE C 355 32.94 -28.72 5.66
CA ILE C 355 32.40 -28.04 6.83
C ILE C 355 33.08 -28.57 8.10
N LYS C 356 33.35 -29.89 8.15
CA LYS C 356 33.97 -30.50 9.32
C LYS C 356 35.39 -31.02 9.07
N LYS C 357 35.85 -31.08 7.83
CA LYS C 357 37.15 -31.68 7.54
C LYS C 357 37.98 -30.75 6.65
N PRO C 358 39.30 -30.74 6.82
CA PRO C 358 40.14 -29.79 6.09
C PRO C 358 40.41 -30.17 4.63
N ARG C 359 39.93 -31.33 4.19
CA ARG C 359 40.11 -31.82 2.82
C ARG C 359 38.78 -32.37 2.31
N PRO C 360 38.54 -32.29 1.00
CA PRO C 360 37.27 -32.76 0.43
C PRO C 360 37.33 -34.24 0.03
N THR C 361 36.14 -34.80 -0.17
CA THR C 361 36.03 -36.15 -0.72
C THR C 361 36.25 -36.13 -2.23
N ARG C 362 36.51 -37.31 -2.79
CA ARG C 362 36.79 -37.39 -4.22
C ARG C 362 35.58 -36.96 -5.04
N ALA C 363 34.37 -37.29 -4.58
CA ALA C 363 33.17 -36.84 -5.28
C ALA C 363 33.07 -35.33 -5.33
N GLU C 364 33.53 -34.65 -4.29
CA GLU C 364 33.42 -33.19 -4.24
C GLU C 364 34.46 -32.53 -5.13
N GLY C 365 35.66 -33.12 -5.23
CA GLY C 365 36.63 -32.64 -6.20
C GLY C 365 36.12 -32.73 -7.63
N SER C 366 35.52 -33.87 -7.99
CA SER C 366 35.05 -34.03 -9.37
C SER C 366 33.82 -33.17 -9.64
N ASP C 367 33.00 -32.92 -8.61
CA ASP C 367 31.82 -32.08 -8.79
C ASP C 367 32.18 -30.65 -9.17
N VAL C 368 33.17 -30.07 -8.50
CA VAL C 368 33.62 -28.73 -8.86
C VAL C 368 34.20 -28.73 -10.27
N ALA C 369 35.08 -29.69 -10.55
CA ALA C 369 35.72 -29.76 -11.86
C ALA C 369 34.70 -29.91 -12.98
N ASN C 370 33.69 -30.76 -12.78
CA ASN C 370 32.70 -30.99 -13.84
C ASN C 370 31.77 -29.80 -14.03
N ALA C 371 31.53 -29.02 -12.98
CA ALA C 371 30.75 -27.80 -13.15
C ALA C 371 31.48 -26.79 -14.01
N VAL C 372 32.80 -26.68 -13.84
CA VAL C 372 33.59 -25.80 -14.70
C VAL C 372 33.61 -26.34 -16.12
N LEU C 373 33.84 -27.65 -16.27
CA LEU C 373 33.80 -28.26 -17.60
C LEU C 373 32.42 -28.10 -18.24
N ASP C 374 31.35 -28.12 -17.43
CA ASP C 374 30.02 -27.91 -17.97
C ASP C 374 29.88 -26.53 -18.60
N GLY C 375 30.58 -25.54 -18.06
CA GLY C 375 30.47 -24.17 -18.55
C GLY C 375 29.94 -23.18 -17.53
N ALA C 376 30.03 -23.49 -16.24
CA ALA C 376 29.50 -22.60 -15.22
C ALA C 376 30.37 -21.35 -15.10
N ASP C 377 29.73 -20.18 -15.14
CA ASP C 377 30.46 -18.93 -14.91
C ASP C 377 31.03 -18.87 -13.50
N CYS C 378 30.21 -19.21 -12.50
CA CYS C 378 30.62 -19.13 -11.10
C CYS C 378 30.28 -20.42 -10.37
N ILE C 379 31.09 -20.72 -9.35
CA ILE C 379 30.82 -21.78 -8.39
C ILE C 379 30.69 -21.15 -7.02
N MET C 380 29.83 -21.73 -6.19
CA MET C 380 29.48 -21.12 -4.92
C MET C 380 29.78 -22.06 -3.75
N LEU C 381 29.86 -21.46 -2.57
CA LEU C 381 30.02 -22.16 -1.30
C LEU C 381 29.00 -21.60 -0.31
N SER C 382 28.36 -22.49 0.45
CA SER C 382 27.35 -22.07 1.41
C SER C 382 27.89 -22.36 2.79
N GLY C 383 27.43 -23.41 3.49
CA GLY C 383 27.90 -23.69 4.84
C GLY C 383 29.40 -23.91 4.94
N GLU C 384 30.06 -24.22 3.82
CA GLU C 384 31.51 -24.37 3.86
C GLU C 384 32.20 -23.09 4.29
N THR C 385 31.62 -21.93 3.98
CA THR C 385 32.17 -20.64 4.43
C THR C 385 31.31 -19.95 5.47
N ALA C 386 30.00 -20.21 5.47
CA ALA C 386 29.10 -19.53 6.40
C ALA C 386 29.28 -20.02 7.84
N LYS C 387 29.39 -21.33 8.05
CA LYS C 387 29.44 -21.87 9.39
C LYS C 387 30.53 -22.91 9.61
N GLY C 388 31.22 -23.37 8.56
CA GLY C 388 32.14 -24.48 8.70
C GLY C 388 33.40 -24.12 9.47
N ASP C 389 34.23 -25.16 9.70
CA ASP C 389 35.45 -25.03 10.47
C ASP C 389 36.67 -24.74 9.61
N TYR C 390 36.60 -24.91 8.30
CA TYR C 390 37.72 -24.68 7.40
C TYR C 390 37.30 -23.80 6.23
N PRO C 391 36.84 -22.57 6.50
CA PRO C 391 36.33 -21.73 5.40
C PRO C 391 37.41 -21.33 4.41
N LEU C 392 38.64 -21.11 4.87
CA LEU C 392 39.70 -20.69 3.97
C LEU C 392 40.16 -21.85 3.08
N GLU C 393 40.22 -23.06 3.63
CA GLU C 393 40.59 -24.22 2.82
C GLU C 393 39.57 -24.46 1.71
N ALA C 394 38.30 -24.25 2.00
CA ALA C 394 37.26 -24.41 0.98
C ALA C 394 37.46 -23.44 -0.18
N VAL C 395 37.68 -22.16 0.12
CA VAL C 395 37.93 -21.17 -0.93
C VAL C 395 39.18 -21.54 -1.72
N ARG C 396 40.22 -22.00 -1.03
CA ARG C 396 41.47 -22.34 -1.72
C ARG C 396 41.29 -23.60 -2.57
N MET C 397 40.49 -24.55 -2.10
CA MET C 397 40.28 -25.77 -2.89
C MET C 397 39.49 -25.47 -4.15
N GLN C 398 38.44 -24.64 -4.04
CA GLN C 398 37.70 -24.23 -5.23
C GLN C 398 38.58 -23.52 -6.24
N HIS C 399 39.55 -22.74 -5.76
CA HIS C 399 40.45 -22.04 -6.66
C HIS C 399 41.41 -23.01 -7.36
N LEU C 400 41.93 -24.01 -6.64
CA LEU C 400 42.87 -24.94 -7.27
C LEU C 400 42.19 -25.82 -8.31
N ILE C 401 40.98 -26.30 -8.00
CA ILE C 401 40.28 -27.19 -8.91
C ILE C 401 39.85 -26.45 -10.16
N ALA C 402 39.27 -25.26 -10.00
CA ALA C 402 38.76 -24.51 -11.14
C ALA C 402 39.87 -24.21 -12.14
N ARG C 403 41.04 -23.80 -11.65
CA ARG C 403 42.16 -23.53 -12.55
C ARG C 403 42.62 -24.82 -13.25
N GLU C 404 42.51 -25.96 -12.58
CA GLU C 404 42.83 -27.22 -13.25
C GLU C 404 41.77 -27.57 -14.30
N ALA C 405 40.49 -27.40 -13.95
CA ALA C 405 39.42 -27.74 -14.87
C ALA C 405 39.42 -26.82 -16.10
N GLU C 406 39.85 -25.57 -15.94
CA GLU C 406 39.81 -24.64 -17.06
C GLU C 406 40.82 -25.01 -18.14
N ALA C 407 41.97 -25.58 -17.76
CA ALA C 407 42.94 -25.98 -18.76
C ALA C 407 42.48 -27.19 -19.57
N ALA C 408 41.71 -28.09 -18.95
CA ALA C 408 41.24 -29.30 -19.61
C ALA C 408 40.04 -29.06 -20.52
N ILE C 409 39.46 -27.85 -20.52
CA ILE C 409 38.34 -27.56 -21.40
C ILE C 409 38.74 -27.76 -22.86
N TYR C 410 37.88 -28.41 -23.64
CA TYR C 410 38.12 -28.69 -25.05
C TYR C 410 37.67 -27.47 -25.86
N HIS C 411 38.55 -26.45 -25.87
CA HIS C 411 38.19 -25.16 -26.46
C HIS C 411 37.82 -25.28 -27.93
N LEU C 412 38.53 -26.12 -28.69
CA LEU C 412 38.32 -26.20 -30.13
C LEU C 412 36.87 -26.48 -30.47
N GLN C 413 36.22 -27.38 -29.73
CA GLN C 413 34.81 -27.68 -29.97
C GLN C 413 33.89 -26.62 -29.38
N LEU C 414 34.21 -26.12 -28.18
CA LEU C 414 33.34 -25.14 -27.53
C LEU C 414 33.24 -23.86 -28.36
N PHE C 415 34.38 -23.30 -28.77
CA PHE C 415 34.37 -22.08 -29.57
C PHE C 415 33.64 -22.29 -30.89
N GLU C 416 33.87 -23.43 -31.54
CA GLU C 416 33.19 -23.72 -32.80
C GLU C 416 31.68 -23.82 -32.61
N GLU C 417 31.24 -24.40 -31.49
CA GLU C 417 29.81 -24.58 -31.28
C GLU C 417 29.12 -23.29 -30.80
N LEU C 418 29.82 -22.44 -30.04
CA LEU C 418 29.21 -21.19 -29.63
C LEU C 418 28.98 -20.27 -30.81
N ARG C 419 29.93 -20.21 -31.74
CA ARG C 419 29.74 -19.39 -32.94
C ARG C 419 28.64 -19.95 -33.83
N ARG C 420 28.62 -21.27 -34.04
CA ARG C 420 27.58 -21.84 -34.88
C ARG C 420 26.19 -21.68 -34.28
N LEU C 421 26.09 -21.54 -32.95
CA LEU C 421 24.81 -21.34 -32.31
C LEU C 421 24.49 -19.88 -32.05
N ALA C 422 25.47 -18.98 -32.16
CA ALA C 422 25.21 -17.56 -31.98
C ALA C 422 24.76 -16.94 -33.30
N PRO C 423 23.70 -16.14 -33.30
CA PRO C 423 23.20 -15.56 -34.56
C PRO C 423 24.14 -14.51 -35.11
N ILE C 424 23.93 -14.18 -36.39
CA ILE C 424 24.64 -13.07 -37.01
C ILE C 424 24.16 -11.76 -36.40
N THR C 425 25.08 -10.82 -36.26
CA THR C 425 24.79 -9.56 -35.57
C THR C 425 25.18 -8.39 -36.44
N SER C 426 24.52 -7.26 -36.20
CA SER C 426 24.90 -5.98 -36.78
C SER C 426 25.61 -5.08 -35.77
N ASP C 427 25.76 -5.54 -34.54
CA ASP C 427 26.45 -4.75 -33.52
C ASP C 427 27.95 -4.77 -33.78
N PRO C 428 28.59 -3.62 -34.00
CA PRO C 428 30.05 -3.62 -34.22
C PRO C 428 30.83 -4.21 -33.07
N THR C 429 30.36 -4.01 -31.82
CA THR C 429 31.05 -4.58 -30.67
C THR C 429 31.02 -6.10 -30.71
N GLU C 430 29.90 -6.68 -31.14
CA GLU C 430 29.79 -8.13 -31.20
C GLU C 430 30.79 -8.72 -32.20
N ALA C 431 30.80 -8.19 -33.42
CA ALA C 431 31.75 -8.63 -34.42
C ALA C 431 33.18 -8.42 -33.93
N THR C 432 33.44 -7.31 -33.23
CA THR C 432 34.77 -7.07 -32.68
C THR C 432 35.12 -8.09 -31.61
N ALA C 433 34.13 -8.52 -30.84
CA ALA C 433 34.39 -9.46 -29.74
C ALA C 433 34.78 -10.83 -30.29
N VAL C 434 34.01 -11.36 -31.24
CA VAL C 434 34.33 -12.68 -31.76
C VAL C 434 35.64 -12.64 -32.54
N GLY C 435 35.96 -11.53 -33.20
CA GLY C 435 37.23 -11.42 -33.90
C GLY C 435 38.42 -11.38 -32.96
N ALA C 436 38.25 -10.76 -31.78
CA ALA C 436 39.33 -10.73 -30.80
C ALA C 436 39.54 -12.09 -30.16
N VAL C 437 38.46 -12.84 -29.93
CA VAL C 437 38.60 -14.18 -29.38
C VAL C 437 39.31 -15.10 -30.37
N GLU C 438 38.90 -15.06 -31.65
CA GLU C 438 39.56 -15.86 -32.67
C GLU C 438 41.04 -15.49 -32.78
N ALA C 439 41.35 -14.19 -32.79
CA ALA C 439 42.73 -13.75 -32.81
C ALA C 439 43.51 -14.21 -31.58
N SER C 440 42.85 -14.29 -30.42
CA SER C 440 43.59 -14.70 -29.22
C SER C 440 43.96 -16.17 -29.27
N PHE C 441 43.13 -17.02 -29.89
CA PHE C 441 43.53 -18.41 -30.07
C PHE C 441 44.65 -18.54 -31.09
N LYS C 442 44.73 -17.62 -32.05
CA LYS C 442 45.70 -17.71 -33.13
C LYS C 442 47.11 -17.28 -32.68
N CYS C 443 47.20 -16.28 -31.80
CA CYS C 443 48.50 -15.77 -31.37
C CYS C 443 48.82 -16.18 -29.94
N CYS C 444 48.01 -17.05 -29.33
CA CYS C 444 48.20 -17.51 -27.96
C CYS C 444 48.46 -16.33 -27.01
N SER C 445 47.56 -15.36 -27.07
CA SER C 445 47.76 -14.12 -26.34
C SER C 445 47.65 -14.36 -24.83
N GLY C 446 48.38 -13.54 -24.07
CA GLY C 446 48.32 -13.62 -22.63
C GLY C 446 47.03 -13.10 -22.04
N ALA C 447 46.30 -12.24 -22.77
CA ALA C 447 45.06 -11.68 -22.28
C ALA C 447 44.35 -10.96 -23.41
N ILE C 448 43.09 -10.63 -23.16
CA ILE C 448 42.30 -9.71 -23.97
C ILE C 448 41.98 -8.51 -23.07
N ILE C 449 42.66 -7.39 -23.31
CA ILE C 449 42.41 -6.18 -22.53
C ILE C 449 41.23 -5.43 -23.14
N VAL C 450 40.25 -5.12 -22.31
CA VAL C 450 39.02 -4.46 -22.75
C VAL C 450 38.79 -3.22 -21.88
N LEU C 451 38.61 -2.07 -22.52
CA LEU C 451 38.12 -0.89 -21.82
C LEU C 451 36.60 -0.91 -21.87
N THR C 452 35.96 -0.75 -20.71
CA THR C 452 34.51 -0.81 -20.65
C THR C 452 33.99 0.08 -19.53
N LYS C 453 32.85 0.71 -19.76
CA LYS C 453 32.18 1.53 -18.76
C LYS C 453 31.05 0.77 -18.07
N SER C 454 30.20 0.09 -18.85
CA SER C 454 29.08 -0.66 -18.32
C SER C 454 29.35 -2.16 -18.22
N GLY C 455 30.53 -2.62 -18.67
CA GLY C 455 30.84 -4.04 -18.69
C GLY C 455 30.45 -4.76 -19.96
N ARG C 456 29.47 -4.23 -20.71
CA ARG C 456 28.88 -4.97 -21.82
C ARG C 456 29.92 -5.46 -22.82
N SER C 457 30.91 -4.63 -23.14
CA SER C 457 31.94 -5.06 -24.09
C SER C 457 32.69 -6.28 -23.58
N ALA C 458 33.02 -6.31 -22.29
CA ALA C 458 33.70 -7.46 -21.73
C ALA C 458 32.77 -8.67 -21.66
N HIS C 459 31.48 -8.44 -21.39
CA HIS C 459 30.53 -9.55 -21.39
C HIS C 459 30.47 -10.22 -22.75
N GLN C 460 30.47 -9.43 -23.82
CA GLN C 460 30.39 -9.99 -25.16
C GLN C 460 31.63 -10.79 -25.54
N VAL C 461 32.79 -10.43 -25.00
CA VAL C 461 33.97 -11.26 -25.20
C VAL C 461 33.86 -12.55 -24.41
N ALA C 462 33.33 -12.47 -23.19
CA ALA C 462 33.32 -13.62 -22.30
C ALA C 462 32.45 -14.73 -22.84
N ARG C 463 31.33 -14.38 -23.50
CA ARG C 463 30.39 -15.38 -23.95
C ARG C 463 30.97 -16.30 -25.01
N TYR C 464 32.10 -15.92 -25.63
CA TYR C 464 32.78 -16.78 -26.57
C TYR C 464 33.91 -17.58 -25.93
N ARG C 465 34.08 -17.45 -24.62
CA ARG C 465 34.93 -18.34 -23.82
C ARG C 465 36.36 -18.47 -24.32
N PRO C 466 37.09 -17.37 -24.43
CA PRO C 466 38.51 -17.48 -24.79
C PRO C 466 39.30 -18.17 -23.69
N ARG C 467 40.44 -18.74 -24.09
CA ARG C 467 41.33 -19.32 -23.08
C ARG C 467 42.02 -18.23 -22.29
N ALA C 468 42.38 -17.13 -22.94
CA ALA C 468 43.11 -16.07 -22.27
C ALA C 468 42.20 -15.31 -21.30
N PRO C 469 42.74 -14.83 -20.19
CA PRO C 469 41.93 -14.01 -19.28
C PRO C 469 41.55 -12.69 -19.91
N ILE C 470 40.38 -12.19 -19.53
CA ILE C 470 39.84 -10.92 -20.03
C ILE C 470 40.05 -9.86 -18.95
N ILE C 471 41.02 -8.98 -19.17
CA ILE C 471 41.31 -7.91 -18.23
C ILE C 471 40.43 -6.71 -18.60
N ALA C 472 39.36 -6.51 -17.84
CA ALA C 472 38.42 -5.43 -18.11
C ALA C 472 38.78 -4.20 -17.28
N VAL C 473 39.16 -3.13 -17.96
CA VAL C 473 39.57 -1.89 -17.30
C VAL C 473 38.37 -0.95 -17.25
N THR C 474 38.05 -0.48 -16.05
CA THR C 474 36.89 0.38 -15.87
C THR C 474 37.17 1.40 -14.78
N ARG C 475 36.41 2.49 -14.81
CA ARG C 475 36.39 3.47 -13.74
C ARG C 475 35.12 3.41 -12.91
N ASN C 476 34.13 2.63 -13.34
CA ASN C 476 32.89 2.44 -12.61
C ASN C 476 33.11 1.33 -11.59
N PRO C 477 33.06 1.65 -10.29
CA PRO C 477 33.26 0.59 -9.27
C PRO C 477 32.20 -0.49 -9.34
N GLN C 478 30.93 -0.12 -9.54
CA GLN C 478 29.88 -1.12 -9.68
C GLN C 478 30.12 -2.03 -10.88
N THR C 479 30.59 -1.46 -12.00
CA THR C 479 30.93 -2.28 -13.16
C THR C 479 31.99 -3.32 -12.81
N ALA C 480 33.04 -2.89 -12.10
CA ALA C 480 34.12 -3.82 -11.75
C ALA C 480 33.62 -4.93 -10.84
N ARG C 481 32.64 -4.64 -9.97
CA ARG C 481 32.15 -5.65 -9.05
C ARG C 481 31.19 -6.63 -9.72
N GLN C 482 30.38 -6.17 -10.66
CA GLN C 482 29.45 -7.05 -11.34
C GLN C 482 30.13 -7.92 -12.40
N ALA C 483 31.36 -7.60 -12.79
CA ALA C 483 32.07 -8.38 -13.79
C ALA C 483 32.46 -9.77 -13.28
N HIS C 484 32.39 -10.01 -11.96
CA HIS C 484 32.74 -11.31 -11.41
C HIS C 484 31.77 -12.40 -11.82
N LEU C 485 30.54 -12.03 -12.23
CA LEU C 485 29.55 -13.01 -12.65
C LEU C 485 29.89 -13.66 -13.99
N TYR C 486 30.92 -13.19 -14.71
CA TYR C 486 31.23 -13.69 -16.04
C TYR C 486 32.56 -14.43 -16.02
N ARG C 487 32.57 -15.61 -16.63
CA ARG C 487 33.78 -16.43 -16.74
C ARG C 487 34.92 -15.67 -17.40
N GLY C 488 36.08 -15.67 -16.76
CA GLY C 488 37.28 -15.12 -17.36
C GLY C 488 37.46 -13.62 -17.26
N ILE C 489 36.45 -12.87 -16.86
CA ILE C 489 36.58 -11.41 -16.75
C ILE C 489 37.30 -11.09 -15.43
N PHE C 490 38.51 -10.56 -15.54
CA PHE C 490 39.32 -10.14 -14.40
C PHE C 490 39.26 -8.62 -14.26
N PRO C 491 38.31 -8.09 -13.48
CA PRO C 491 38.09 -6.65 -13.47
C PRO C 491 39.18 -5.89 -12.73
N VAL C 492 39.59 -4.77 -13.30
CA VAL C 492 40.51 -3.84 -12.65
C VAL C 492 39.87 -2.46 -12.67
N LEU C 493 39.96 -1.76 -11.53
CA LEU C 493 39.37 -0.44 -11.37
C LEU C 493 40.49 0.58 -11.41
N CYS C 494 40.50 1.41 -12.45
CA CYS C 494 41.51 2.45 -12.58
C CYS C 494 41.13 3.64 -11.72
N LYS C 495 42.09 4.13 -10.93
CA LYS C 495 41.85 5.22 -10.00
C LYS C 495 42.40 6.56 -10.47
N ASP C 496 43.16 6.57 -11.56
CA ASP C 496 43.72 7.82 -12.06
C ASP C 496 42.62 8.73 -12.59
N PRO C 497 42.84 10.05 -12.57
CA PRO C 497 41.83 10.97 -13.10
C PRO C 497 41.76 10.93 -14.62
N VAL C 498 40.59 11.31 -15.14
CA VAL C 498 40.37 11.32 -16.59
C VAL C 498 41.22 12.41 -17.22
N GLN C 499 42.12 12.00 -18.12
CA GLN C 499 42.92 12.98 -18.86
C GLN C 499 42.06 13.71 -19.89
N GLU C 500 42.39 14.98 -20.13
CA GLU C 500 41.59 15.79 -21.03
C GLU C 500 41.71 15.28 -22.47
N ALA C 501 42.90 14.83 -22.87
CA ALA C 501 43.09 14.24 -24.19
C ALA C 501 42.60 12.80 -24.16
N TRP C 502 41.57 12.49 -24.96
CA TRP C 502 40.93 11.19 -24.86
C TRP C 502 41.85 10.06 -25.31
N ALA C 503 42.63 10.29 -26.37
CA ALA C 503 43.56 9.26 -26.82
C ALA C 503 44.61 8.94 -25.76
N GLU C 504 44.92 9.92 -24.90
CA GLU C 504 45.85 9.66 -23.80
C GLU C 504 45.17 8.94 -22.64
N ASP C 505 43.89 9.22 -22.41
CA ASP C 505 43.15 8.50 -21.39
C ASP C 505 43.04 7.01 -21.74
N VAL C 506 42.98 6.70 -23.04
CA VAL C 506 42.94 5.32 -23.48
C VAL C 506 44.28 4.63 -23.20
N ASP C 507 45.39 5.27 -23.60
CA ASP C 507 46.71 4.70 -23.36
C ASP C 507 46.98 4.54 -21.87
N LEU C 508 46.46 5.45 -21.04
CA LEU C 508 46.66 5.36 -19.60
C LEU C 508 46.04 4.08 -19.06
N ARG C 509 44.77 3.83 -19.40
CA ARG C 509 44.10 2.64 -18.91
C ARG C 509 44.70 1.36 -19.50
N VAL C 510 45.15 1.41 -20.76
CA VAL C 510 45.75 0.22 -21.38
C VAL C 510 47.05 -0.14 -20.69
N ASN C 511 47.87 0.87 -20.36
CA ASN C 511 49.13 0.59 -19.67
C ASN C 511 48.89 0.09 -18.25
N PHE C 512 47.85 0.57 -17.59
CA PHE C 512 47.49 0.03 -16.29
C PHE C 512 47.21 -1.47 -16.39
N ALA C 513 46.43 -1.87 -17.40
CA ALA C 513 46.17 -3.28 -17.64
C ALA C 513 47.47 -4.06 -17.84
N MET C 514 48.41 -3.47 -18.59
CA MET C 514 49.71 -4.11 -18.79
C MET C 514 50.44 -4.29 -17.46
N ASN C 515 50.30 -3.32 -16.56
CA ASN C 515 50.95 -3.43 -15.26
C ASN C 515 50.27 -4.47 -14.38
N VAL C 516 48.94 -4.49 -14.37
CA VAL C 516 48.23 -5.53 -13.63
C VAL C 516 48.61 -6.91 -14.16
N GLY C 517 48.62 -7.07 -15.49
CA GLY C 517 48.94 -8.36 -16.06
C GLY C 517 50.37 -8.80 -15.78
N LYS C 518 51.33 -7.87 -15.90
CA LYS C 518 52.71 -8.22 -15.61
C LYS C 518 52.91 -8.52 -14.13
N ALA C 519 52.20 -7.80 -13.25
CA ALA C 519 52.39 -8.03 -11.82
C ALA C 519 51.77 -9.35 -11.38
N ARG C 520 50.62 -9.71 -11.94
CA ARG C 520 49.97 -10.97 -11.62
C ARG C 520 50.60 -12.15 -12.36
N GLY C 521 51.60 -11.92 -13.21
CA GLY C 521 52.19 -12.99 -13.99
C GLY C 521 51.35 -13.51 -15.13
N PHE C 522 50.31 -12.78 -15.55
CA PHE C 522 49.55 -13.21 -16.72
C PHE C 522 50.42 -13.21 -17.96
N PHE C 523 51.36 -12.29 -18.05
CA PHE C 523 52.29 -12.21 -19.16
C PHE C 523 53.49 -11.38 -18.71
N LYS C 524 54.54 -11.40 -19.54
CA LYS C 524 55.72 -10.58 -19.31
C LYS C 524 55.96 -9.72 -20.54
N LYS C 525 56.98 -8.87 -20.45
CA LYS C 525 57.33 -8.01 -21.57
C LYS C 525 57.66 -8.84 -22.80
N GLY C 526 57.28 -8.33 -23.98
CA GLY C 526 57.52 -9.02 -25.22
C GLY C 526 56.37 -9.90 -25.70
N ASP C 527 55.52 -10.36 -24.79
CA ASP C 527 54.35 -11.13 -25.20
C ASP C 527 53.41 -10.28 -26.04
N VAL C 528 52.39 -10.93 -26.60
CA VAL C 528 51.39 -10.26 -27.42
C VAL C 528 50.06 -10.36 -26.71
N VAL C 529 49.28 -9.29 -26.75
CA VAL C 529 47.96 -9.24 -26.13
C VAL C 529 46.98 -8.56 -27.09
N ILE C 530 45.71 -8.88 -26.91
CA ILE C 530 44.63 -8.26 -27.65
C ILE C 530 44.09 -7.09 -26.83
N VAL C 531 43.88 -5.94 -27.47
CA VAL C 531 43.34 -4.76 -26.83
C VAL C 531 42.08 -4.34 -27.57
N LEU C 532 40.98 -4.19 -26.85
CA LEU C 532 39.71 -3.73 -27.40
C LEU C 532 39.41 -2.34 -26.87
N THR C 533 39.22 -1.39 -27.78
CA THR C 533 38.85 -0.02 -27.45
C THR C 533 37.77 0.45 -28.41
N GLY C 534 37.18 1.60 -28.09
CA GLY C 534 36.26 2.26 -28.99
C GLY C 534 36.91 3.41 -29.75
N TRP C 535 36.12 4.01 -30.63
CA TRP C 535 36.57 5.15 -31.40
C TRP C 535 36.24 6.49 -30.74
N ARG C 536 35.47 6.48 -29.66
CA ARG C 536 35.08 7.70 -28.96
C ARG C 536 34.70 7.32 -27.53
N PRO C 537 34.70 8.28 -26.60
CA PRO C 537 34.30 7.97 -25.22
C PRO C 537 32.81 7.66 -25.12
N GLY C 538 32.46 6.94 -24.05
CA GLY C 538 31.10 6.53 -23.79
C GLY C 538 30.84 5.08 -24.20
N SER C 539 29.79 4.51 -23.60
CA SER C 539 29.44 3.12 -23.88
C SER C 539 28.88 2.96 -25.30
N GLY C 540 29.10 1.77 -25.86
CA GLY C 540 28.50 1.40 -27.13
C GLY C 540 29.35 1.58 -28.36
N PHE C 541 30.63 1.94 -28.21
CA PHE C 541 31.47 2.25 -29.36
C PHE C 541 32.69 1.35 -29.48
N THR C 542 32.78 0.29 -28.69
CA THR C 542 33.89 -0.65 -28.83
C THR C 542 33.87 -1.25 -30.23
N ASN C 543 34.93 -1.01 -30.99
CA ASN C 543 34.92 -1.40 -32.41
C ASN C 543 36.33 -1.57 -32.94
N THR C 544 37.33 -1.44 -32.07
CA THR C 544 38.73 -1.43 -32.46
C THR C 544 39.47 -2.55 -31.75
N MET C 545 40.19 -3.36 -32.51
CA MET C 545 41.01 -4.44 -31.99
C MET C 545 42.45 -4.24 -32.44
N ARG C 546 43.38 -4.27 -31.48
CA ARG C 546 44.80 -4.13 -31.77
C ARG C 546 45.59 -5.29 -31.19
N VAL C 547 46.62 -5.71 -31.91
CA VAL C 547 47.56 -6.73 -31.45
C VAL C 547 48.88 -6.02 -31.14
N VAL C 548 49.24 -5.94 -29.86
CA VAL C 548 50.37 -5.11 -29.44
C VAL C 548 51.30 -5.90 -28.52
N PRO C 549 52.60 -5.63 -28.54
CA PRO C 549 53.51 -6.27 -27.60
C PRO C 549 53.42 -5.65 -26.22
N VAL C 550 53.80 -6.44 -25.22
CA VAL C 550 53.76 -6.01 -23.82
C VAL C 550 54.94 -5.07 -23.56
N PRO C 551 54.69 -3.85 -23.08
CA PRO C 551 55.76 -2.90 -22.73
C PRO C 551 56.45 -3.28 -21.43
N GLN D 34 15.67 50.35 -0.94
CA GLN D 34 15.43 49.35 -1.98
C GLN D 34 14.41 48.31 -1.52
N THR D 35 13.20 48.36 -2.08
CA THR D 35 12.12 47.49 -1.67
C THR D 35 11.16 47.29 -2.84
N GLN D 36 10.73 46.04 -3.05
CA GLN D 36 9.71 45.68 -4.04
C GLN D 36 10.09 46.05 -5.47
N GLN D 37 11.38 46.23 -5.76
CA GLN D 37 11.82 46.78 -7.04
C GLN D 37 11.06 48.06 -7.38
N LEU D 38 10.79 48.89 -6.36
CA LEU D 38 10.01 50.10 -6.57
C LEU D 38 10.83 51.16 -7.30
N HIS D 39 12.16 51.14 -7.16
CA HIS D 39 13.00 52.03 -7.96
C HIS D 39 12.86 51.70 -9.45
N ALA D 40 12.86 50.41 -9.80
CA ALA D 40 12.61 50.01 -11.18
C ALA D 40 11.14 50.22 -11.56
N ALA D 41 10.23 50.19 -10.59
CA ALA D 41 8.82 50.41 -10.89
C ALA D 41 8.57 51.81 -11.45
N MET D 42 9.35 52.80 -11.02
CA MET D 42 9.14 54.19 -11.40
C MET D 42 9.96 54.62 -12.61
N ALA D 43 10.32 53.69 -13.48
CA ALA D 43 11.08 54.01 -14.68
C ALA D 43 10.14 54.48 -15.80
N ASP D 44 10.69 55.28 -16.71
CA ASP D 44 9.93 55.80 -17.84
C ASP D 44 10.06 54.94 -19.09
N THR D 45 10.99 53.99 -19.13
CA THR D 45 11.12 53.06 -20.24
C THR D 45 11.31 51.65 -19.69
N PHE D 46 10.95 50.65 -20.52
CA PHE D 46 11.19 49.27 -20.13
C PHE D 46 12.68 49.00 -19.99
N LEU D 47 13.49 49.59 -20.88
CA LEU D 47 14.94 49.38 -20.82
C LEU D 47 15.51 49.91 -19.51
N GLU D 48 15.09 51.12 -19.12
CA GLU D 48 15.53 51.67 -17.84
C GLU D 48 14.97 50.87 -16.67
N HIS D 49 13.76 50.33 -16.81
CA HIS D 49 13.23 49.42 -15.81
C HIS D 49 14.15 48.22 -15.62
N MET D 50 14.57 47.60 -16.73
CA MET D 50 15.51 46.47 -16.64
C MET D 50 16.80 46.89 -15.96
N CYS D 51 17.35 48.05 -16.36
CA CYS D 51 18.60 48.54 -15.80
C CYS D 51 18.53 48.78 -14.29
N ARG D 52 17.34 48.94 -13.73
CA ARG D 52 17.20 49.25 -12.30
C ARG D 52 16.85 48.04 -11.44
N LEU D 53 16.75 46.85 -12.02
CA LEU D 53 16.45 45.67 -11.21
C LEU D 53 17.61 45.38 -10.26
N ASP D 54 17.29 45.13 -9.00
CA ASP D 54 18.27 45.14 -7.92
C ASP D 54 18.14 43.87 -7.09
N ILE D 55 19.20 43.07 -7.06
CA ILE D 55 19.19 41.82 -6.28
C ILE D 55 19.18 42.07 -4.78
N ASP D 56 19.49 43.28 -4.34
CA ASP D 56 19.47 43.64 -2.92
C ASP D 56 18.15 44.28 -2.51
N SER D 57 17.16 44.35 -3.41
CA SER D 57 15.85 44.90 -3.10
C SER D 57 14.90 43.75 -2.79
N PRO D 58 14.55 43.50 -1.53
CA PRO D 58 13.81 42.28 -1.20
C PRO D 58 12.36 42.39 -1.61
N PRO D 59 11.70 41.28 -1.91
CA PRO D 59 10.27 41.30 -2.20
C PRO D 59 9.45 41.38 -0.91
N ILE D 60 8.14 41.58 -1.09
CA ILE D 60 7.22 41.59 0.04
C ILE D 60 6.91 40.16 0.47
N THR D 61 5.99 40.01 1.42
CA THR D 61 5.64 38.68 1.90
C THR D 61 4.78 37.93 0.89
N ALA D 62 3.82 38.62 0.29
CA ALA D 62 2.76 37.97 -0.49
C ALA D 62 3.29 37.46 -1.83
N ARG D 63 2.94 36.22 -2.17
CA ARG D 63 3.25 35.61 -3.45
C ARG D 63 1.94 35.43 -4.20
N ASN D 64 1.87 36.01 -5.41
CA ASN D 64 0.62 36.15 -6.15
C ASN D 64 0.34 35.01 -7.13
N THR D 65 1.38 34.40 -7.66
CA THR D 65 1.22 33.36 -8.68
C THR D 65 0.84 32.03 -8.02
N GLY D 66 -0.25 31.42 -8.50
CA GLY D 66 -0.66 30.14 -7.95
C GLY D 66 0.33 29.03 -8.27
N ILE D 67 0.44 28.05 -7.37
CA ILE D 67 1.34 26.93 -7.55
C ILE D 67 0.51 25.65 -7.59
N ILE D 68 0.62 24.92 -8.70
CA ILE D 68 -0.10 23.68 -8.93
C ILE D 68 0.90 22.54 -8.90
N CYS D 69 0.59 21.50 -8.11
CA CYS D 69 1.48 20.36 -7.93
C CYS D 69 0.77 19.08 -8.33
N THR D 70 1.45 18.29 -9.16
CA THR D 70 0.96 16.96 -9.50
C THR D 70 1.31 16.01 -8.36
N ILE D 71 0.30 15.34 -7.83
CA ILE D 71 0.47 14.42 -6.71
C ILE D 71 0.73 13.03 -7.27
N GLY D 72 1.71 12.34 -6.71
CA GLY D 72 2.04 11.00 -7.13
C GLY D 72 2.71 10.23 -6.00
N PRO D 73 3.38 9.11 -6.34
CA PRO D 73 4.02 8.30 -5.30
C PRO D 73 4.92 9.10 -4.36
N ALA D 74 5.70 10.05 -4.89
CA ALA D 74 6.62 10.80 -4.04
C ALA D 74 5.91 11.77 -3.09
N SER D 75 4.62 12.04 -3.28
CA SER D 75 4.00 13.13 -2.55
C SER D 75 2.60 12.84 -2.04
N ARG D 76 2.06 11.65 -2.22
CA ARG D 76 0.67 11.42 -1.87
C ARG D 76 0.44 11.03 -0.41
N SER D 77 1.48 10.93 0.40
CA SER D 77 1.28 10.66 1.82
C SER D 77 0.79 11.92 2.52
N VAL D 78 -0.01 11.72 3.57
CA VAL D 78 -0.55 12.83 4.35
C VAL D 78 0.58 13.68 4.90
N GLU D 79 1.67 13.04 5.33
CA GLU D 79 2.79 13.77 5.91
C GLU D 79 3.42 14.72 4.89
N THR D 80 3.68 14.23 3.68
CA THR D 80 4.32 15.08 2.67
C THR D 80 3.37 16.15 2.15
N LEU D 81 2.09 15.82 2.02
CA LEU D 81 1.11 16.79 1.56
C LEU D 81 1.00 17.97 2.52
N LYS D 82 1.10 17.71 3.83
CA LYS D 82 1.06 18.81 4.81
C LYS D 82 2.21 19.78 4.57
N GLU D 83 3.42 19.25 4.37
CA GLU D 83 4.57 20.11 4.13
C GLU D 83 4.48 20.83 2.79
N MET D 84 3.86 20.21 1.79
CA MET D 84 3.69 20.88 0.50
C MET D 84 2.73 22.05 0.63
N ILE D 85 1.65 21.88 1.38
CA ILE D 85 0.74 23.00 1.67
C ILE D 85 1.49 24.13 2.36
N LYS D 86 2.27 23.78 3.38
CA LYS D 86 3.05 24.79 4.09
C LYS D 86 4.11 25.43 3.19
N SER D 87 4.64 24.69 2.22
CA SER D 87 5.61 25.21 1.28
C SER D 87 4.97 26.07 0.19
N GLY D 88 3.65 26.06 0.03
CA GLY D 88 2.97 26.97 -0.88
C GLY D 88 2.06 26.36 -1.93
N MET D 89 1.88 25.04 -1.93
CA MET D 89 1.00 24.40 -2.91
C MET D 89 -0.44 24.89 -2.73
N ASN D 90 -1.07 25.29 -3.84
CA ASN D 90 -2.46 25.74 -3.83
C ASN D 90 -3.43 24.76 -4.47
N VAL D 91 -2.97 23.94 -5.42
CA VAL D 91 -3.81 23.06 -6.20
C VAL D 91 -3.12 21.70 -6.30
N ALA D 92 -3.85 20.64 -6.02
CA ALA D 92 -3.39 19.26 -6.20
C ALA D 92 -3.92 18.74 -7.54
N ARG D 93 -3.01 18.43 -8.45
CA ARG D 93 -3.37 17.90 -9.77
C ARG D 93 -3.30 16.38 -9.75
N LEU D 94 -4.40 15.74 -10.14
CA LEU D 94 -4.49 14.30 -10.32
C LEU D 94 -4.45 13.99 -11.81
N ASN D 95 -3.46 13.20 -12.24
CA ASN D 95 -3.26 12.90 -13.66
C ASN D 95 -3.85 11.53 -13.96
N PHE D 96 -5.01 11.52 -14.62
CA PHE D 96 -5.72 10.28 -14.89
C PHE D 96 -5.23 9.56 -16.14
N SER D 97 -4.07 9.96 -16.68
CA SER D 97 -3.39 9.10 -17.65
C SER D 97 -2.95 7.79 -17.03
N HIS D 98 -2.78 7.75 -15.71
CA HIS D 98 -2.39 6.54 -15.01
C HIS D 98 -3.21 6.42 -13.72
N GLY D 99 -3.20 5.22 -13.16
CA GLY D 99 -3.85 4.94 -11.89
C GLY D 99 -5.31 4.59 -12.02
N THR D 100 -5.81 3.83 -11.05
CA THR D 100 -7.20 3.44 -10.99
C THR D 100 -8.01 4.46 -10.17
N HIS D 101 -9.34 4.31 -10.22
CA HIS D 101 -10.19 5.18 -9.43
C HIS D 101 -9.97 5.00 -7.94
N GLU D 102 -9.65 3.77 -7.51
CA GLU D 102 -9.34 3.52 -6.10
C GLU D 102 -8.10 4.28 -5.68
N TYR D 103 -7.05 4.24 -6.50
CA TYR D 103 -5.80 4.94 -6.22
C TYR D 103 -6.04 6.44 -6.09
N HIS D 104 -6.78 7.03 -7.03
CA HIS D 104 -6.98 8.48 -7.00
C HIS D 104 -7.91 8.88 -5.88
N ALA D 105 -8.92 8.05 -5.57
CA ALA D 105 -9.80 8.34 -4.44
C ALA D 105 -9.01 8.44 -3.15
N GLU D 106 -8.00 7.58 -2.99
CA GLU D 106 -7.18 7.62 -1.77
C GLU D 106 -6.29 8.86 -1.77
N THR D 107 -5.73 9.23 -2.92
CA THR D 107 -4.94 10.45 -3.01
C THR D 107 -5.78 11.67 -2.63
N ILE D 108 -6.99 11.77 -3.19
CA ILE D 108 -7.89 12.87 -2.88
C ILE D 108 -8.23 12.87 -1.38
N LYS D 109 -8.43 11.68 -0.81
CA LYS D 109 -8.68 11.61 0.63
C LYS D 109 -7.49 12.11 1.41
N ASN D 110 -6.27 11.76 0.99
CA ASN D 110 -5.09 12.24 1.68
C ASN D 110 -4.91 13.75 1.52
N VAL D 111 -5.23 14.29 0.34
CA VAL D 111 -5.15 15.74 0.15
C VAL D 111 -6.07 16.46 1.12
N ARG D 112 -7.29 15.96 1.29
CA ARG D 112 -8.26 16.62 2.15
C ARG D 112 -7.95 16.39 3.62
N THR D 113 -7.34 15.25 3.97
CA THR D 113 -6.89 15.06 5.34
C THR D 113 -5.82 16.08 5.71
N ALA D 114 -4.80 16.24 4.86
CA ALA D 114 -3.75 17.22 5.11
C ALA D 114 -4.33 18.63 5.16
N THR D 115 -5.22 18.95 4.23
CA THR D 115 -5.77 20.30 4.16
C THR D 115 -6.57 20.63 5.41
N GLU D 116 -7.48 19.75 5.81
CA GLU D 116 -8.35 20.03 6.95
C GLU D 116 -7.62 19.94 8.29
N SER D 117 -6.40 19.41 8.33
CA SER D 117 -5.64 19.41 9.57
C SER D 117 -5.29 20.83 10.03
N PHE D 118 -5.41 21.83 9.16
CA PHE D 118 -5.20 23.22 9.52
C PHE D 118 -6.49 23.99 9.72
N ALA D 119 -7.63 23.30 9.65
CA ALA D 119 -8.93 23.97 9.62
C ALA D 119 -9.38 24.51 10.98
N SER D 120 -8.62 24.26 12.05
CA SER D 120 -9.03 24.73 13.37
C SER D 120 -8.76 26.22 13.58
N ASP D 121 -7.81 26.80 12.85
CA ASP D 121 -7.60 28.24 12.87
C ASP D 121 -8.04 28.82 11.53
N PRO D 122 -9.24 29.39 11.44
CA PRO D 122 -9.70 29.92 10.15
C PRO D 122 -8.83 31.05 9.63
N ILE D 123 -8.15 31.77 10.51
CA ILE D 123 -7.31 32.88 10.08
C ILE D 123 -6.12 32.38 9.28
N LEU D 124 -5.60 31.19 9.59
CA LEU D 124 -4.40 30.66 8.95
C LEU D 124 -4.68 29.52 7.97
N TYR D 125 -5.92 29.05 7.88
CA TYR D 125 -6.27 27.95 6.99
C TYR D 125 -6.16 28.37 5.53
N ARG D 126 -5.49 27.55 4.72
CA ARG D 126 -5.37 27.79 3.29
C ARG D 126 -6.25 26.81 2.54
N PRO D 127 -7.21 27.27 1.74
CA PRO D 127 -7.93 26.35 0.85
C PRO D 127 -6.97 25.70 -0.13
N VAL D 128 -7.25 24.45 -0.48
CA VAL D 128 -6.46 23.70 -1.45
C VAL D 128 -7.42 23.10 -2.46
N ALA D 129 -7.23 23.42 -3.73
CA ALA D 129 -8.12 22.89 -4.75
C ALA D 129 -7.65 21.53 -5.23
N VAL D 130 -8.57 20.79 -5.84
CA VAL D 130 -8.28 19.50 -6.44
C VAL D 130 -8.64 19.58 -7.92
N ALA D 131 -7.68 19.22 -8.76
CA ALA D 131 -7.84 19.27 -10.22
C ALA D 131 -7.74 17.88 -10.79
N LEU D 132 -8.65 17.55 -11.71
CA LEU D 132 -8.60 16.29 -12.45
C LEU D 132 -8.07 16.57 -13.85
N ASP D 133 -7.00 15.87 -14.22
CA ASP D 133 -6.36 16.01 -15.53
C ASP D 133 -6.68 14.78 -16.35
N THR D 134 -7.42 14.96 -17.45
CA THR D 134 -7.92 13.81 -18.18
C THR D 134 -6.81 13.16 -19.00
N LYS D 135 -7.00 11.89 -19.30
CA LYS D 135 -6.08 11.21 -20.21
C LYS D 135 -6.21 11.76 -21.62
N GLY D 136 -7.44 11.93 -22.12
CA GLY D 136 -7.68 12.42 -23.44
C GLY D 136 -7.29 11.42 -24.52
N PRO D 137 -7.28 11.87 -25.77
CA PRO D 137 -6.96 10.96 -26.88
C PRO D 137 -5.48 10.62 -26.97
N GLU D 138 -4.95 9.93 -25.96
CA GLU D 138 -3.56 9.52 -26.00
C GLU D 138 -3.38 8.29 -26.90
N ILE D 139 -2.16 8.13 -27.39
CA ILE D 139 -1.73 6.91 -28.07
C ILE D 139 -0.61 6.29 -27.25
N ARG D 140 -0.76 5.00 -26.92
CA ARG D 140 0.18 4.31 -26.06
C ARG D 140 0.65 3.01 -26.73
N THR D 141 1.86 2.58 -26.36
CA THR D 141 2.42 1.33 -26.86
C THR D 141 2.02 0.17 -25.94
N GLY D 142 2.41 -1.03 -26.34
CA GLY D 142 2.10 -2.22 -25.58
C GLY D 142 3.10 -2.50 -24.48
N LEU D 143 3.15 -3.76 -24.06
CA LEU D 143 4.03 -4.20 -22.98
C LEU D 143 5.28 -4.86 -23.55
N ILE D 144 6.43 -4.51 -22.98
CA ILE D 144 7.71 -5.07 -23.40
C ILE D 144 7.86 -6.45 -22.78
N LYS D 145 7.83 -7.49 -23.61
CA LYS D 145 8.08 -8.87 -23.19
C LYS D 145 7.18 -9.27 -22.02
N GLY D 146 5.90 -8.94 -22.14
CA GLY D 146 4.92 -9.32 -21.13
C GLY D 146 5.07 -8.65 -19.79
N SER D 147 5.95 -7.66 -19.66
CA SER D 147 6.20 -7.00 -18.40
C SER D 147 5.97 -5.49 -18.53
N GLY D 148 5.28 -4.93 -17.54
CA GLY D 148 5.13 -3.49 -17.44
C GLY D 148 6.35 -2.77 -16.96
N THR D 149 7.45 -3.49 -16.68
CA THR D 149 8.68 -2.88 -16.21
C THR D 149 9.89 -3.25 -17.06
N ALA D 150 9.73 -4.12 -18.06
CA ALA D 150 10.84 -4.48 -18.93
C ALA D 150 11.13 -3.35 -19.92
N GLU D 151 12.35 -3.38 -20.48
CA GLU D 151 12.77 -2.34 -21.41
C GLU D 151 13.80 -2.91 -22.37
N VAL D 152 13.72 -2.50 -23.63
CA VAL D 152 14.69 -2.88 -24.65
C VAL D 152 15.50 -1.65 -25.03
N GLU D 153 16.50 -1.86 -25.87
CA GLU D 153 17.34 -0.77 -26.37
C GLU D 153 17.15 -0.67 -27.88
N LEU D 154 16.86 0.53 -28.36
CA LEU D 154 16.73 0.80 -29.79
C LEU D 154 18.01 1.48 -30.29
N LYS D 155 18.44 1.08 -31.48
CA LYS D 155 19.66 1.60 -32.07
C LYS D 155 19.35 2.40 -33.34
N LYS D 156 20.15 3.44 -33.58
CA LYS D 156 19.92 4.31 -34.73
C LYS D 156 20.10 3.54 -36.03
N GLY D 157 19.29 3.90 -37.04
CA GLY D 157 19.27 3.20 -38.30
C GLY D 157 18.62 1.84 -38.29
N ALA D 158 18.47 1.20 -37.13
CA ALA D 158 17.83 -0.11 -37.06
C ALA D 158 16.37 -0.04 -37.47
N THR D 159 15.84 -1.18 -37.90
CA THR D 159 14.46 -1.28 -38.35
C THR D 159 13.56 -1.70 -37.20
N LEU D 160 12.37 -1.11 -37.13
CA LEU D 160 11.39 -1.43 -36.10
C LEU D 160 10.03 -1.57 -36.76
N LYS D 161 9.35 -2.68 -36.50
CA LYS D 161 8.04 -2.94 -37.06
C LYS D 161 6.97 -2.51 -36.07
N ILE D 162 5.99 -1.75 -36.55
CA ILE D 162 4.86 -1.31 -35.74
C ILE D 162 3.63 -2.08 -36.20
N THR D 163 3.02 -2.82 -35.28
CA THR D 163 1.86 -3.64 -35.58
C THR D 163 0.66 -3.20 -34.74
N LEU D 164 -0.53 -3.41 -35.30
CA LEU D 164 -1.78 -3.20 -34.57
C LEU D 164 -2.39 -4.52 -34.10
N ASP D 165 -1.86 -5.65 -34.55
CA ASP D 165 -2.34 -6.96 -34.14
C ASP D 165 -2.27 -7.10 -32.62
N ASN D 166 -3.42 -7.43 -32.01
CA ASN D 166 -3.49 -7.56 -30.56
C ASN D 166 -2.64 -8.71 -30.03
N ALA D 167 -2.15 -9.60 -30.89
CA ALA D 167 -1.32 -10.70 -30.43
C ALA D 167 0.01 -10.22 -29.86
N TYR D 168 0.42 -8.99 -30.16
CA TYR D 168 1.69 -8.45 -29.70
C TYR D 168 1.54 -7.38 -28.63
N MET D 169 0.31 -7.06 -28.21
CA MET D 169 0.13 -5.96 -27.26
C MET D 169 0.91 -6.18 -25.97
N GLU D 170 1.18 -7.44 -25.61
CA GLU D 170 2.02 -7.76 -24.48
C GLU D 170 3.31 -8.45 -24.91
N LYS D 171 3.66 -8.39 -26.20
CA LYS D 171 4.83 -9.05 -26.75
C LYS D 171 5.65 -8.06 -27.58
N CYS D 172 5.93 -6.88 -27.01
CA CYS D 172 6.76 -5.89 -27.67
C CYS D 172 8.23 -6.14 -27.39
N ASP D 173 9.08 -5.84 -28.37
CA ASP D 173 10.52 -5.96 -28.21
C ASP D 173 11.20 -5.00 -29.19
N GLU D 174 12.52 -5.14 -29.33
CA GLU D 174 13.27 -4.22 -30.18
C GLU D 174 13.00 -4.43 -31.67
N ASN D 175 12.23 -5.44 -32.04
CA ASN D 175 11.90 -5.71 -33.44
C ASN D 175 10.47 -5.35 -33.81
N ILE D 176 9.52 -5.62 -32.92
CA ILE D 176 8.11 -5.33 -33.19
C ILE D 176 7.55 -4.53 -32.02
N LEU D 177 6.76 -3.51 -32.36
CA LEU D 177 6.16 -2.62 -31.37
C LEU D 177 4.68 -2.51 -31.68
N TRP D 178 3.86 -2.69 -30.66
CA TRP D 178 2.41 -2.60 -30.79
C TRP D 178 1.93 -1.29 -30.19
N LEU D 179 0.91 -0.70 -30.79
CA LEU D 179 0.28 0.49 -30.24
C LEU D 179 -1.23 0.39 -30.45
N ASP D 180 -1.97 1.19 -29.68
CA ASP D 180 -3.41 1.02 -29.55
C ASP D 180 -4.21 1.98 -30.41
N TYR D 181 -3.60 2.61 -31.41
CA TYR D 181 -4.32 3.49 -32.32
C TYR D 181 -4.58 2.73 -33.61
N LYS D 182 -5.81 2.24 -33.77
CA LYS D 182 -6.12 1.33 -34.87
C LYS D 182 -6.12 2.01 -36.23
N ASN D 183 -6.28 3.33 -36.30
CA ASN D 183 -6.37 4.04 -37.57
C ASN D 183 -5.04 4.65 -37.99
N ILE D 184 -3.92 4.23 -37.39
CA ILE D 184 -2.67 4.94 -37.59
C ILE D 184 -2.21 4.85 -39.05
N CYS D 185 -2.45 3.72 -39.71
CA CYS D 185 -2.08 3.58 -41.11
C CYS D 185 -2.88 4.51 -42.00
N LYS D 186 -4.08 4.88 -41.58
CA LYS D 186 -4.93 5.76 -42.37
C LYS D 186 -4.48 7.21 -42.29
N VAL D 187 -3.65 7.57 -41.32
CA VAL D 187 -3.28 8.96 -41.08
C VAL D 187 -1.79 9.24 -41.30
N VAL D 188 -0.96 8.23 -41.51
CA VAL D 188 0.46 8.42 -41.72
C VAL D 188 0.82 8.01 -43.15
N GLU D 189 2.03 8.38 -43.56
CA GLU D 189 2.55 8.03 -44.88
C GLU D 189 4.04 7.74 -44.75
N VAL D 190 4.66 7.39 -45.87
CA VAL D 190 6.10 7.19 -45.88
C VAL D 190 6.81 8.51 -45.63
N GLY D 191 7.85 8.49 -44.81
CA GLY D 191 8.54 9.68 -44.40
C GLY D 191 7.98 10.36 -43.16
N SER D 192 6.76 9.98 -42.74
CA SER D 192 6.19 10.52 -41.51
C SER D 192 7.11 10.26 -40.34
N LYS D 193 7.11 11.17 -39.39
CA LYS D 193 7.84 11.01 -38.14
C LYS D 193 6.89 10.52 -37.06
N ILE D 194 7.37 9.57 -36.27
CA ILE D 194 6.64 9.04 -35.12
C ILE D 194 7.54 9.15 -33.90
N TYR D 195 7.03 9.77 -32.84
CA TYR D 195 7.79 9.95 -31.61
C TYR D 195 7.19 9.08 -30.52
N VAL D 196 8.06 8.52 -29.68
CA VAL D 196 7.66 7.56 -28.65
C VAL D 196 8.29 7.97 -27.33
N ASP D 197 7.52 7.83 -26.25
CA ASP D 197 7.95 8.11 -24.88
C ASP D 197 8.36 9.57 -24.72
N ASP D 198 7.32 10.43 -24.79
CA ASP D 198 7.47 11.87 -24.59
C ASP D 198 8.60 12.44 -25.44
N GLY D 199 8.60 12.07 -26.72
CA GLY D 199 9.52 12.62 -27.69
C GLY D 199 10.94 12.09 -27.65
N LEU D 200 11.25 11.19 -26.71
CA LEU D 200 12.62 10.69 -26.58
C LEU D 200 13.07 9.96 -27.84
N ILE D 201 12.36 8.90 -28.21
CA ILE D 201 12.66 8.12 -29.40
C ILE D 201 11.87 8.65 -30.57
N SER D 202 12.47 8.68 -31.76
CA SER D 202 11.81 9.11 -32.97
C SER D 202 12.00 8.08 -34.07
N LEU D 203 10.93 7.83 -34.81
CA LEU D 203 10.93 6.87 -35.91
C LEU D 203 10.47 7.57 -37.18
N GLN D 204 10.78 6.94 -38.32
CA GLN D 204 10.35 7.43 -39.62
C GLN D 204 9.79 6.25 -40.41
N VAL D 205 8.56 6.40 -40.90
CA VAL D 205 7.91 5.31 -41.62
C VAL D 205 8.63 5.05 -42.93
N LYS D 206 8.99 3.78 -43.16
CA LYS D 206 9.64 3.39 -44.40
C LYS D 206 8.76 2.56 -45.33
N GLN D 207 7.71 1.95 -44.81
CA GLN D 207 6.78 1.17 -45.62
C GLN D 207 5.45 1.06 -44.91
N LYS D 208 4.37 1.01 -45.68
CA LYS D 208 3.03 0.82 -45.14
C LYS D 208 2.43 -0.51 -45.58
N PHE D 212 0.26 -3.00 -40.57
CA PHE D 212 1.61 -2.96 -40.01
C PHE D 212 2.39 -1.77 -40.57
N LEU D 213 3.48 -1.41 -39.89
CA LEU D 213 4.26 -0.22 -40.22
C LEU D 213 5.73 -0.53 -40.03
N VAL D 214 6.52 -0.37 -41.09
CA VAL D 214 7.96 -0.58 -41.05
C VAL D 214 8.65 0.77 -40.92
N THR D 215 9.52 0.90 -39.93
CA THR D 215 10.17 2.16 -39.64
C THR D 215 11.66 1.94 -39.44
N GLU D 216 12.42 3.03 -39.49
CA GLU D 216 13.84 3.05 -39.19
C GLU D 216 14.08 4.00 -38.03
N VAL D 217 14.73 3.51 -36.98
CA VAL D 217 14.97 4.31 -35.78
C VAL D 217 15.85 5.50 -36.15
N GLU D 218 15.38 6.71 -35.86
CA GLU D 218 16.14 7.93 -36.06
C GLU D 218 17.04 8.20 -34.85
N ASN D 219 16.44 8.40 -33.69
CA ASN D 219 17.17 8.49 -32.43
C ASN D 219 16.75 7.33 -31.55
N GLY D 220 17.72 6.62 -31.01
CA GLY D 220 17.47 5.44 -30.21
C GLY D 220 17.41 5.74 -28.72
N GLY D 221 17.47 4.67 -27.94
CA GLY D 221 17.36 4.77 -26.50
C GLY D 221 16.54 3.65 -25.90
N SER D 222 16.48 3.58 -24.57
CA SER D 222 15.74 2.51 -23.93
C SER D 222 14.24 2.72 -24.10
N LEU D 223 13.55 1.69 -24.59
CA LEU D 223 12.12 1.73 -24.83
C LEU D 223 11.43 0.86 -23.80
N GLY D 224 10.58 1.48 -22.97
CA GLY D 224 9.82 0.79 -21.96
C GLY D 224 8.43 0.40 -22.42
N SER D 225 7.58 0.08 -21.46
CA SER D 225 6.22 -0.32 -21.76
C SER D 225 5.27 0.87 -21.65
N LYS D 226 4.20 0.82 -22.45
CA LYS D 226 3.09 1.76 -22.33
C LYS D 226 3.54 3.21 -22.44
N LYS D 227 4.42 3.49 -23.41
CA LYS D 227 4.90 4.85 -23.63
C LYS D 227 3.99 5.58 -24.62
N GLY D 228 4.00 6.91 -24.52
CA GLY D 228 3.11 7.72 -25.33
C GLY D 228 3.69 7.98 -26.72
N VAL D 229 2.79 8.03 -27.70
CA VAL D 229 3.14 8.21 -29.10
C VAL D 229 2.55 9.53 -29.59
N ASN D 230 3.37 10.32 -30.28
CA ASN D 230 2.91 11.53 -30.94
C ASN D 230 3.10 11.39 -32.44
N LEU D 231 2.12 11.88 -33.20
CA LEU D 231 2.14 11.85 -34.66
C LEU D 231 2.02 13.29 -35.16
N PRO D 232 3.12 14.05 -35.13
CA PRO D 232 3.05 15.48 -35.47
C PRO D 232 2.63 15.68 -36.93
N GLY D 233 1.66 16.57 -37.13
CA GLY D 233 1.19 16.91 -38.45
C GLY D 233 0.24 15.92 -39.09
N ALA D 234 -0.14 14.85 -38.39
CA ALA D 234 -1.12 13.90 -38.88
C ALA D 234 -2.50 14.21 -38.32
N ALA D 235 -3.53 13.84 -39.08
CA ALA D 235 -4.91 14.16 -38.71
C ALA D 235 -5.47 13.02 -37.87
N VAL D 236 -5.11 13.04 -36.59
CA VAL D 236 -5.59 12.03 -35.65
C VAL D 236 -7.08 12.25 -35.40
N ASP D 237 -7.87 11.17 -35.51
CA ASP D 237 -9.32 11.25 -35.49
C ASP D 237 -9.93 10.63 -34.24
N LEU D 238 -9.18 10.62 -33.14
CA LEU D 238 -9.71 10.06 -31.91
C LEU D 238 -10.80 10.97 -31.34
N PRO D 239 -11.77 10.42 -30.61
CA PRO D 239 -12.82 11.26 -30.03
C PRO D 239 -12.27 12.24 -29.00
N ALA D 240 -12.90 13.41 -28.95
CA ALA D 240 -12.54 14.40 -27.94
C ALA D 240 -12.71 13.84 -26.54
N VAL D 241 -13.85 13.21 -26.26
CA VAL D 241 -14.14 12.63 -24.96
C VAL D 241 -14.34 11.13 -25.16
N SER D 242 -13.35 10.34 -24.78
CA SER D 242 -13.44 8.90 -24.92
C SER D 242 -14.29 8.30 -23.81
N GLU D 243 -14.54 7.00 -23.92
CA GLU D 243 -15.30 6.30 -22.89
C GLU D 243 -14.56 6.31 -21.56
N LYS D 244 -13.23 6.22 -21.60
CA LYS D 244 -12.46 6.34 -20.36
C LYS D 244 -12.61 7.72 -19.74
N ASP D 245 -12.57 8.77 -20.57
CA ASP D 245 -12.77 10.13 -20.04
C ASP D 245 -14.17 10.29 -19.45
N ILE D 246 -15.17 9.66 -20.06
CA ILE D 246 -16.53 9.69 -19.52
C ILE D 246 -16.54 9.15 -18.09
N GLN D 247 -15.91 8.00 -17.88
CA GLN D 247 -15.86 7.41 -16.54
C GLN D 247 -15.03 8.25 -15.58
N ASP D 248 -13.95 8.86 -16.06
CA ASP D 248 -13.13 9.69 -15.18
C ASP D 248 -13.84 10.99 -14.81
N LEU D 249 -14.57 11.58 -15.75
CA LEU D 249 -15.31 12.81 -15.45
C LEU D 249 -16.45 12.55 -14.48
N LYS D 250 -17.16 11.43 -14.65
CA LYS D 250 -18.19 11.05 -13.68
C LYS D 250 -17.58 10.85 -12.30
N PHE D 251 -16.42 10.19 -12.24
CA PHE D 251 -15.69 10.07 -10.98
C PHE D 251 -15.35 11.44 -10.41
N GLY D 252 -15.01 12.40 -11.29
CA GLY D 252 -14.67 13.72 -10.81
C GLY D 252 -15.84 14.43 -10.18
N VAL D 253 -17.04 14.26 -10.74
CA VAL D 253 -18.23 14.88 -10.16
C VAL D 253 -18.54 14.25 -8.81
N GLU D 254 -18.44 12.93 -8.70
CA GLU D 254 -18.72 12.26 -7.44
C GLU D 254 -17.71 12.64 -6.36
N GLN D 255 -16.46 12.88 -6.73
CA GLN D 255 -15.41 13.21 -5.78
C GLN D 255 -15.31 14.70 -5.49
N ASP D 256 -16.17 15.53 -6.12
CA ASP D 256 -16.28 16.95 -5.79
C ASP D 256 -15.01 17.74 -6.17
N VAL D 257 -14.41 17.42 -7.32
CA VAL D 257 -13.22 18.16 -7.74
C VAL D 257 -13.61 19.58 -8.13
N ASP D 258 -12.61 20.47 -8.14
CA ASP D 258 -12.88 21.88 -8.40
C ASP D 258 -12.70 22.26 -9.86
N MET D 259 -11.94 21.49 -10.61
CA MET D 259 -11.63 21.88 -11.98
C MET D 259 -11.18 20.67 -12.75
N VAL D 260 -11.38 20.70 -14.07
CA VAL D 260 -10.90 19.68 -14.97
C VAL D 260 -9.90 20.32 -15.93
N PHE D 261 -8.73 19.69 -16.06
CA PHE D 261 -7.76 20.05 -17.09
C PHE D 261 -7.97 19.09 -18.26
N ALA D 262 -8.54 19.59 -19.35
CA ALA D 262 -8.96 18.74 -20.45
C ALA D 262 -7.82 18.63 -21.48
N SER D 263 -7.30 17.41 -21.64
CA SER D 263 -6.15 17.17 -22.52
C SER D 263 -6.55 17.25 -24.00
N PHE D 264 -5.63 17.81 -24.80
CA PHE D 264 -5.68 17.77 -26.27
C PHE D 264 -6.94 18.45 -26.85
N ILE D 265 -7.34 19.57 -26.28
CA ILE D 265 -8.47 20.30 -26.86
C ILE D 265 -8.07 20.85 -28.22
N ARG D 266 -8.89 20.56 -29.24
CA ARG D 266 -8.60 20.95 -30.61
C ARG D 266 -9.50 22.05 -31.14
N LYS D 267 -10.72 22.16 -30.61
CA LYS D 267 -11.68 23.12 -31.13
C LYS D 267 -12.69 23.40 -30.03
N ALA D 268 -13.49 24.45 -30.24
CA ALA D 268 -14.49 24.83 -29.25
C ALA D 268 -15.48 23.71 -28.98
N SER D 269 -15.81 22.90 -30.00
CA SER D 269 -16.79 21.84 -29.79
C SER D 269 -16.26 20.75 -28.87
N ASP D 270 -14.93 20.56 -28.79
CA ASP D 270 -14.38 19.69 -27.76
C ASP D 270 -14.72 20.22 -26.37
N VAL D 271 -14.57 21.53 -26.16
CA VAL D 271 -14.87 22.11 -24.86
C VAL D 271 -16.35 21.94 -24.53
N HIS D 272 -17.21 22.17 -25.51
CA HIS D 272 -18.65 22.04 -25.28
C HIS D 272 -19.02 20.60 -24.93
N GLU D 273 -18.38 19.63 -25.58
CA GLU D 273 -18.64 18.23 -25.26
C GLU D 273 -18.32 17.94 -23.79
N VAL D 274 -17.18 18.44 -23.29
CA VAL D 274 -16.84 18.24 -21.89
C VAL D 274 -17.89 18.90 -20.99
N ARG D 275 -18.34 20.10 -21.36
CA ARG D 275 -19.33 20.81 -20.57
C ARG D 275 -20.64 20.05 -20.51
N LYS D 276 -21.08 19.49 -21.65
CA LYS D 276 -22.32 18.73 -21.67
C LYS D 276 -22.20 17.43 -20.88
N VAL D 277 -21.05 16.76 -20.98
CA VAL D 277 -20.82 15.53 -20.21
C VAL D 277 -20.92 15.81 -18.71
N LEU D 278 -20.29 16.89 -18.25
CA LEU D 278 -20.37 17.22 -16.83
C LEU D 278 -21.80 17.53 -16.41
N GLY D 279 -22.61 18.06 -17.33
CA GLY D 279 -24.02 18.23 -17.11
C GLY D 279 -24.35 19.18 -15.97
N GLU D 280 -25.56 19.00 -15.45
CA GLU D 280 -26.04 19.85 -14.36
C GLU D 280 -25.22 19.66 -13.10
N LYS D 281 -24.93 18.40 -12.74
CA LYS D 281 -24.23 18.12 -11.50
C LYS D 281 -22.82 18.73 -11.47
N GLY D 282 -22.19 18.90 -12.63
CA GLY D 282 -20.85 19.46 -12.69
C GLY D 282 -20.77 20.86 -13.26
N LYS D 283 -21.88 21.60 -13.21
CA LYS D 283 -21.93 22.91 -13.87
C LYS D 283 -20.98 23.91 -13.22
N ASN D 284 -20.66 23.73 -11.94
CA ASN D 284 -19.78 24.68 -11.25
C ASN D 284 -18.30 24.32 -11.37
N ILE D 285 -17.97 23.19 -11.98
CA ILE D 285 -16.58 22.77 -12.14
C ILE D 285 -15.95 23.58 -13.27
N LYS D 286 -14.80 24.20 -13.00
CA LYS D 286 -14.12 24.99 -14.03
C LYS D 286 -13.43 24.08 -15.03
N ILE D 287 -13.56 24.40 -16.31
CA ILE D 287 -12.95 23.61 -17.38
C ILE D 287 -11.75 24.38 -17.92
N ILE D 288 -10.56 23.82 -17.74
CA ILE D 288 -9.32 24.38 -18.27
C ILE D 288 -8.93 23.57 -19.49
N SER D 289 -8.84 24.22 -20.65
CA SER D 289 -8.46 23.53 -21.88
C SER D 289 -6.94 23.49 -22.02
N LYS D 290 -6.39 22.30 -22.21
CA LYS D 290 -4.96 22.15 -22.43
C LYS D 290 -4.69 22.28 -23.92
N ILE D 291 -3.80 23.20 -24.28
CA ILE D 291 -3.39 23.41 -25.67
C ILE D 291 -2.10 22.66 -25.86
N GLU D 292 -2.14 21.58 -26.64
CA GLU D 292 -0.99 20.69 -26.76
C GLU D 292 -0.71 20.25 -28.20
N ASN D 293 -1.35 20.86 -29.20
CA ASN D 293 -1.07 20.47 -30.57
C ASN D 293 -1.37 21.64 -31.49
N HIS D 294 -1.13 21.41 -32.78
CA HIS D 294 -1.13 22.49 -33.77
C HIS D 294 -2.52 23.10 -33.95
N GLU D 295 -3.55 22.25 -34.03
CA GLU D 295 -4.90 22.76 -34.24
C GLU D 295 -5.38 23.58 -33.04
N GLY D 296 -4.97 23.20 -31.83
CA GLY D 296 -5.34 23.97 -30.66
C GLY D 296 -4.81 25.39 -30.71
N VAL D 297 -3.56 25.57 -31.13
CA VAL D 297 -3.02 26.92 -31.28
C VAL D 297 -3.75 27.67 -32.39
N ARG D 298 -4.04 26.98 -33.50
CA ARG D 298 -4.73 27.63 -34.62
C ARG D 298 -6.13 28.08 -34.23
N ARG D 299 -6.85 27.26 -33.47
CA ARG D 299 -8.21 27.58 -33.06
C ARG D 299 -8.27 28.15 -31.65
N PHE D 300 -7.20 28.79 -31.19
CA PHE D 300 -7.11 29.21 -29.80
C PHE D 300 -8.25 30.15 -29.41
N ASP D 301 -8.60 31.10 -30.28
CA ASP D 301 -9.60 32.11 -29.91
C ASP D 301 -10.95 31.48 -29.59
N GLU D 302 -11.42 30.55 -30.43
CA GLU D 302 -12.71 29.92 -30.13
C GLU D 302 -12.61 29.01 -28.89
N ILE D 303 -11.48 28.35 -28.70
CA ILE D 303 -11.29 27.50 -27.53
C ILE D 303 -11.29 28.33 -26.26
N LEU D 304 -10.58 29.47 -26.29
CA LEU D 304 -10.58 30.37 -25.14
C LEU D 304 -11.98 30.85 -24.81
N GLU D 305 -12.75 31.20 -25.84
CA GLU D 305 -14.09 31.73 -25.61
C GLU D 305 -14.97 30.71 -24.91
N ALA D 306 -14.81 29.43 -25.24
CA ALA D 306 -15.66 28.40 -24.63
C ALA D 306 -15.16 27.95 -23.26
N SER D 307 -13.90 28.19 -22.91
CA SER D 307 -13.32 27.60 -21.72
C SER D 307 -13.34 28.57 -20.55
N ASP D 308 -13.15 28.03 -19.35
CA ASP D 308 -12.97 28.90 -18.18
C ASP D 308 -11.53 29.37 -18.05
N GLY D 309 -10.59 28.68 -18.69
CA GLY D 309 -9.18 28.99 -18.56
C GLY D 309 -8.40 28.09 -19.50
N ILE D 310 -7.08 28.32 -19.53
CA ILE D 310 -6.19 27.72 -20.51
C ILE D 310 -4.97 27.15 -19.78
N MET D 311 -4.53 25.97 -20.20
CA MET D 311 -3.22 25.46 -19.78
C MET D 311 -2.32 25.35 -21.01
N VAL D 312 -1.17 26.01 -20.94
CA VAL D 312 -0.11 25.85 -21.93
C VAL D 312 0.65 24.55 -21.59
N ALA D 313 0.25 23.46 -22.22
CA ALA D 313 0.79 22.12 -21.92
C ALA D 313 2.02 21.90 -22.80
N ARG D 314 3.16 22.44 -22.35
CA ARG D 314 4.33 22.54 -23.21
C ARG D 314 4.97 21.20 -23.53
N GLY D 315 4.72 20.17 -22.71
CA GLY D 315 5.27 18.84 -22.97
C GLY D 315 4.88 18.29 -24.33
N ASP D 316 3.59 18.02 -24.52
CA ASP D 316 3.13 17.56 -25.83
C ASP D 316 3.30 18.65 -26.88
N LEU D 317 3.07 19.92 -26.51
CA LEU D 317 3.13 20.99 -27.49
C LEU D 317 4.50 21.05 -28.17
N GLY D 318 5.58 20.87 -27.40
CA GLY D 318 6.91 20.88 -27.94
C GLY D 318 7.24 19.69 -28.83
N ILE D 319 6.41 18.65 -28.80
CA ILE D 319 6.56 17.54 -29.73
C ILE D 319 5.68 17.73 -30.96
N GLU D 320 4.49 18.32 -30.78
CA GLU D 320 3.57 18.47 -31.90
C GLU D 320 4.01 19.59 -32.84
N ILE D 321 4.55 20.68 -32.29
CA ILE D 321 5.11 21.76 -33.10
C ILE D 321 6.62 21.77 -32.88
N PRO D 322 7.40 22.42 -33.74
CA PRO D 322 8.84 22.57 -33.47
C PRO D 322 9.09 23.21 -32.11
N ALA D 323 10.04 22.63 -31.37
CA ALA D 323 10.27 23.06 -30.00
C ALA D 323 10.78 24.50 -29.92
N GLU D 324 11.48 24.98 -30.95
CA GLU D 324 11.92 26.38 -30.95
C GLU D 324 10.77 27.36 -31.12
N LYS D 325 9.56 26.88 -31.37
CA LYS D 325 8.40 27.75 -31.51
C LYS D 325 7.50 27.74 -30.28
N VAL D 326 7.81 26.93 -29.27
CA VAL D 326 6.93 26.84 -28.11
C VAL D 326 6.82 28.17 -27.38
N PHE D 327 7.95 28.89 -27.25
CA PHE D 327 7.93 30.14 -26.50
C PHE D 327 7.01 31.16 -27.15
N LEU D 328 6.96 31.18 -28.50
CA LEU D 328 6.01 32.04 -29.19
C LEU D 328 4.57 31.70 -28.81
N ALA D 329 4.21 30.43 -28.86
CA ALA D 329 2.83 30.04 -28.57
C ALA D 329 2.49 30.31 -27.11
N GLN D 330 3.45 30.11 -26.20
CA GLN D 330 3.21 30.38 -24.79
C GLN D 330 2.91 31.86 -24.55
N LYS D 331 3.77 32.75 -25.07
CA LYS D 331 3.55 34.18 -24.87
C LYS D 331 2.28 34.66 -25.57
N MET D 332 1.95 34.08 -26.73
CA MET D 332 0.69 34.42 -27.39
C MET D 332 -0.49 34.06 -26.52
N MET D 333 -0.52 32.83 -26.00
CA MET D 333 -1.68 32.38 -25.23
C MET D 333 -1.78 33.13 -23.91
N ILE D 334 -0.64 33.36 -23.24
CA ILE D 334 -0.70 34.12 -21.99
C ILE D 334 -1.21 35.53 -22.24
N GLY D 335 -0.75 36.18 -23.31
CA GLY D 335 -1.22 37.51 -23.62
C GLY D 335 -2.72 37.56 -23.90
N ARG D 336 -3.22 36.61 -24.68
CA ARG D 336 -4.64 36.63 -25.04
C ARG D 336 -5.52 36.27 -23.86
N CYS D 337 -5.03 35.42 -22.94
CA CYS D 337 -5.77 35.15 -21.72
C CYS D 337 -5.80 36.37 -20.80
N ASN D 338 -4.66 37.04 -20.65
CA ASN D 338 -4.64 38.26 -19.85
C ASN D 338 -5.61 39.29 -20.43
N ARG D 339 -5.60 39.43 -21.76
CA ARG D 339 -6.50 40.37 -22.42
C ARG D 339 -7.95 40.01 -22.14
N ALA D 340 -8.30 38.71 -22.19
CA ALA D 340 -9.67 38.26 -21.94
C ALA D 340 -10.00 38.14 -20.46
N GLY D 341 -9.04 38.29 -19.56
CA GLY D 341 -9.31 38.11 -18.15
C GLY D 341 -9.55 36.68 -17.73
N LYS D 342 -9.00 35.72 -18.47
CA LYS D 342 -9.21 34.34 -18.07
C LYS D 342 -7.90 33.71 -17.60
N PRO D 343 -7.95 32.81 -16.61
CA PRO D 343 -6.72 32.23 -16.07
C PRO D 343 -5.95 31.45 -17.11
N VAL D 344 -4.63 31.53 -17.05
CA VAL D 344 -3.74 30.75 -17.91
C VAL D 344 -2.66 30.12 -17.05
N ILE D 345 -2.40 28.84 -17.28
CA ILE D 345 -1.42 28.05 -16.52
C ILE D 345 -0.27 27.72 -17.45
N CYS D 346 0.95 27.94 -16.98
CA CYS D 346 2.15 27.50 -17.68
C CYS D 346 2.63 26.20 -17.06
N ALA D 347 2.89 25.19 -17.88
CA ALA D 347 3.08 23.85 -17.36
C ALA D 347 4.22 23.12 -18.06
N THR D 348 4.85 22.21 -17.30
CA THR D 348 5.66 21.09 -17.76
C THR D 348 7.13 21.43 -17.92
N GLN D 349 7.98 20.73 -17.15
CA GLN D 349 9.43 20.82 -17.22
C GLN D 349 9.96 22.18 -16.76
N MET D 350 9.21 22.89 -15.93
CA MET D 350 9.71 24.15 -15.40
C MET D 350 10.93 23.95 -14.52
N LEU D 351 10.95 22.86 -13.75
CA LEU D 351 12.09 22.57 -12.88
C LEU D 351 12.49 21.10 -13.01
N GLU D 352 12.61 20.64 -14.25
CA GLU D 352 12.69 19.20 -14.52
C GLU D 352 13.87 18.55 -13.79
N SER D 353 15.03 19.23 -13.75
CA SER D 353 16.22 18.63 -13.15
C SER D 353 16.07 18.39 -11.66
N MET D 354 15.12 19.06 -11.00
CA MET D 354 14.87 18.79 -9.58
C MET D 354 14.20 17.45 -9.34
N ILE D 355 13.89 16.70 -10.39
CA ILE D 355 13.49 15.31 -10.21
C ILE D 355 14.63 14.52 -9.56
N LYS D 356 15.87 14.84 -9.92
CA LYS D 356 17.04 14.13 -9.41
C LYS D 356 17.95 14.96 -8.51
N LYS D 357 17.91 16.29 -8.61
CA LYS D 357 18.87 17.09 -7.87
C LYS D 357 18.16 18.10 -6.96
N PRO D 358 18.78 18.48 -5.84
CA PRO D 358 18.09 19.36 -4.89
C PRO D 358 18.01 20.82 -5.32
N ARG D 359 18.60 21.20 -6.44
CA ARG D 359 18.63 22.57 -6.90
C ARG D 359 18.42 22.62 -8.40
N PRO D 360 17.75 23.64 -8.90
CA PRO D 360 17.46 23.72 -10.34
C PRO D 360 18.67 24.20 -11.13
N THR D 361 18.57 24.05 -12.46
CA THR D 361 19.52 24.66 -13.36
C THR D 361 19.18 26.14 -13.56
N ARG D 362 20.14 26.88 -14.13
CA ARG D 362 19.93 28.29 -14.42
C ARG D 362 18.82 28.49 -15.45
N ALA D 363 18.74 27.60 -16.45
CA ALA D 363 17.65 27.70 -17.42
C ALA D 363 16.29 27.53 -16.73
N GLU D 364 16.20 26.63 -15.75
CA GLU D 364 14.93 26.40 -15.06
C GLU D 364 14.57 27.58 -14.16
N GLY D 365 15.55 28.16 -13.47
CA GLY D 365 15.29 29.39 -12.73
C GLY D 365 14.77 30.50 -13.62
N SER D 366 15.29 30.58 -14.85
CA SER D 366 14.88 31.62 -15.78
C SER D 366 13.47 31.37 -16.30
N ASP D 367 13.15 30.11 -16.63
CA ASP D 367 11.86 29.75 -17.19
C ASP D 367 10.72 30.13 -16.25
N VAL D 368 10.84 29.79 -14.96
CA VAL D 368 9.76 30.09 -14.02
C VAL D 368 9.57 31.59 -13.91
N ALA D 369 10.67 32.33 -13.77
CA ALA D 369 10.60 33.79 -13.67
C ALA D 369 9.96 34.41 -14.90
N ASN D 370 10.36 33.97 -16.10
CA ASN D 370 9.84 34.59 -17.31
C ASN D 370 8.38 34.25 -17.55
N ALA D 371 7.93 33.08 -17.08
CA ALA D 371 6.50 32.77 -17.16
C ALA D 371 5.68 33.72 -16.29
N VAL D 372 6.19 34.05 -15.10
CA VAL D 372 5.49 35.01 -14.24
C VAL D 372 5.53 36.40 -14.87
N LEU D 373 6.69 36.81 -15.39
CA LEU D 373 6.78 38.08 -16.09
C LEU D 373 5.90 38.10 -17.34
N ASP D 374 5.76 36.97 -18.03
CA ASP D 374 4.85 36.91 -19.19
C ASP D 374 3.41 37.25 -18.79
N GLY D 375 2.98 36.82 -17.61
CA GLY D 375 1.61 37.06 -17.18
C GLY D 375 0.83 35.84 -16.74
N ALA D 376 1.53 34.71 -16.58
CA ALA D 376 0.87 33.47 -16.19
C ALA D 376 0.25 33.58 -14.80
N ASP D 377 -0.99 33.10 -14.67
CA ASP D 377 -1.67 33.16 -13.37
C ASP D 377 -1.12 32.09 -12.42
N CYS D 378 -0.83 30.91 -12.93
CA CYS D 378 -0.34 29.78 -12.15
C CYS D 378 0.82 29.12 -12.89
N ILE D 379 1.75 28.56 -12.13
CA ILE D 379 2.79 27.70 -12.66
C ILE D 379 2.59 26.30 -12.07
N MET D 380 2.99 25.29 -12.83
CA MET D 380 2.68 23.91 -12.50
C MET D 380 3.94 23.07 -12.38
N LEU D 381 3.86 22.05 -11.52
CA LEU D 381 4.89 21.03 -11.37
C LEU D 381 4.29 19.67 -11.69
N SER D 382 5.06 18.83 -12.39
CA SER D 382 4.60 17.51 -12.79
C SER D 382 5.48 16.47 -12.13
N GLY D 383 6.45 15.90 -12.86
CA GLY D 383 7.30 14.88 -12.28
C GLY D 383 8.08 15.36 -11.07
N GLU D 384 8.37 16.67 -11.00
CA GLU D 384 9.13 17.23 -9.88
C GLU D 384 8.46 16.91 -8.55
N THR D 385 7.14 16.87 -8.52
CA THR D 385 6.41 16.57 -7.29
C THR D 385 5.72 15.20 -7.31
N ALA D 386 5.43 14.66 -8.49
CA ALA D 386 4.72 13.39 -8.57
C ALA D 386 5.63 12.20 -8.27
N LYS D 387 6.89 12.27 -8.69
CA LYS D 387 7.78 11.12 -8.62
C LYS D 387 9.22 11.44 -8.28
N GLY D 388 9.63 12.71 -8.24
CA GLY D 388 11.03 13.03 -8.02
C GLY D 388 11.47 12.83 -6.58
N ASP D 389 12.76 13.10 -6.36
CA ASP D 389 13.37 12.93 -5.04
C ASP D 389 13.25 14.15 -4.14
N TYR D 390 12.90 15.32 -4.70
CA TYR D 390 12.90 16.56 -3.93
C TYR D 390 11.62 17.36 -4.16
N PRO D 391 10.46 16.77 -3.85
CA PRO D 391 9.20 17.49 -4.12
C PRO D 391 9.02 18.74 -3.28
N LEU D 392 9.44 18.72 -2.01
CA LEU D 392 9.31 19.92 -1.18
C LEU D 392 10.23 21.03 -1.68
N GLU D 393 11.46 20.69 -2.06
CA GLU D 393 12.39 21.70 -2.56
C GLU D 393 11.85 22.37 -3.82
N ALA D 394 11.24 21.59 -4.71
CA ALA D 394 10.71 22.14 -5.96
C ALA D 394 9.58 23.12 -5.71
N VAL D 395 8.66 22.79 -4.79
CA VAL D 395 7.58 23.71 -4.44
C VAL D 395 8.15 24.99 -3.85
N ARG D 396 9.14 24.87 -2.96
CA ARG D 396 9.74 26.04 -2.35
C ARG D 396 10.51 26.88 -3.35
N MET D 397 11.12 26.26 -4.36
CA MET D 397 11.84 27.04 -5.35
C MET D 397 10.87 27.86 -6.21
N GLN D 398 9.75 27.26 -6.59
CA GLN D 398 8.75 27.99 -7.37
C GLN D 398 8.19 29.17 -6.58
N HIS D 399 7.93 28.96 -5.29
CA HIS D 399 7.48 30.07 -4.45
C HIS D 399 8.50 31.20 -4.42
N LEU D 400 9.79 30.86 -4.27
CA LEU D 400 10.82 31.89 -4.15
C LEU D 400 11.01 32.65 -5.46
N ILE D 401 11.02 31.94 -6.59
CA ILE D 401 11.21 32.59 -7.88
C ILE D 401 10.02 33.49 -8.18
N ALA D 402 8.81 32.96 -7.99
CA ALA D 402 7.60 33.69 -8.36
C ALA D 402 7.49 35.01 -7.60
N ARG D 403 7.76 34.99 -6.30
CA ARG D 403 7.71 36.22 -5.50
C ARG D 403 8.76 37.23 -5.97
N GLU D 404 9.96 36.77 -6.30
CA GLU D 404 10.96 37.68 -6.84
C GLU D 404 10.51 38.24 -8.19
N ALA D 405 9.96 37.40 -9.07
CA ALA D 405 9.54 37.87 -10.39
C ALA D 405 8.39 38.86 -10.30
N GLU D 406 7.47 38.67 -9.35
CA GLU D 406 6.33 39.57 -9.22
C GLU D 406 6.77 40.99 -8.90
N ALA D 407 7.82 41.15 -8.07
CA ALA D 407 8.31 42.48 -7.76
C ALA D 407 8.93 43.14 -9.00
N ALA D 408 9.45 42.34 -9.93
CA ALA D 408 10.13 42.85 -11.12
C ALA D 408 9.17 43.25 -12.23
N ILE D 409 7.87 42.99 -12.09
CA ILE D 409 6.91 43.30 -13.15
C ILE D 409 6.81 44.82 -13.33
N TYR D 410 6.87 45.27 -14.59
CA TYR D 410 6.78 46.69 -14.95
C TYR D 410 5.33 47.11 -14.92
N HIS D 411 4.82 47.33 -13.70
CA HIS D 411 3.39 47.57 -13.50
C HIS D 411 2.90 48.80 -14.23
N LEU D 412 3.75 49.83 -14.36
CA LEU D 412 3.34 51.05 -15.06
C LEU D 412 2.89 50.74 -16.49
N GLN D 413 3.68 49.95 -17.22
CA GLN D 413 3.31 49.60 -18.59
C GLN D 413 2.14 48.63 -18.63
N LEU D 414 2.17 47.59 -17.78
CA LEU D 414 1.15 46.54 -17.82
C LEU D 414 -0.23 47.09 -17.51
N PHE D 415 -0.35 47.85 -16.42
CA PHE D 415 -1.65 48.39 -16.02
C PHE D 415 -2.20 49.35 -17.07
N GLU D 416 -1.33 50.17 -17.66
CA GLU D 416 -1.77 51.07 -18.73
C GLU D 416 -2.29 50.29 -19.92
N GLU D 417 -1.66 49.16 -20.26
CA GLU D 417 -2.02 48.45 -21.46
C GLU D 417 -3.28 47.60 -21.26
N LEU D 418 -3.42 46.96 -20.10
CA LEU D 418 -4.63 46.19 -19.82
C LEU D 418 -5.87 47.08 -19.87
N ARG D 419 -5.74 48.32 -19.39
CA ARG D 419 -6.87 49.24 -19.41
C ARG D 419 -7.20 49.68 -20.84
N ARG D 420 -6.17 50.06 -21.60
CA ARG D 420 -6.40 50.55 -22.95
C ARG D 420 -7.06 49.49 -23.81
N LEU D 421 -6.70 48.22 -23.61
CA LEU D 421 -7.20 47.13 -24.41
C LEU D 421 -8.52 46.55 -23.87
N ALA D 422 -9.03 47.09 -22.76
CA ALA D 422 -10.29 46.63 -22.19
C ALA D 422 -11.41 47.58 -22.57
N PRO D 423 -12.56 47.06 -23.00
CA PRO D 423 -13.63 47.95 -23.47
C PRO D 423 -14.33 48.66 -22.32
N ILE D 424 -14.94 49.80 -22.65
CA ILE D 424 -15.83 50.47 -21.73
C ILE D 424 -17.07 49.60 -21.52
N THR D 425 -17.63 49.65 -20.32
CA THR D 425 -18.71 48.75 -19.97
C THR D 425 -19.73 49.48 -19.10
N SER D 426 -20.91 48.90 -19.00
CA SER D 426 -21.97 49.41 -18.13
C SER D 426 -22.08 48.62 -16.84
N ASP D 427 -21.22 47.63 -16.63
CA ASP D 427 -21.25 46.82 -15.42
C ASP D 427 -20.65 47.61 -14.27
N PRO D 428 -21.42 47.93 -13.23
CA PRO D 428 -20.83 48.65 -12.08
C PRO D 428 -19.67 47.90 -11.46
N THR D 429 -19.74 46.57 -11.39
CA THR D 429 -18.67 45.80 -10.74
C THR D 429 -17.35 45.98 -11.46
N GLU D 430 -17.37 46.05 -12.81
CA GLU D 430 -16.15 46.25 -13.57
C GLU D 430 -15.56 47.64 -13.32
N ALA D 431 -16.40 48.68 -13.34
CA ALA D 431 -15.91 50.03 -13.05
C ALA D 431 -15.38 50.12 -11.62
N THR D 432 -16.07 49.48 -10.67
CA THR D 432 -15.59 49.48 -9.28
C THR D 432 -14.26 48.75 -9.18
N ALA D 433 -14.11 47.66 -9.93
CA ALA D 433 -12.87 46.88 -9.88
C ALA D 433 -11.69 47.68 -10.40
N VAL D 434 -11.87 48.40 -11.52
CA VAL D 434 -10.73 49.13 -12.07
C VAL D 434 -10.41 50.36 -11.23
N GLY D 435 -11.43 50.95 -10.59
CA GLY D 435 -11.17 52.04 -9.66
C GLY D 435 -10.44 51.59 -8.41
N ALA D 436 -10.77 50.40 -7.92
CA ALA D 436 -10.08 49.87 -6.75
C ALA D 436 -8.60 49.61 -7.04
N VAL D 437 -8.30 49.05 -8.22
CA VAL D 437 -6.91 48.78 -8.59
C VAL D 437 -6.15 50.10 -8.78
N GLU D 438 -6.77 51.07 -9.44
CA GLU D 438 -6.14 52.39 -9.55
C GLU D 438 -5.92 53.01 -8.17
N ALA D 439 -6.89 52.87 -7.27
CA ALA D 439 -6.69 53.39 -5.92
C ALA D 439 -5.55 52.64 -5.21
N SER D 440 -5.44 51.33 -5.42
CA SER D 440 -4.40 50.56 -4.73
C SER D 440 -3.00 50.98 -5.17
N PHE D 441 -2.83 51.37 -6.44
CA PHE D 441 -1.54 51.90 -6.85
C PHE D 441 -1.29 53.28 -6.25
N LYS D 442 -2.34 54.09 -6.10
CA LYS D 442 -2.18 55.45 -5.63
C LYS D 442 -1.67 55.50 -4.19
N CYS D 443 -2.23 54.68 -3.31
CA CYS D 443 -1.86 54.69 -1.90
C CYS D 443 -0.98 53.52 -1.50
N CYS D 444 -0.45 52.76 -2.47
CA CYS D 444 0.41 51.61 -2.19
C CYS D 444 -0.20 50.71 -1.12
N SER D 445 -1.47 50.37 -1.32
CA SER D 445 -2.22 49.66 -0.29
C SER D 445 -1.64 48.28 -0.04
N GLY D 446 -1.81 47.80 1.20
CA GLY D 446 -1.32 46.48 1.54
C GLY D 446 -2.15 45.35 0.99
N ALA D 447 -3.38 45.64 0.57
CA ALA D 447 -4.27 44.60 0.06
C ALA D 447 -5.54 45.24 -0.50
N ILE D 448 -6.21 44.50 -1.36
CA ILE D 448 -7.57 44.80 -1.80
C ILE D 448 -8.46 43.70 -1.26
N ILE D 449 -9.32 44.05 -0.31
CA ILE D 449 -10.25 43.10 0.30
C ILE D 449 -11.53 43.07 -0.52
N VAL D 450 -11.99 41.87 -0.87
CA VAL D 450 -13.16 41.69 -1.72
C VAL D 450 -14.08 40.66 -1.08
N LEU D 451 -15.36 41.01 -0.91
CA LEU D 451 -16.38 40.06 -0.50
C LEU D 451 -17.06 39.49 -1.74
N THR D 452 -17.02 38.17 -1.90
CA THR D 452 -17.59 37.56 -3.09
C THR D 452 -18.19 36.19 -2.74
N LYS D 453 -19.31 35.88 -3.37
CA LYS D 453 -19.94 34.57 -3.22
C LYS D 453 -19.45 33.58 -4.26
N SER D 454 -19.47 33.98 -5.52
CA SER D 454 -19.09 33.13 -6.63
C SER D 454 -17.64 33.31 -7.07
N GLY D 455 -16.95 34.32 -6.54
CA GLY D 455 -15.62 34.67 -6.96
C GLY D 455 -15.55 35.75 -8.01
N ARG D 456 -16.67 36.04 -8.69
CA ARG D 456 -16.62 36.89 -9.87
C ARG D 456 -16.04 38.26 -9.57
N SER D 457 -16.41 38.86 -8.42
CA SER D 457 -15.93 40.19 -8.09
C SER D 457 -14.41 40.21 -7.87
N ALA D 458 -13.86 39.14 -7.28
CA ALA D 458 -12.41 39.07 -7.14
C ALA D 458 -11.73 38.81 -8.49
N HIS D 459 -12.34 37.98 -9.32
CA HIS D 459 -11.79 37.73 -10.66
C HIS D 459 -11.68 39.02 -11.46
N GLN D 460 -12.65 39.93 -11.29
CA GLN D 460 -12.64 41.16 -12.07
C GLN D 460 -11.57 42.13 -11.58
N VAL D 461 -11.17 42.02 -10.31
CA VAL D 461 -10.03 42.78 -9.80
C VAL D 461 -8.72 42.18 -10.29
N ALA D 462 -8.61 40.85 -10.26
CA ALA D 462 -7.39 40.19 -10.67
C ALA D 462 -7.06 40.48 -12.13
N ARG D 463 -8.07 40.70 -12.97
CA ARG D 463 -7.83 40.93 -14.39
C ARG D 463 -6.98 42.17 -14.63
N TYR D 464 -6.97 43.12 -13.70
CA TYR D 464 -6.23 44.36 -13.88
C TYR D 464 -4.87 44.35 -13.18
N ARG D 465 -4.50 43.22 -12.58
CA ARG D 465 -3.15 42.90 -12.12
C ARG D 465 -2.59 43.92 -11.14
N PRO D 466 -3.24 44.12 -9.99
CA PRO D 466 -2.68 45.00 -8.98
C PRO D 466 -1.42 44.40 -8.37
N ARG D 467 -0.56 45.29 -7.86
CA ARG D 467 0.61 44.82 -7.13
CA ARG D 467 0.61 44.83 -7.13
C ARG D 467 0.21 44.25 -5.77
N ALA D 468 -0.82 44.81 -5.15
CA ALA D 468 -1.25 44.36 -3.83
C ALA D 468 -2.01 43.05 -3.91
N PRO D 469 -1.92 42.22 -2.88
CA PRO D 469 -2.69 40.98 -2.85
C PRO D 469 -4.18 41.24 -2.73
N ILE D 470 -4.96 40.35 -3.32
CA ILE D 470 -6.42 40.43 -3.30
C ILE D 470 -6.93 39.40 -2.29
N ILE D 471 -7.47 39.87 -1.18
CA ILE D 471 -8.01 38.99 -0.15
C ILE D 471 -9.50 38.83 -0.42
N ALA D 472 -9.90 37.66 -0.91
CA ALA D 472 -11.29 37.40 -1.27
C ALA D 472 -11.94 36.59 -0.14
N VAL D 473 -12.87 37.23 0.57
CA VAL D 473 -13.58 36.60 1.68
C VAL D 473 -14.87 35.99 1.15
N THR D 474 -15.02 34.67 1.35
CA THR D 474 -16.20 33.98 0.91
C THR D 474 -16.63 32.98 1.98
N ARG D 475 -17.92 32.66 1.99
CA ARG D 475 -18.44 31.56 2.79
C ARG D 475 -18.58 30.28 1.97
N ASN D 476 -18.32 30.35 0.67
CA ASN D 476 -18.47 29.21 -0.23
C ASN D 476 -17.13 28.47 -0.33
N PRO D 477 -17.04 27.23 0.14
CA PRO D 477 -15.75 26.51 0.09
C PRO D 477 -15.25 26.28 -1.33
N GLN D 478 -16.15 26.11 -2.30
CA GLN D 478 -15.69 25.83 -3.67
C GLN D 478 -15.16 27.10 -4.34
N THR D 479 -15.83 28.23 -4.12
CA THR D 479 -15.29 29.52 -4.56
C THR D 479 -13.89 29.74 -4.00
N ALA D 480 -13.67 29.39 -2.73
CA ALA D 480 -12.36 29.57 -2.12
C ALA D 480 -11.29 28.72 -2.81
N ARG D 481 -11.63 27.49 -3.19
CA ARG D 481 -10.66 26.62 -3.85
C ARG D 481 -10.39 27.07 -5.29
N GLN D 482 -11.42 27.54 -5.99
CA GLN D 482 -11.29 27.90 -7.40
C GLN D 482 -10.56 29.22 -7.61
N ALA D 483 -10.52 30.07 -6.58
CA ALA D 483 -9.87 31.37 -6.68
C ALA D 483 -8.36 31.24 -6.89
N HIS D 484 -7.79 30.08 -6.57
CA HIS D 484 -6.36 29.83 -6.82
C HIS D 484 -5.99 29.86 -8.30
N LEU D 485 -6.96 29.83 -9.21
CA LEU D 485 -6.63 29.92 -10.63
C LEU D 485 -6.23 31.32 -11.06
N TYR D 486 -6.47 32.33 -10.24
CA TYR D 486 -6.28 33.73 -10.64
C TYR D 486 -5.11 34.33 -9.90
N ARG D 487 -4.20 34.96 -10.65
CA ARG D 487 -3.07 35.66 -10.09
C ARG D 487 -3.50 36.65 -9.02
N GLY D 488 -2.92 36.52 -7.82
CA GLY D 488 -3.05 37.51 -6.78
C GLY D 488 -4.24 37.35 -5.86
N ILE D 489 -5.17 36.46 -6.17
CA ILE D 489 -6.30 36.23 -5.27
C ILE D 489 -5.86 35.30 -4.16
N PHE D 490 -5.89 35.80 -2.94
CA PHE D 490 -5.58 35.03 -1.73
C PHE D 490 -6.90 34.71 -1.03
N PRO D 491 -7.48 33.53 -1.27
CA PRO D 491 -8.82 33.25 -0.74
C PRO D 491 -8.79 32.90 0.74
N VAL D 492 -9.79 33.39 1.46
CA VAL D 492 -9.99 33.02 2.86
C VAL D 492 -11.45 32.59 3.03
N LEU D 493 -11.65 31.49 3.76
CA LEU D 493 -12.97 30.89 3.93
C LEU D 493 -13.52 31.29 5.29
N CYS D 494 -14.56 32.12 5.28
CA CYS D 494 -15.19 32.57 6.52
C CYS D 494 -16.10 31.47 7.07
N LYS D 495 -15.95 31.17 8.35
CA LYS D 495 -16.77 30.15 9.00
C LYS D 495 -17.86 30.73 9.89
N ASP D 496 -17.76 32.01 10.26
CA ASP D 496 -18.71 32.61 11.18
C ASP D 496 -20.12 32.56 10.61
N PRO D 497 -21.13 32.41 11.47
CA PRO D 497 -22.51 32.34 10.98
C PRO D 497 -22.99 33.69 10.48
N VAL D 498 -24.05 33.65 9.68
CA VAL D 498 -24.60 34.87 9.11
C VAL D 498 -25.25 35.68 10.21
N GLN D 499 -24.95 36.99 10.23
CA GLN D 499 -25.62 37.90 11.14
C GLN D 499 -26.95 38.34 10.56
N GLU D 500 -27.94 38.57 11.43
CA GLU D 500 -29.24 39.03 10.98
C GLU D 500 -29.13 40.41 10.34
N ALA D 501 -28.44 41.33 11.00
CA ALA D 501 -28.16 42.64 10.42
C ALA D 501 -27.11 42.48 9.32
N TRP D 502 -27.49 42.78 8.08
CA TRP D 502 -26.62 42.53 6.95
C TRP D 502 -25.38 43.41 6.99
N ALA D 503 -25.51 44.66 7.43
CA ALA D 503 -24.34 45.52 7.56
C ALA D 503 -23.37 44.97 8.60
N GLU D 504 -23.86 44.24 9.60
CA GLU D 504 -22.97 43.61 10.56
C GLU D 504 -22.30 42.37 9.95
N ASP D 505 -23.04 41.60 9.15
CA ASP D 505 -22.44 40.46 8.47
C ASP D 505 -21.31 40.91 7.55
N VAL D 506 -21.51 42.05 6.86
CA VAL D 506 -20.47 42.62 6.02
C VAL D 506 -19.26 43.03 6.84
N ASP D 507 -19.50 43.84 7.89
CA ASP D 507 -18.39 44.28 8.74
C ASP D 507 -17.65 43.09 9.34
N LEU D 508 -18.37 42.02 9.68
CA LEU D 508 -17.73 40.82 10.23
C LEU D 508 -16.75 40.22 9.23
N ARG D 509 -17.16 40.11 7.97
CA ARG D 509 -16.29 39.51 6.97
C ARG D 509 -15.08 40.40 6.65
N VAL D 510 -15.27 41.72 6.66
CA VAL D 510 -14.16 42.64 6.42
C VAL D 510 -13.13 42.53 7.54
N ASN D 511 -13.59 42.48 8.79
CA ASN D 511 -12.66 42.40 9.92
C ASN D 511 -11.90 41.07 9.91
N PHE D 512 -12.57 39.98 9.52
CA PHE D 512 -11.89 38.70 9.36
C PHE D 512 -10.74 38.81 8.37
N ALA D 513 -10.96 39.51 7.25
CA ALA D 513 -9.89 39.74 6.28
C ALA D 513 -8.79 40.62 6.86
N MET D 514 -9.17 41.63 7.65
CA MET D 514 -8.16 42.44 8.35
C MET D 514 -7.27 41.56 9.23
N ASN D 515 -7.88 40.64 9.97
CA ASN D 515 -7.10 39.76 10.85
C ASN D 515 -6.19 38.83 10.05
N VAL D 516 -6.68 38.32 8.92
CA VAL D 516 -5.85 37.44 8.10
C VAL D 516 -4.61 38.19 7.61
N GLY D 517 -4.81 39.41 7.11
CA GLY D 517 -3.69 40.17 6.57
C GLY D 517 -2.65 40.51 7.62
N LYS D 518 -3.10 40.94 8.80
CA LYS D 518 -2.16 41.22 9.89
C LYS D 518 -1.43 39.95 10.32
N ALA D 519 -2.15 38.83 10.41
CA ALA D 519 -1.54 37.59 10.86
C ALA D 519 -0.53 37.06 9.85
N ARG D 520 -0.70 37.37 8.56
CA ARG D 520 0.21 36.88 7.53
C ARG D 520 1.25 37.91 7.12
N GLY D 521 1.19 39.11 7.67
CA GLY D 521 2.19 40.12 7.36
C GLY D 521 1.97 40.88 6.08
N PHE D 522 0.78 40.81 5.49
CA PHE D 522 0.47 41.66 4.33
C PHE D 522 0.45 43.14 4.71
N PHE D 523 0.02 43.45 5.93
CA PHE D 523 -0.05 44.80 6.42
C PHE D 523 -0.14 44.77 7.94
N LYS D 524 -0.09 45.95 8.55
CA LYS D 524 -0.20 46.08 10.00
C LYS D 524 -1.05 47.29 10.32
N LYS D 525 -1.39 47.42 11.61
CA LYS D 525 -2.28 48.48 12.04
C LYS D 525 -1.76 49.85 11.60
N GLY D 526 -2.69 50.67 11.10
CA GLY D 526 -2.37 51.99 10.61
C GLY D 526 -2.19 52.07 9.10
N ASP D 527 -1.91 50.94 8.44
CA ASP D 527 -1.81 50.92 6.98
C ASP D 527 -3.17 51.18 6.36
N VAL D 528 -3.16 51.40 5.04
CA VAL D 528 -4.36 51.69 4.26
C VAL D 528 -4.62 50.53 3.31
N VAL D 529 -5.88 50.08 3.24
CA VAL D 529 -6.30 49.02 2.34
C VAL D 529 -7.58 49.44 1.64
N ILE D 530 -7.89 48.72 0.55
CA ILE D 530 -9.09 48.92 -0.26
C ILE D 530 -10.08 47.80 0.06
N VAL D 531 -11.35 48.15 0.27
CA VAL D 531 -12.41 47.18 0.57
C VAL D 531 -13.50 47.30 -0.49
N LEU D 532 -13.91 46.16 -1.05
CA LEU D 532 -14.94 46.09 -2.07
C LEU D 532 -16.13 45.31 -1.54
N THR D 533 -17.29 45.97 -1.49
CA THR D 533 -18.54 45.35 -1.07
C THR D 533 -19.63 45.71 -2.08
N GLY D 534 -20.82 45.18 -1.85
CA GLY D 534 -21.99 45.52 -2.64
C GLY D 534 -23.06 46.17 -1.77
N TRP D 535 -24.10 46.66 -2.44
CA TRP D 535 -25.17 47.36 -1.75
C TRP D 535 -26.27 46.45 -1.24
N ARG D 536 -26.25 45.16 -1.59
CA ARG D 536 -27.27 44.22 -1.16
C ARG D 536 -26.73 42.81 -1.30
N PRO D 537 -27.22 41.86 -0.52
CA PRO D 537 -26.68 40.49 -0.59
C PRO D 537 -27.02 39.83 -1.91
N GLY D 538 -26.36 38.70 -2.16
CA GLY D 538 -26.46 37.99 -3.42
C GLY D 538 -25.39 38.41 -4.41
N SER D 539 -25.15 37.55 -5.39
CA SER D 539 -24.11 37.79 -6.38
C SER D 539 -24.50 38.89 -7.36
N GLY D 540 -23.49 39.58 -7.87
CA GLY D 540 -23.68 40.54 -8.95
C GLY D 540 -23.95 41.96 -8.53
N PHE D 541 -23.80 42.31 -7.26
CA PHE D 541 -24.17 43.66 -6.82
C PHE D 541 -22.99 44.43 -6.24
N THR D 542 -21.76 44.04 -6.55
CA THR D 542 -20.59 44.74 -6.02
C THR D 542 -20.45 46.09 -6.69
N ASN D 543 -20.55 47.16 -5.90
CA ASN D 543 -20.48 48.51 -6.46
C ASN D 543 -19.87 49.52 -5.51
N THR D 544 -19.26 49.10 -4.40
CA THR D 544 -18.82 50.03 -3.35
C THR D 544 -17.34 49.80 -3.10
N MET D 545 -16.56 50.85 -3.22
CA MET D 545 -15.12 50.83 -2.98
C MET D 545 -14.80 51.80 -1.87
N ARG D 546 -14.11 51.33 -0.84
CA ARG D 546 -13.72 52.18 0.27
C ARG D 546 -12.23 52.05 0.55
N VAL D 547 -11.59 53.20 0.83
CA VAL D 547 -10.21 53.24 1.27
C VAL D 547 -10.24 53.29 2.80
N VAL D 548 -9.72 52.23 3.44
CA VAL D 548 -9.98 52.00 4.87
C VAL D 548 -8.66 51.84 5.64
N PRO D 549 -8.51 52.47 6.80
CA PRO D 549 -7.34 52.20 7.64
C PRO D 549 -7.47 50.85 8.32
N VAL D 550 -6.33 50.16 8.44
CA VAL D 550 -6.30 48.89 9.16
C VAL D 550 -6.39 49.19 10.65
N PRO D 551 -7.41 48.69 11.35
CA PRO D 551 -7.57 48.90 12.79
C PRO D 551 -6.37 48.38 13.59
N CYS E . -35.14 -11.64 -16.49
CA CYS E . -36.08 -12.66 -16.91
C CYS E . -35.77 -13.13 -18.34
O CYS E . -34.83 -12.65 -18.97
CB CYS E . -37.52 -12.13 -16.84
SG CYS E . -37.86 -10.80 -18.01
OXT CYS E . -36.46 -13.99 -18.88
P1 FBP F . -22.87 3.29 -25.69
O1P FBP F . -21.83 3.38 -24.60
O2P FBP F . -22.28 3.73 -27.01
O3P FBP F . -23.40 1.90 -25.81
O1 FBP F . -24.10 4.26 -25.32
C1 FBP F . -25.34 4.07 -25.97
C2 FBP F . -26.42 4.63 -25.05
O2 FBP F . -27.68 4.67 -25.76
C3 FBP F . -26.06 6.02 -24.54
O3 FBP F . -26.69 7.05 -25.27
C4 FBP F . -26.52 5.99 -23.10
O4 FBP F . -25.77 6.89 -22.30
C5 FBP F . -26.24 4.55 -22.74
O5 FBP F . -26.51 3.78 -23.91
C6 FBP F . -27.07 4.07 -21.57
O6 FBP F . -26.17 3.47 -20.68
P2 FBP F . -26.56 3.47 -19.13
O4P FBP F . -25.53 2.66 -18.38
O5P FBP F . -27.91 2.83 -19.01
O6P FBP F . -26.62 4.88 -18.62
MG MG G . -30.53 -18.06 6.01
C1 OXL H . -31.71 -18.12 3.45
C2 OXL H . -32.92 -18.16 4.37
O1 OXL H . -30.55 -18.26 3.91
O2 OXL H . -32.78 -18.16 5.63
O3 OXL H . -31.86 -17.94 2.20
O4 OXL H . -34.08 -18.20 3.88
N CYS I . 14.88 5.28 33.89
CA CYS I . 15.24 6.18 34.98
C CYS I . 16.54 6.92 34.64
O CYS I . 16.96 7.83 35.35
CB CYS I . 15.40 5.39 36.28
SG CYS I . 16.83 4.27 36.33
OXT CYS I . 17.19 6.63 33.64
P1 FBP J . 26.06 -6.17 19.20
O1P FBP J . 27.55 -6.37 19.24
O2P FBP J . 25.71 -4.72 18.95
O3P FBP J . 25.47 -7.04 18.10
O1 FBP J . 25.44 -6.64 20.60
C1 FBP J . 25.97 -7.79 21.21
C2 FBP J . 25.37 -7.94 22.60
O2 FBP J . 26.12 -7.13 23.54
C3 FBP J . 25.49 -9.38 23.03
O3 FBP J . 26.12 -9.39 24.28
C4 FBP J . 24.06 -9.89 23.13
O4 FBP J . 23.87 -11.02 22.32
C5 FBP J . 23.19 -8.75 22.62
O5 FBP J . 24.00 -7.58 22.61
C6 FBP J . 21.94 -8.59 23.47
O6 FBP J . 21.00 -7.75 22.83
P2 FBP J . 19.43 -7.95 23.10
O4P FBP J . 19.05 -7.55 24.51
O5P FBP J . 19.10 -9.42 22.97
O6P FBP J . 18.65 -7.11 22.11
MG MG K . -8.47 9.25 31.52
C1 OXL L . -5.68 9.51 32.64
C2 OXL L . -6.67 9.31 33.78
O1 OXL L . -4.44 9.64 32.86
O2 OXL L . -6.26 9.08 34.95
O3 OXL L . -6.10 9.55 31.46
O4 OXL L . -7.90 9.37 33.55
K K M . -6.50 11.43 27.62
N CYS N . 36.09 -12.79 -11.69
CA CYS N . 37.10 -13.70 -11.20
C CYS N . 38.35 -12.94 -10.77
O CYS N . 39.29 -13.50 -10.22
CB CYS N . 37.48 -14.73 -12.27
SG CYS N . 38.41 -14.04 -13.67
OXT CYS N . 38.43 -11.73 -10.97
P1 FBP O . 35.05 6.27 -21.77
O1P FBP O . 35.23 5.53 -20.46
O2P FBP O . 33.77 7.06 -21.72
O3P FBP O . 36.23 7.18 -22.00
O1 FBP O . 34.99 5.21 -22.97
C1 FBP O . 36.13 4.49 -23.36
C2 FBP O . 35.70 3.25 -24.13
O2 FBP O . 36.87 2.54 -24.61
C3 FBP O . 34.85 3.63 -25.33
O3 FBP O . 35.63 3.82 -26.48
C4 FBP O . 33.90 2.45 -25.44
O4 FBP O . 32.71 2.80 -26.12
C5 FBP O . 33.66 2.16 -23.97
O5 FBP O . 34.89 2.40 -23.32
C6 FBP O . 33.12 0.75 -23.73
O6 FBP O . 32.04 0.86 -22.83
P2 FBP O . 30.88 -0.26 -22.78
O4P FBP O . 31.52 -1.63 -22.72
O5P FBP O . 30.01 -0.03 -21.57
O6P FBP O . 30.04 -0.16 -24.04
MG MG P . 16.87 -22.94 -1.61
C1 OXL Q . 19.72 -23.99 -2.54
C2 OXL Q . 19.86 -22.48 -2.37
O1 OXL Q . 20.66 -24.64 -3.06
O2 OXL Q . 20.96 -21.90 -2.64
O3 OXL Q . 18.67 -24.58 -2.16
O4 OXL Q . 18.87 -21.80 -1.96
N CYS R . -3.72 31.74 -4.75
CA CYS R . -2.37 31.75 -4.22
C CYS R . -2.41 31.67 -2.69
O CYS R . -1.39 31.43 -2.04
CB CYS R . -1.62 33.01 -4.65
SG CYS R . -2.35 34.59 -4.10
OXT CYS R . -3.48 31.82 -2.08
P1 FBP S . -23.72 37.94 0.77
O1P FBP S . -23.13 36.61 1.18
O2P FBP S . -24.91 37.71 -0.13
O3P FBP S . -24.16 38.72 1.99
O1 FBP S . -22.62 38.78 -0.04
C1 FBP S . -22.81 40.17 -0.19
C2 FBP S . -21.98 40.70 -1.34
O2 FBP S . -20.96 41.60 -0.83
C3 FBP S . -22.88 41.48 -2.29
O3 FBP S . -22.96 42.82 -1.89
C4 FBP S . -22.21 41.27 -3.63
O4 FBP S . -23.10 41.39 -4.73
C5 FBP S . -21.70 39.85 -3.50
O5 FBP S . -21.38 39.67 -2.12
C6 FBP S . -20.52 39.59 -4.43
O6 FBP S . -20.54 38.24 -4.84
P2 FBP S . -20.15 37.88 -6.36
O4P FBP S . -18.69 38.20 -6.54
O5P FBP S . -20.93 38.79 -7.29
O6P FBP S . -20.44 36.43 -6.66
MG MG T . 0.14 16.37 -22.49
C1 OXL U . 1.81 18.38 -21.25
C2 OXL U . 0.62 18.06 -20.32
O1 OXL U . 2.61 19.31 -20.99
O2 OXL U . 0.55 18.60 -19.18
O3 OXL U . 2.00 17.70 -22.29
O4 OXL U . -0.27 17.26 -20.69
K K V . -3.25 13.81 -18.49
#